data_1MV8
#
_entry.id   1MV8
#
_cell.length_a   82.472
_cell.length_b   82.472
_cell.length_c   309.893
_cell.angle_alpha   90.00
_cell.angle_beta   90.00
_cell.angle_gamma   90.00
#
_symmetry.space_group_name_H-M   'P 43'
#
loop_
_entity.id
_entity.type
_entity.pdbx_description
1 polymer 'GDP-mannose 6-dehydrogenase'
2 branched beta-D-fructofuranose-(2-1)-alpha-D-glucopyranose
3 non-polymer NICOTINAMIDE-ADENINE-DINUCLEOTIDE
4 non-polymer "GUANOSINE 5'-(TRIHYDROGEN DIPHOSPHATE), P'-D-MANNOPYRANOSYL ESTER"
5 non-polymer 'ACETIC ACID'
6 non-polymer (4S)-2-METHYL-2,4-PENTANEDIOL
7 water water
#
_entity_poly.entity_id   1
_entity_poly.type   'polypeptide(L)'
_entity_poly.pdbx_seq_one_letter_code
;MRISIFGLGYVGAVCAGCLSARGHEVIGVDVSSTKIDLINQGKSPIVEPGLEALLQQGRQTGRLSGTTDFKKAVLDSDVS
FICVGTPSKKNGDLDLGYIETVCREIGFAIREKSERHTVVVRSTVLPGTVNNVVIPLIEDCSGKKAGVDFGVGTNPEFLR
ESTAIKDYDFPPMTVIGELDKQTGDLLEEIYRELDAPIIRKTVEVAEMIKYTCNVWHAAKVTFANEIGNIAKAVGVDGRE
VMDVICQDHKLNLSRYYMRPGFAFGGSCLPKDVRALTYRASQLDVEHPMLGSLMRSNSNQVQKAFDLITSHDTRKVGLLG
LSFKAGTDDLRESPLVELAEMLIGKGYELRIFDRNVEYARVHGANKEYIESKIPHVSSLLVSDLDEVVASSDVLVLGNGD
ELFVDLVNKTPSGKKLVDLVGFMPHTTTAQAEGICW
;
_entity_poly.pdbx_strand_id   A,B,C,D
#
# COMPACT_ATOMS: atom_id res chain seq x y z
N MET A 1 -0.26 26.34 -45.41
CA MET A 1 0.70 25.21 -45.61
C MET A 1 -0.03 23.94 -45.98
N ARG A 2 0.61 23.08 -46.74
CA ARG A 2 0.14 21.71 -46.97
C ARG A 2 0.54 20.79 -45.81
N ILE A 3 -0.48 20.18 -45.18
CA ILE A 3 -0.29 19.36 -43.98
C ILE A 3 -1.00 18.02 -44.06
N SER A 4 -0.33 16.95 -43.64
CA SER A 4 -0.96 15.64 -43.53
C SER A 4 -1.10 15.29 -42.05
N ILE A 5 -2.23 14.70 -41.69
CA ILE A 5 -2.48 14.28 -40.31
C ILE A 5 -2.75 12.80 -40.29
N PHE A 6 -1.94 12.05 -39.55
CA PHE A 6 -2.11 10.62 -39.41
C PHE A 6 -2.93 10.32 -38.17
N GLY A 7 -4.13 9.80 -38.39
CA GLY A 7 -5.06 9.50 -37.30
C GLY A 7 -6.13 10.57 -37.18
N LEU A 8 -7.36 10.22 -37.54
CA LEU A 8 -8.50 11.15 -37.51
C LEU A 8 -9.47 10.81 -36.36
N GLY A 9 -8.92 10.65 -35.17
CA GLY A 9 -9.72 10.35 -33.99
C GLY A 9 -10.14 11.59 -33.25
N TYR A 10 -10.37 11.44 -31.95
CA TYR A 10 -10.76 12.58 -31.11
C TYR A 10 -9.77 13.76 -31.20
N VAL A 11 -8.48 13.49 -31.30
CA VAL A 11 -7.51 14.56 -31.46
C VAL A 11 -7.32 14.96 -32.92
N GLY A 12 -7.05 13.98 -33.77
CA GLY A 12 -6.72 14.23 -35.15
C GLY A 12 -7.81 14.89 -35.96
N ALA A 13 -9.07 14.51 -35.76
CA ALA A 13 -10.15 15.13 -36.51
C ALA A 13 -10.26 16.60 -36.14
N VAL A 14 -10.11 16.90 -34.86
CA VAL A 14 -10.19 18.29 -34.41
C VAL A 14 -9.04 19.11 -35.01
N CYS A 15 -7.82 18.58 -34.95
CA CYS A 15 -6.68 19.26 -35.54
C CYS A 15 -6.91 19.51 -37.03
N ALA A 16 -7.41 18.49 -37.73
CA ALA A 16 -7.69 18.60 -39.16
C ALA A 16 -8.65 19.75 -39.42
N GLY A 17 -9.74 19.78 -38.65
CA GLY A 17 -10.74 20.83 -38.78
C GLY A 17 -10.18 22.21 -38.48
N CYS A 18 -9.48 22.33 -37.36
CA CYS A 18 -8.92 23.61 -36.93
C CYS A 18 -7.83 24.13 -37.87
N LEU A 19 -7.00 23.24 -38.40
CA LEU A 19 -5.96 23.67 -39.32
C LEU A 19 -6.53 24.13 -40.65
N SER A 20 -7.47 23.38 -41.19
CA SER A 20 -8.09 23.75 -42.45
C SER A 20 -8.86 25.08 -42.31
N ALA A 21 -9.46 25.30 -41.14
CA ALA A 21 -10.18 26.55 -40.89
C ALA A 21 -9.26 27.78 -40.89
N ARG A 22 -7.98 27.57 -40.65
CA ARG A 22 -7.01 28.65 -40.64
C ARG A 22 -6.33 28.81 -42.01
N GLY A 23 -6.80 28.06 -43.00
CA GLY A 23 -6.32 28.21 -44.35
C GLY A 23 -5.33 27.16 -44.87
N HIS A 24 -4.90 26.25 -44.00
CA HIS A 24 -3.95 25.22 -44.42
C HIS A 24 -4.66 24.21 -45.34
N GLU A 25 -3.89 23.55 -46.20
CA GLU A 25 -4.44 22.50 -47.04
C GLU A 25 -4.12 21.18 -46.34
N VAL A 26 -5.15 20.52 -45.84
CA VAL A 26 -4.96 19.36 -44.98
C VAL A 26 -5.41 18.05 -45.57
N ILE A 27 -4.54 17.05 -45.52
CA ILE A 27 -4.89 15.72 -45.97
C ILE A 27 -4.89 14.80 -44.75
N GLY A 28 -6.08 14.32 -44.39
CA GLY A 28 -6.22 13.43 -43.26
C GLY A 28 -5.96 12.00 -43.72
N VAL A 29 -5.21 11.26 -42.92
CA VAL A 29 -4.90 9.86 -43.22
C VAL A 29 -5.34 8.96 -42.06
N ASP A 30 -6.01 7.86 -42.39
CA ASP A 30 -6.43 6.91 -41.38
C ASP A 30 -6.56 5.56 -42.03
N VAL A 31 -6.38 4.49 -41.25
CA VAL A 31 -6.55 3.14 -41.76
C VAL A 31 -8.04 2.75 -41.81
N SER A 32 -8.88 3.57 -41.17
CA SER A 32 -10.32 3.35 -41.11
C SER A 32 -11.06 4.01 -42.27
N SER A 33 -11.61 3.21 -43.18
CA SER A 33 -12.37 3.77 -44.30
C SER A 33 -13.72 4.35 -43.84
N THR A 34 -14.29 3.82 -42.76
CA THR A 34 -15.40 4.48 -42.08
C THR A 34 -15.13 5.96 -41.73
N LYS A 35 -14.01 6.25 -41.06
CA LYS A 35 -13.69 7.62 -40.68
C LYS A 35 -13.35 8.47 -41.90
N ILE A 36 -12.60 7.91 -42.84
CA ILE A 36 -12.25 8.64 -44.07
C ILE A 36 -13.51 9.04 -44.82
N ASP A 37 -14.44 8.11 -44.98
CA ASP A 37 -15.68 8.40 -45.70
C ASP A 37 -16.51 9.50 -45.02
N LEU A 38 -16.56 9.51 -43.68
CA LEU A 38 -17.34 10.52 -42.98
C LEU A 38 -16.72 11.90 -43.20
N ILE A 39 -15.40 11.97 -43.09
CA ILE A 39 -14.69 13.23 -43.22
C ILE A 39 -14.89 13.82 -44.62
N ASN A 40 -14.83 12.97 -45.64
CA ASN A 40 -15.04 13.44 -47.01
C ASN A 40 -16.49 13.88 -47.26
N GLN A 41 -17.42 13.43 -46.42
CA GLN A 41 -18.82 13.86 -46.50
C GLN A 41 -19.06 15.11 -45.66
N GLY A 42 -18.01 15.61 -45.02
CA GLY A 42 -18.14 16.77 -44.15
C GLY A 42 -18.85 16.38 -42.86
N LYS A 43 -18.68 15.12 -42.46
CA LYS A 43 -19.31 14.56 -41.27
C LYS A 43 -18.30 14.32 -40.16
N SER A 44 -18.68 14.63 -38.92
CA SER A 44 -17.81 14.35 -37.79
C SER A 44 -17.96 12.89 -37.37
N PRO A 45 -16.86 12.19 -37.16
CA PRO A 45 -16.93 10.80 -36.69
C PRO A 45 -17.24 10.73 -35.19
N ILE A 46 -17.27 11.89 -34.54
CA ILE A 46 -17.45 11.96 -33.10
C ILE A 46 -18.40 13.08 -32.69
N VAL A 47 -18.90 12.99 -31.46
CA VAL A 47 -19.69 14.07 -30.90
C VAL A 47 -18.70 15.00 -30.23
N GLU A 48 -18.54 16.18 -30.82
CA GLU A 48 -17.61 17.20 -30.37
C GLU A 48 -18.17 18.51 -30.92
N PRO A 49 -18.60 19.41 -30.05
CA PRO A 49 -19.25 20.66 -30.49
C PRO A 49 -18.45 21.47 -31.50
N GLY A 50 -19.14 21.84 -32.58
CA GLY A 50 -18.58 22.65 -33.63
C GLY A 50 -17.73 21.92 -34.65
N LEU A 51 -17.44 20.65 -34.42
CA LEU A 51 -16.52 19.94 -35.32
C LEU A 51 -17.13 19.72 -36.69
N GLU A 52 -18.38 19.26 -36.75
CA GLU A 52 -19.00 19.01 -38.05
C GLU A 52 -18.95 20.26 -38.93
N ALA A 53 -19.26 21.41 -38.37
CA ALA A 53 -19.22 22.66 -39.15
C ALA A 53 -17.82 22.92 -39.73
N LEU A 54 -16.78 22.70 -38.94
CA LEU A 54 -15.42 22.91 -39.42
C LEU A 54 -15.05 21.93 -40.53
N LEU A 55 -15.50 20.70 -40.39
CA LEU A 55 -15.22 19.70 -41.40
C LEU A 55 -16.00 20.04 -42.67
N GLN A 56 -17.25 20.49 -42.50
CA GLN A 56 -18.07 20.89 -43.64
C GLN A 56 -17.36 22.03 -44.39
N GLN A 57 -16.93 23.05 -43.65
CA GLN A 57 -16.20 24.19 -44.21
C GLN A 57 -14.95 23.76 -44.96
N GLY A 58 -14.20 22.80 -44.41
CA GLY A 58 -12.99 22.31 -45.05
C GLY A 58 -13.22 21.63 -46.39
N ARG A 59 -14.29 20.85 -46.48
CA ARG A 59 -14.63 20.18 -47.73
C ARG A 59 -15.10 21.19 -48.79
N GLN A 60 -15.90 22.17 -48.37
CA GLN A 60 -16.44 23.17 -49.28
C GLN A 60 -15.36 24.05 -49.91
N THR A 61 -14.35 24.42 -49.13
CA THR A 61 -13.26 25.26 -49.61
C THR A 61 -12.15 24.46 -50.28
N GLY A 62 -12.29 23.14 -50.32
CA GLY A 62 -11.29 22.28 -50.91
C GLY A 62 -10.00 22.20 -50.12
N ARG A 63 -10.03 22.57 -48.84
CA ARG A 63 -8.83 22.55 -48.00
C ARG A 63 -8.74 21.34 -47.06
N LEU A 64 -9.66 20.40 -47.20
CA LEU A 64 -9.64 19.21 -46.36
C LEU A 64 -10.11 17.99 -47.15
N SER A 65 -9.36 16.91 -47.03
CA SER A 65 -9.73 15.64 -47.66
C SER A 65 -9.19 14.50 -46.81
N GLY A 66 -9.78 13.32 -46.96
CA GLY A 66 -9.36 12.15 -46.21
C GLY A 66 -8.95 11.02 -47.13
N THR A 67 -7.97 10.22 -46.73
CA THR A 67 -7.46 9.13 -47.55
C THR A 67 -6.75 8.04 -46.74
N THR A 68 -6.62 6.85 -47.32
CA THR A 68 -5.80 5.78 -46.74
C THR A 68 -4.45 5.72 -47.46
N ASP A 69 -4.32 6.50 -48.53
CA ASP A 69 -3.09 6.54 -49.32
C ASP A 69 -2.04 7.38 -48.60
N PHE A 70 -1.30 6.74 -47.72
CA PHE A 70 -0.33 7.45 -46.90
C PHE A 70 0.82 8.01 -47.74
N LYS A 71 1.24 7.26 -48.76
CA LYS A 71 2.31 7.71 -49.65
C LYS A 71 1.93 9.04 -50.30
N LYS A 72 0.78 9.08 -50.94
CA LYS A 72 0.31 10.29 -51.60
C LYS A 72 0.24 11.45 -50.62
N ALA A 73 -0.30 11.18 -49.43
CA ALA A 73 -0.45 12.19 -48.40
C ALA A 73 0.87 12.83 -48.06
N VAL A 74 1.89 12.00 -47.89
CA VAL A 74 3.23 12.48 -47.55
C VAL A 74 3.84 13.26 -48.72
N LEU A 75 3.66 12.75 -49.93
CA LEU A 75 4.20 13.41 -51.10
C LEU A 75 3.54 14.77 -51.30
N ASP A 76 2.26 14.87 -50.93
CA ASP A 76 1.49 16.10 -51.13
C ASP A 76 1.43 17.02 -49.91
N SER A 77 2.32 16.84 -48.95
CA SER A 77 2.35 17.71 -47.78
C SER A 77 3.78 18.00 -47.37
N ASP A 78 3.95 19.09 -46.63
CA ASP A 78 5.24 19.52 -46.14
C ASP A 78 5.54 18.95 -44.78
N VAL A 79 4.48 18.68 -44.02
CA VAL A 79 4.63 18.18 -42.67
C VAL A 79 3.55 17.17 -42.34
N SER A 80 3.93 16.08 -41.67
CA SER A 80 3.01 15.07 -41.17
C SER A 80 2.91 15.11 -39.66
N PHE A 81 1.70 15.35 -39.14
CA PHE A 81 1.43 15.26 -37.72
C PHE A 81 0.97 13.84 -37.42
N ILE A 82 1.59 13.20 -36.45
CA ILE A 82 1.18 11.86 -36.01
C ILE A 82 0.27 12.00 -34.81
N CYS A 83 -0.96 11.54 -34.99
CA CYS A 83 -2.02 11.64 -33.99
C CYS A 83 -2.72 10.29 -33.76
N VAL A 84 -2.00 9.20 -33.92
CA VAL A 84 -2.59 7.88 -33.72
C VAL A 84 -2.62 7.51 -32.23
N GLY A 85 -3.36 6.47 -31.89
CA GLY A 85 -3.50 6.07 -30.50
C GLY A 85 -2.23 5.57 -29.85
N THR A 86 -2.15 5.78 -28.54
CA THR A 86 -1.11 5.23 -27.70
C THR A 86 -1.80 4.64 -26.46
N PRO A 87 -2.66 3.64 -26.68
CA PRO A 87 -3.42 3.03 -25.59
C PRO A 87 -2.52 2.22 -24.65
N SER A 88 -3.06 1.80 -23.53
CA SER A 88 -2.32 0.94 -22.62
C SER A 88 -2.21 -0.46 -23.19
N LYS A 89 -1.09 -1.10 -22.91
CA LYS A 89 -0.96 -2.54 -23.08
C LYS A 89 -1.71 -3.15 -21.90
N LYS A 90 -1.92 -4.46 -21.92
CA LYS A 90 -2.60 -5.15 -20.83
C LYS A 90 -1.95 -4.84 -19.48
N ASN A 91 -0.62 -4.72 -19.47
CA ASN A 91 0.12 -4.47 -18.24
C ASN A 91 0.21 -3.01 -17.78
N GLY A 92 -0.39 -2.09 -18.53
CA GLY A 92 -0.41 -0.68 -18.18
C GLY A 92 0.63 0.15 -18.91
N ASP A 93 1.61 -0.52 -19.51
CA ASP A 93 2.63 0.14 -20.29
C ASP A 93 2.06 0.72 -21.58
N LEU A 94 2.86 1.60 -22.18
CA LEU A 94 2.52 2.30 -23.41
C LEU A 94 2.58 1.35 -24.59
N ASP A 95 1.49 1.30 -25.35
CA ASP A 95 1.42 0.47 -26.56
C ASP A 95 1.91 1.30 -27.74
N LEU A 96 3.08 0.96 -28.26
CA LEU A 96 3.71 1.65 -29.38
C LEU A 96 3.33 1.13 -30.78
N GLY A 97 2.50 0.10 -30.84
CA GLY A 97 2.14 -0.55 -32.09
C GLY A 97 1.76 0.38 -33.24
N TYR A 98 0.87 1.33 -32.95
CA TYR A 98 0.37 2.23 -33.97
C TYR A 98 1.42 3.24 -34.38
N ILE A 99 2.17 3.74 -33.40
CA ILE A 99 3.25 4.67 -33.67
C ILE A 99 4.27 4.00 -34.58
N GLU A 100 4.60 2.75 -34.28
CA GLU A 100 5.57 2.02 -35.08
C GLU A 100 5.12 1.86 -36.54
N THR A 101 3.89 1.41 -36.74
CA THR A 101 3.35 1.23 -38.09
C THR A 101 3.42 2.54 -38.88
N VAL A 102 2.97 3.63 -38.28
CA VAL A 102 2.97 4.93 -38.97
C VAL A 102 4.36 5.38 -39.35
N CYS A 103 5.34 5.13 -38.47
CA CYS A 103 6.71 5.52 -38.76
C CYS A 103 7.25 4.76 -39.96
N ARG A 104 6.98 3.46 -40.03
CA ARG A 104 7.41 2.66 -41.18
C ARG A 104 6.79 3.18 -42.47
N GLU A 105 5.49 3.46 -42.42
CA GLU A 105 4.76 4.02 -43.56
C GLU A 105 5.37 5.34 -44.02
N ILE A 106 5.63 6.25 -43.08
CA ILE A 106 6.20 7.54 -43.43
C ILE A 106 7.61 7.38 -44.01
N GLY A 107 8.41 6.48 -43.43
CA GLY A 107 9.74 6.18 -43.92
C GLY A 107 9.69 5.66 -45.35
N PHE A 108 8.82 4.71 -45.62
CA PHE A 108 8.65 4.20 -46.98
C PHE A 108 8.28 5.34 -47.92
N ALA A 109 7.36 6.18 -47.46
CA ALA A 109 6.87 7.31 -48.25
C ALA A 109 7.93 8.34 -48.64
N ILE A 110 8.84 8.70 -47.73
CA ILE A 110 9.84 9.72 -48.06
C ILE A 110 11.08 9.17 -48.76
N ARG A 111 11.16 7.85 -48.89
CA ARG A 111 12.34 7.25 -49.50
C ARG A 111 12.73 7.88 -50.84
N GLU A 112 11.75 8.16 -51.69
CA GLU A 112 12.01 8.76 -52.98
C GLU A 112 11.50 10.19 -53.12
N LYS A 113 10.98 10.76 -52.04
CA LYS A 113 10.55 12.15 -52.06
C LYS A 113 11.79 13.03 -52.02
N SER A 114 11.90 13.96 -52.96
CA SER A 114 13.11 14.80 -53.09
C SER A 114 13.07 16.10 -52.29
N GLU A 115 11.88 16.49 -51.83
CA GLU A 115 11.73 17.67 -51.01
C GLU A 115 11.87 17.22 -49.56
N ARG A 116 12.44 18.06 -48.70
CA ARG A 116 12.57 17.73 -47.29
C ARG A 116 11.19 17.57 -46.66
N HIS A 117 10.95 16.45 -46.00
CA HIS A 117 9.67 16.25 -45.31
C HIS A 117 9.90 16.47 -43.82
N THR A 118 8.82 16.77 -43.08
CA THR A 118 8.91 16.99 -41.64
C THR A 118 7.88 16.13 -40.93
N VAL A 119 8.33 15.44 -39.88
CA VAL A 119 7.45 14.58 -39.11
C VAL A 119 7.31 15.11 -37.68
N VAL A 120 6.07 15.28 -37.23
CA VAL A 120 5.80 15.82 -35.90
C VAL A 120 4.88 14.92 -35.11
N VAL A 121 5.35 14.47 -33.94
CA VAL A 121 4.53 13.59 -33.11
C VAL A 121 3.67 14.38 -32.12
N ARG A 122 2.35 14.33 -32.30
CA ARG A 122 1.41 14.93 -31.36
C ARG A 122 0.91 13.92 -30.34
N SER A 123 0.85 12.65 -30.74
CA SER A 123 0.49 11.56 -29.83
C SER A 123 1.36 11.61 -28.58
N THR A 124 0.77 11.32 -27.43
CA THR A 124 1.51 11.25 -26.19
C THR A 124 2.36 9.99 -26.17
N VAL A 125 3.68 10.17 -26.07
CA VAL A 125 4.62 9.05 -26.00
C VAL A 125 5.65 9.33 -24.90
N LEU A 126 6.19 8.28 -24.29
CA LEU A 126 7.12 8.47 -23.18
C LEU A 126 8.46 9.08 -23.64
N PRO A 127 9.17 9.71 -22.71
CA PRO A 127 10.48 10.26 -23.02
C PRO A 127 11.34 9.09 -23.51
N GLY A 128 12.05 9.30 -24.60
CA GLY A 128 12.86 8.24 -25.20
C GLY A 128 12.26 7.68 -26.48
N THR A 129 10.95 7.84 -26.65
CA THR A 129 10.27 7.22 -27.79
C THR A 129 10.78 7.72 -29.15
N VAL A 130 10.97 9.02 -29.29
CA VAL A 130 11.45 9.55 -30.57
C VAL A 130 12.85 9.04 -30.91
N ASN A 131 13.76 9.05 -29.95
CA ASN A 131 15.13 8.61 -30.18
C ASN A 131 15.25 7.12 -30.45
N ASN A 132 14.52 6.34 -29.66
CA ASN A 132 14.66 4.89 -29.69
C ASN A 132 13.68 4.15 -30.59
N VAL A 133 12.64 4.83 -31.05
CA VAL A 133 11.64 4.17 -31.87
C VAL A 133 11.34 4.91 -33.16
N VAL A 134 10.92 6.17 -33.04
CA VAL A 134 10.49 6.93 -34.21
C VAL A 134 11.62 7.13 -35.22
N ILE A 135 12.74 7.66 -34.77
CA ILE A 135 13.86 7.96 -35.67
C ILE A 135 14.45 6.71 -36.33
N PRO A 136 14.82 5.71 -35.54
CA PRO A 136 15.34 4.46 -36.12
C PRO A 136 14.43 3.86 -37.20
N LEU A 137 13.13 3.79 -36.96
CA LEU A 137 12.20 3.23 -37.94
C LEU A 137 12.12 4.05 -39.22
N ILE A 138 11.94 5.35 -39.07
CA ILE A 138 11.86 6.21 -40.25
C ILE A 138 13.17 6.16 -41.02
N GLU A 139 14.31 6.16 -40.29
CA GLU A 139 15.62 6.11 -40.92
C GLU A 139 15.86 4.79 -41.67
N ASP A 140 15.42 3.68 -41.07
CA ASP A 140 15.58 2.36 -41.67
C ASP A 140 14.68 2.12 -42.87
N CYS A 141 13.52 2.76 -42.89
CA CYS A 141 12.57 2.59 -43.99
C CYS A 141 12.78 3.59 -45.13
N SER A 142 13.42 4.71 -44.83
CA SER A 142 13.67 5.75 -45.83
C SER A 142 15.07 5.67 -46.46
N GLY A 143 16.03 5.14 -45.72
CA GLY A 143 17.41 5.14 -46.20
C GLY A 143 17.98 6.54 -46.04
N LYS A 144 17.22 7.39 -45.34
CA LYS A 144 17.61 8.77 -45.09
C LYS A 144 17.94 8.97 -43.62
N LYS A 145 18.49 10.14 -43.30
CA LYS A 145 18.92 10.44 -41.95
C LYS A 145 18.12 11.58 -41.33
N ALA A 146 17.72 11.39 -40.07
CA ALA A 146 16.97 12.40 -39.35
C ALA A 146 17.83 13.65 -39.20
N GLY A 147 17.20 14.81 -39.29
CA GLY A 147 17.91 16.07 -39.17
C GLY A 147 18.24 16.65 -40.53
N VAL A 148 19.28 16.11 -41.16
CA VAL A 148 19.74 16.62 -42.45
C VAL A 148 18.78 16.30 -43.60
N ASP A 149 18.21 15.09 -43.63
CA ASP A 149 17.32 14.68 -44.71
C ASP A 149 15.85 14.96 -44.41
N PHE A 150 15.41 14.65 -43.19
CA PHE A 150 14.02 14.90 -42.81
C PHE A 150 13.94 15.49 -41.40
N GLY A 151 12.96 16.37 -41.19
CA GLY A 151 12.77 17.00 -39.90
C GLY A 151 11.99 16.13 -38.94
N VAL A 152 12.32 16.22 -37.66
CA VAL A 152 11.62 15.47 -36.63
C VAL A 152 11.45 16.32 -35.38
N GLY A 153 10.24 16.26 -34.81
CA GLY A 153 9.95 16.96 -33.56
C GLY A 153 8.70 16.43 -32.91
N THR A 154 8.41 16.92 -31.71
CA THR A 154 7.16 16.57 -31.04
C THR A 154 6.39 17.85 -30.73
N ASN A 155 5.09 17.68 -30.51
CA ASN A 155 4.20 18.80 -30.30
C ASN A 155 2.97 18.26 -29.58
N PRO A 156 3.07 18.08 -28.27
CA PRO A 156 1.96 17.52 -27.50
C PRO A 156 0.72 18.37 -27.63
N GLU A 157 -0.43 17.76 -27.40
CA GLU A 157 -1.70 18.47 -27.43
C GLU A 157 -2.29 18.47 -26.03
N PHE A 158 -3.02 19.54 -25.72
CA PHE A 158 -3.61 19.70 -24.40
C PHE A 158 -5.13 19.84 -24.49
N LEU A 159 -5.69 19.38 -25.60
CA LEU A 159 -7.12 19.46 -25.83
C LEU A 159 -7.91 18.56 -24.91
N ARG A 160 -9.08 19.03 -24.49
CA ARG A 160 -10.05 18.22 -23.76
C ARG A 160 -11.23 17.89 -24.66
N GLU A 161 -11.64 16.63 -24.66
CA GLU A 161 -12.83 16.21 -25.39
C GLU A 161 -14.06 16.94 -24.83
N SER A 162 -14.93 17.35 -25.75
CA SER A 162 -16.15 18.14 -25.48
C SER A 162 -15.89 19.65 -25.60
N THR A 163 -14.63 20.08 -25.45
CA THR A 163 -14.24 21.50 -25.64
C THR A 163 -12.98 21.61 -26.50
N ALA A 164 -12.79 20.65 -27.42
CA ALA A 164 -11.53 20.55 -28.15
C ALA A 164 -11.22 21.77 -29.01
N ILE A 165 -12.22 22.28 -29.72
CA ILE A 165 -12.02 23.41 -30.62
C ILE A 165 -11.69 24.67 -29.83
N LYS A 166 -12.43 24.95 -28.77
CA LYS A 166 -12.13 26.10 -27.91
C LYS A 166 -10.71 25.94 -27.32
N ASP A 167 -10.37 24.72 -26.93
CA ASP A 167 -9.04 24.44 -26.38
C ASP A 167 -7.93 24.65 -27.40
N TYR A 168 -8.20 24.31 -28.65
CA TYR A 168 -7.25 24.51 -29.73
C TYR A 168 -7.06 26.00 -29.95
N ASP A 169 -8.18 26.72 -30.02
CA ASP A 169 -8.18 28.16 -30.30
C ASP A 169 -7.50 28.99 -29.23
N PHE A 170 -7.67 28.56 -27.99
CA PHE A 170 -7.20 29.30 -26.82
C PHE A 170 -6.50 28.36 -25.83
N PRO A 171 -5.36 27.81 -26.22
CA PRO A 171 -4.65 26.88 -25.36
C PRO A 171 -3.89 27.61 -24.27
N PRO A 172 -3.47 26.90 -23.23
CA PRO A 172 -2.65 27.50 -22.19
C PRO A 172 -1.25 27.80 -22.67
N MET A 173 -0.79 27.00 -23.63
CA MET A 173 0.56 27.10 -24.16
C MET A 173 0.70 26.12 -25.32
N THR A 174 1.70 26.39 -26.15
CA THR A 174 2.10 25.50 -27.23
C THR A 174 3.47 24.98 -26.83
N VAL A 175 3.61 23.66 -26.82
CA VAL A 175 4.87 23.03 -26.43
C VAL A 175 5.43 22.28 -27.62
N ILE A 176 6.71 22.57 -27.89
CA ILE A 176 7.46 21.99 -28.99
C ILE A 176 8.71 21.25 -28.49
N GLY A 177 8.83 19.98 -28.86
CA GLY A 177 10.04 19.21 -28.59
C GLY A 177 10.87 19.35 -29.85
N GLU A 178 12.07 19.88 -29.71
CA GLU A 178 12.91 20.23 -30.86
C GLU A 178 14.19 19.42 -30.98
N LEU A 179 14.45 18.97 -32.20
CA LEU A 179 15.71 18.35 -32.61
C LEU A 179 16.33 19.37 -33.55
N ASP A 180 16.00 19.29 -34.84
CA ASP A 180 16.50 20.27 -35.80
C ASP A 180 15.68 21.58 -35.73
N LYS A 181 16.36 22.71 -35.85
CA LYS A 181 15.73 24.04 -35.78
C LYS A 181 14.65 24.28 -36.84
N GLN A 182 14.83 23.72 -38.04
CA GLN A 182 13.86 23.91 -39.12
C GLN A 182 12.43 23.48 -38.71
N THR A 183 12.32 22.31 -38.09
CA THR A 183 11.02 21.81 -37.65
C THR A 183 10.42 22.66 -36.53
N GLY A 184 11.26 23.08 -35.59
CA GLY A 184 10.82 23.95 -34.51
C GLY A 184 10.28 25.26 -35.08
N ASP A 185 10.99 25.81 -36.05
CA ASP A 185 10.56 27.03 -36.74
C ASP A 185 9.24 26.82 -37.47
N LEU A 186 9.09 25.67 -38.12
CA LEU A 186 7.88 25.34 -38.85
C LEU A 186 6.69 25.33 -37.91
N LEU A 187 6.85 24.68 -36.76
CA LEU A 187 5.77 24.59 -35.78
C LEU A 187 5.46 25.96 -35.18
N GLU A 188 6.50 26.75 -34.92
CA GLU A 188 6.30 28.10 -34.39
C GLU A 188 5.43 28.90 -35.35
N GLU A 189 5.66 28.74 -36.65
CA GLU A 189 4.90 29.45 -37.68
C GLU A 189 3.44 29.05 -37.65
N ILE A 190 3.17 27.77 -37.47
CA ILE A 190 1.79 27.29 -37.41
C ILE A 190 1.01 27.85 -36.23
N TYR A 191 1.67 27.98 -35.08
CA TYR A 191 0.98 28.41 -33.86
C TYR A 191 1.16 29.89 -33.49
N ARG A 192 2.09 30.56 -34.15
CA ARG A 192 2.37 31.99 -33.98
C ARG A 192 1.24 32.99 -33.64
N GLU A 193 0.02 32.74 -34.07
CA GLU A 193 -1.06 33.70 -33.92
C GLU A 193 -1.87 33.47 -32.64
N LEU A 194 -1.72 32.28 -32.05
CA LEU A 194 -2.35 31.95 -30.78
C LEU A 194 -1.82 32.84 -29.65
N ASP A 195 -2.72 33.22 -28.75
CA ASP A 195 -2.38 34.07 -27.63
C ASP A 195 -1.98 33.22 -26.43
N ALA A 196 -0.77 32.68 -26.50
CA ALA A 196 -0.26 31.81 -25.47
C ALA A 196 1.22 31.66 -25.75
N PRO A 197 2.03 31.30 -24.76
CA PRO A 197 3.46 31.17 -24.99
C PRO A 197 3.82 29.99 -25.89
N ILE A 198 4.84 30.16 -26.73
CA ILE A 198 5.38 29.06 -27.50
C ILE A 198 6.62 28.65 -26.74
N ILE A 199 6.60 27.42 -26.24
CA ILE A 199 7.66 26.91 -25.40
C ILE A 199 8.43 25.82 -26.13
N ARG A 200 9.69 26.12 -26.48
CA ARG A 200 10.54 25.16 -27.19
C ARG A 200 11.52 24.50 -26.22
N LYS A 201 11.48 23.18 -26.18
CA LYS A 201 12.29 22.39 -25.25
C LYS A 201 12.85 21.20 -25.98
N THR A 202 13.67 20.40 -25.30
CA THR A 202 14.12 19.18 -25.93
C THR A 202 12.92 18.25 -26.03
N VAL A 203 13.02 17.26 -26.89
CA VAL A 203 11.95 16.30 -27.05
C VAL A 203 11.63 15.63 -25.72
N GLU A 204 12.66 15.21 -25.00
CA GLU A 204 12.47 14.51 -23.72
C GLU A 204 11.74 15.38 -22.69
N VAL A 205 12.06 16.67 -22.63
CA VAL A 205 11.38 17.57 -21.68
C VAL A 205 9.94 17.74 -22.12
N ALA A 206 9.72 17.92 -23.42
CA ALA A 206 8.38 18.09 -23.97
C ALA A 206 7.45 16.94 -23.60
N GLU A 207 7.91 15.71 -23.80
CA GLU A 207 7.10 14.55 -23.46
C GLU A 207 6.88 14.43 -21.95
N MET A 208 7.89 14.73 -21.14
CA MET A 208 7.72 14.69 -19.70
C MET A 208 6.68 15.73 -19.27
N ILE A 209 6.71 16.90 -19.91
CA ILE A 209 5.73 17.94 -19.63
C ILE A 209 4.30 17.45 -19.87
N LYS A 210 4.09 16.77 -21.00
CA LYS A 210 2.76 16.24 -21.34
C LYS A 210 2.27 15.24 -20.30
N TYR A 211 3.09 14.23 -19.99
CA TYR A 211 2.69 13.28 -18.94
C TYR A 211 2.43 13.96 -17.62
N THR A 212 3.29 14.91 -17.26
CA THR A 212 3.16 15.59 -15.98
C THR A 212 1.85 16.37 -15.92
N CYS A 213 1.47 17.03 -17.01
CA CYS A 213 0.18 17.72 -17.06
C CYS A 213 -0.97 16.75 -16.79
N ASN A 214 -0.98 15.62 -17.50
CA ASN A 214 -2.09 14.69 -17.32
C ASN A 214 -2.11 14.04 -15.93
N VAL A 215 -0.95 13.67 -15.40
CA VAL A 215 -0.93 13.06 -14.07
C VAL A 215 -1.28 14.09 -12.99
N TRP A 216 -0.89 15.35 -13.20
CA TRP A 216 -1.32 16.45 -12.31
C TRP A 216 -2.84 16.57 -12.31
N HIS A 217 -3.47 16.55 -13.48
CA HIS A 217 -4.93 16.62 -13.55
C HIS A 217 -5.56 15.48 -12.77
N ALA A 218 -5.00 14.29 -12.92
CA ALA A 218 -5.49 13.13 -12.17
C ALA A 218 -5.31 13.33 -10.66
N ALA A 219 -4.16 13.89 -10.27
CA ALA A 219 -3.86 14.11 -8.85
C ALA A 219 -4.84 15.11 -8.26
N LYS A 220 -5.16 16.16 -9.03
CA LYS A 220 -6.10 17.17 -8.56
C LYS A 220 -7.47 16.55 -8.28
N VAL A 221 -7.99 15.79 -9.24
CA VAL A 221 -9.28 15.13 -9.07
C VAL A 221 -9.26 14.22 -7.85
N THR A 222 -8.20 13.44 -7.72
CA THR A 222 -8.10 12.49 -6.66
C THR A 222 -8.09 13.21 -5.31
N PHE A 223 -7.36 14.32 -5.22
CA PHE A 223 -7.30 15.12 -4.00
C PHE A 223 -8.68 15.65 -3.63
N ALA A 224 -9.34 16.27 -4.60
CA ALA A 224 -10.68 16.80 -4.38
C ALA A 224 -11.66 15.72 -3.92
N ASN A 225 -11.61 14.55 -4.53
CA ASN A 225 -12.47 13.45 -4.13
C ASN A 225 -12.20 12.94 -2.72
N GLU A 226 -10.92 12.77 -2.36
CA GLU A 226 -10.59 12.23 -1.04
C GLU A 226 -10.98 13.22 0.05
N ILE A 227 -10.70 14.49 -0.18
CA ILE A 227 -11.10 15.54 0.75
C ILE A 227 -12.63 15.58 0.83
N GLY A 228 -13.28 15.45 -0.32
CA GLY A 228 -14.73 15.45 -0.39
C GLY A 228 -15.33 14.34 0.43
N ASN A 229 -14.73 13.16 0.35
CA ASN A 229 -15.19 12.00 1.08
C ASN A 229 -15.08 12.26 2.58
N ILE A 230 -13.97 12.86 2.99
CA ILE A 230 -13.75 13.14 4.39
C ILE A 230 -14.75 14.19 4.87
N ALA A 231 -14.94 15.25 4.08
CA ALA A 231 -15.89 16.30 4.42
C ALA A 231 -17.29 15.75 4.68
N LYS A 232 -17.76 14.92 3.76
CA LYS A 232 -19.08 14.32 3.89
C LYS A 232 -19.14 13.52 5.20
N ALA A 233 -18.09 12.78 5.50
CA ALA A 233 -18.07 11.97 6.71
C ALA A 233 -18.09 12.81 8.00
N VAL A 234 -17.57 14.03 7.97
CA VAL A 234 -17.65 14.90 9.15
C VAL A 234 -18.89 15.82 9.13
N GLY A 235 -19.76 15.61 8.14
CA GLY A 235 -21.02 16.32 8.05
C GLY A 235 -21.01 17.68 7.37
N VAL A 236 -20.07 17.90 6.47
CA VAL A 236 -20.03 19.17 5.74
C VAL A 236 -19.98 18.93 4.24
N ASP A 237 -20.19 20.00 3.48
CA ASP A 237 -20.24 19.94 2.05
C ASP A 237 -18.81 20.06 1.48
N GLY A 238 -18.30 18.98 0.90
CA GLY A 238 -16.97 18.98 0.30
C GLY A 238 -16.75 20.05 -0.77
N ARG A 239 -17.82 20.41 -1.48
CA ARG A 239 -17.74 21.41 -2.54
C ARG A 239 -17.50 22.79 -1.96
N GLU A 240 -18.13 23.06 -0.81
CA GLU A 240 -17.98 24.31 -0.09
C GLU A 240 -16.54 24.47 0.37
N VAL A 241 -15.96 23.40 0.89
CA VAL A 241 -14.59 23.39 1.35
C VAL A 241 -13.64 23.66 0.18
N MET A 242 -13.78 22.90 -0.91
CA MET A 242 -12.90 23.07 -2.06
C MET A 242 -13.07 24.44 -2.72
N ASP A 243 -14.28 24.97 -2.70
CA ASP A 243 -14.56 26.30 -3.25
C ASP A 243 -13.69 27.33 -2.55
N VAL A 244 -13.61 27.26 -1.23
CA VAL A 244 -12.79 28.20 -0.48
C VAL A 244 -11.29 27.99 -0.77
N ILE A 245 -10.84 26.74 -0.81
CA ILE A 245 -9.45 26.45 -1.15
C ILE A 245 -9.08 27.15 -2.45
N CYS A 246 -9.98 27.10 -3.42
CA CYS A 246 -9.75 27.67 -4.74
C CYS A 246 -9.81 29.21 -4.81
N GLN A 247 -10.16 29.86 -3.71
CA GLN A 247 -10.14 31.31 -3.65
C GLN A 247 -8.73 31.82 -3.31
N ASP A 248 -7.82 30.91 -2.96
CA ASP A 248 -6.47 31.28 -2.56
C ASP A 248 -5.49 31.11 -3.73
N HIS A 249 -5.16 32.22 -4.36
CA HIS A 249 -4.22 32.19 -5.49
C HIS A 249 -2.77 32.52 -5.08
N LYS A 250 -2.53 32.63 -3.79
CA LYS A 250 -1.21 32.90 -3.26
C LYS A 250 -0.44 31.60 -2.99
N LEU A 251 -1.11 30.66 -2.31
CA LEU A 251 -0.52 29.39 -1.93
C LEU A 251 -1.17 28.19 -2.63
N ASN A 252 -2.50 28.11 -2.60
CA ASN A 252 -3.19 26.96 -3.16
C ASN A 252 -3.10 26.86 -4.68
N LEU A 253 -3.53 27.89 -5.38
CA LEU A 253 -3.51 27.86 -6.83
C LEU A 253 -2.34 28.65 -7.45
N SER A 254 -1.21 28.66 -6.77
CA SER A 254 -0.01 29.31 -7.30
C SER A 254 1.05 28.26 -7.54
N ARG A 255 2.22 28.70 -7.99
CA ARG A 255 3.32 27.80 -8.21
C ARG A 255 4.04 27.43 -6.89
N TYR A 256 3.69 28.09 -5.78
CA TYR A 256 4.34 27.75 -4.49
C TYR A 256 4.05 26.29 -4.17
N TYR A 257 5.05 25.61 -3.61
CA TYR A 257 5.06 24.16 -3.30
C TYR A 257 5.31 23.24 -4.51
N MET A 258 5.39 23.80 -5.71
CA MET A 258 5.49 23.00 -6.93
C MET A 258 6.91 22.81 -7.48
N ARG A 259 7.92 23.09 -6.67
CA ARG A 259 9.30 22.93 -7.08
C ARG A 259 9.83 21.56 -6.62
N PRO A 260 10.34 20.73 -7.53
CA PRO A 260 10.91 19.45 -7.09
C PRO A 260 12.08 19.73 -6.16
N GLY A 261 12.19 18.93 -5.11
CA GLY A 261 13.25 19.16 -4.14
C GLY A 261 13.23 18.15 -3.01
N PHE A 262 13.28 18.66 -1.78
CA PHE A 262 13.37 17.78 -0.63
C PHE A 262 12.02 17.56 0.05
N ALA A 263 12.01 16.62 1.00
CA ALA A 263 10.86 16.33 1.82
C ALA A 263 10.32 17.60 2.48
N PHE A 264 9.02 17.64 2.72
CA PHE A 264 8.42 18.72 3.50
C PHE A 264 8.59 18.38 4.97
N GLY A 265 8.54 19.40 5.81
CA GLY A 265 8.74 19.22 7.22
C GLY A 265 8.20 20.41 7.96
N GLY A 266 8.71 20.63 9.16
CA GLY A 266 8.23 21.73 9.96
C GLY A 266 7.17 21.27 10.94
N SER A 267 6.66 22.25 11.67
CA SER A 267 5.76 22.04 12.78
C SER A 267 4.31 21.85 12.44
N CYS A 268 3.93 21.96 11.17
CA CYS A 268 2.53 21.89 10.81
C CYS A 268 2.15 20.94 9.67
N LEU A 269 2.84 20.93 8.53
CA LEU A 269 2.41 20.02 7.48
C LEU A 269 2.38 18.54 7.92
N PRO A 270 3.47 18.00 8.46
CA PRO A 270 3.46 16.59 8.89
C PRO A 270 2.37 16.28 9.89
N LYS A 271 2.24 17.03 10.98
CA LYS A 271 1.22 16.73 11.99
C LYS A 271 -0.20 16.88 11.43
N ASP A 272 -0.43 17.85 10.56
CA ASP A 272 -1.79 18.07 10.05
C ASP A 272 -2.17 16.97 9.04
N VAL A 273 -1.21 16.51 8.24
CA VAL A 273 -1.45 15.35 7.37
C VAL A 273 -1.75 14.10 8.24
N ARG A 274 -0.94 13.85 9.26
CA ARG A 274 -1.17 12.70 10.14
C ARG A 274 -2.54 12.76 10.81
N ALA A 275 -2.94 13.94 11.30
CA ALA A 275 -4.20 14.08 12.01
C ALA A 275 -5.41 13.88 11.08
N LEU A 276 -5.40 14.53 9.93
CA LEU A 276 -6.52 14.38 9.02
C LEU A 276 -6.68 12.92 8.54
N THR A 277 -5.56 12.27 8.21
CA THR A 277 -5.62 10.87 7.77
C THR A 277 -6.03 9.95 8.92
N TYR A 278 -5.60 10.27 10.13
CA TYR A 278 -6.03 9.51 11.30
C TYR A 278 -7.55 9.59 11.44
N ARG A 279 -8.07 10.80 11.37
CA ARG A 279 -9.52 11.01 11.49
C ARG A 279 -10.28 10.30 10.38
N ALA A 280 -9.76 10.38 9.14
CA ALA A 280 -10.39 9.73 8.01
C ALA A 280 -10.49 8.22 8.28
N SER A 281 -9.41 7.65 8.81
CA SER A 281 -9.37 6.23 9.17
C SER A 281 -10.45 5.88 10.20
N GLN A 282 -10.55 6.71 11.24
CA GLN A 282 -11.56 6.54 12.28
C GLN A 282 -12.98 6.54 11.72
N LEU A 283 -13.18 7.31 10.65
CA LEU A 283 -14.48 7.46 10.01
C LEU A 283 -14.71 6.49 8.85
N ASP A 284 -13.81 5.51 8.70
CA ASP A 284 -13.90 4.48 7.66
C ASP A 284 -13.86 5.05 6.25
N VAL A 285 -13.13 6.14 6.07
CA VAL A 285 -12.98 6.73 4.75
C VAL A 285 -11.60 6.36 4.21
N GLU A 286 -11.56 5.47 3.23
CA GLU A 286 -10.30 5.10 2.60
C GLU A 286 -9.76 6.33 1.87
N HIS A 287 -8.44 6.46 1.86
CA HIS A 287 -7.79 7.64 1.31
C HIS A 287 -6.38 7.30 0.81
N PRO A 288 -6.30 6.45 -0.21
CA PRO A 288 -4.98 6.01 -0.72
C PRO A 288 -3.99 7.14 -1.02
N MET A 289 -4.44 8.21 -1.65
CA MET A 289 -3.52 9.28 -2.02
C MET A 289 -3.05 10.09 -0.80
N LEU A 290 -3.98 10.57 0.01
CA LEU A 290 -3.59 11.31 1.20
C LEU A 290 -2.76 10.41 2.12
N GLY A 291 -3.06 9.12 2.13
CA GLY A 291 -2.37 8.19 2.99
C GLY A 291 -1.00 7.76 2.52
N SER A 292 -0.61 8.26 1.36
CA SER A 292 0.69 7.96 0.75
C SER A 292 1.71 9.06 0.95
N LEU A 293 1.27 10.23 1.38
CA LEU A 293 2.14 11.40 1.43
C LEU A 293 3.33 11.21 2.35
N MET A 294 3.09 10.78 3.59
CA MET A 294 4.18 10.67 4.54
C MET A 294 5.23 9.66 4.10
N ARG A 295 4.79 8.54 3.51
CA ARG A 295 5.73 7.54 3.00
C ARG A 295 6.60 8.10 1.87
N SER A 296 5.96 8.81 0.95
CA SER A 296 6.69 9.40 -0.16
C SER A 296 7.71 10.37 0.42
N ASN A 297 7.27 11.10 1.43
CA ASN A 297 8.10 12.13 2.06
C ASN A 297 9.34 11.48 2.68
N SER A 298 9.13 10.42 3.45
CA SER A 298 10.23 9.68 4.07
C SER A 298 11.15 9.11 3.00
N ASN A 299 10.56 8.66 1.88
CA ASN A 299 11.36 8.16 0.76
C ASN A 299 12.31 9.24 0.23
N GLN A 300 11.86 10.50 0.19
CA GLN A 300 12.68 11.58 -0.32
C GLN A 300 13.88 11.82 0.61
N VAL A 301 13.69 11.65 1.91
CA VAL A 301 14.79 11.76 2.86
C VAL A 301 15.84 10.67 2.56
N GLN A 302 15.38 9.43 2.38
CA GLN A 302 16.25 8.31 2.07
C GLN A 302 17.03 8.55 0.76
N LYS A 303 16.35 9.09 -0.24
CA LYS A 303 16.95 9.38 -1.53
C LYS A 303 18.15 10.32 -1.35
N ALA A 304 17.97 11.39 -0.57
CA ALA A 304 19.06 12.31 -0.30
C ALA A 304 20.20 11.59 0.41
N PHE A 305 19.87 10.81 1.43
CA PHE A 305 20.86 10.00 2.13
C PHE A 305 21.68 9.15 1.16
N ASP A 306 20.99 8.44 0.27
CA ASP A 306 21.65 7.60 -0.74
C ASP A 306 22.57 8.42 -1.66
N LEU A 307 22.19 9.64 -2.02
CA LEU A 307 23.06 10.45 -2.87
C LEU A 307 24.32 10.85 -2.10
N ILE A 308 24.14 11.20 -0.84
CA ILE A 308 25.25 11.61 -0.01
C ILE A 308 26.23 10.48 0.26
N THR A 309 25.72 9.30 0.60
CA THR A 309 26.59 8.20 0.98
C THR A 309 27.22 7.47 -0.20
N SER A 310 26.96 7.92 -1.42
CA SER A 310 27.50 7.30 -2.62
C SER A 310 28.92 7.77 -3.01
N HIS A 311 29.54 8.63 -2.20
CA HIS A 311 30.82 9.25 -2.58
C HIS A 311 32.16 8.81 -1.94
N ASP A 312 32.19 7.67 -1.26
CA ASP A 312 33.45 7.14 -0.71
C ASP A 312 34.18 8.04 0.28
N THR A 313 33.45 8.93 0.94
CA THR A 313 34.04 9.81 1.95
C THR A 313 33.09 9.95 3.15
N ARG A 314 33.65 10.21 4.32
CA ARG A 314 32.86 10.36 5.53
C ARG A 314 32.63 11.84 5.90
N LYS A 315 33.33 12.75 5.23
CA LYS A 315 33.26 14.16 5.61
C LYS A 315 32.15 14.91 4.90
N VAL A 316 31.05 15.09 5.61
CA VAL A 316 29.87 15.75 5.07
C VAL A 316 29.62 17.09 5.76
N GLY A 317 29.37 18.12 4.96
CA GLY A 317 28.99 19.42 5.47
C GLY A 317 27.53 19.64 5.12
N LEU A 318 26.70 19.89 6.14
CA LEU A 318 25.28 20.11 5.91
C LEU A 318 24.96 21.60 6.00
N LEU A 319 24.52 22.18 4.87
CA LEU A 319 24.20 23.60 4.82
C LEU A 319 22.70 23.79 5.00
N GLY A 320 22.33 24.21 6.22
CA GLY A 320 20.96 24.37 6.63
C GLY A 320 20.55 23.23 7.56
N LEU A 321 19.81 23.55 8.62
CA LEU A 321 19.39 22.56 9.60
C LEU A 321 17.93 22.74 10.01
N SER A 322 17.49 23.98 10.23
CA SER A 322 16.08 24.21 10.53
C SER A 322 15.30 23.91 9.26
N PHE A 323 13.97 23.79 9.35
CA PHE A 323 13.21 23.29 8.20
C PHE A 323 13.12 24.25 7.02
N LYS A 324 13.33 25.54 7.26
CA LYS A 324 13.36 26.54 6.19
C LYS A 324 14.42 27.57 6.46
N ALA A 325 14.90 28.22 5.41
CA ALA A 325 15.76 29.38 5.57
C ALA A 325 14.94 30.48 6.23
N GLY A 326 15.60 31.30 7.05
CA GLY A 326 14.93 32.43 7.67
C GLY A 326 14.19 32.17 8.97
N THR A 327 14.24 30.93 9.45
CA THR A 327 13.63 30.56 10.72
C THR A 327 14.56 29.59 11.47
N ASP A 328 14.44 29.55 12.79
CA ASP A 328 15.24 28.65 13.61
C ASP A 328 14.48 27.35 13.98
N ASP A 329 13.24 27.22 13.54
CA ASP A 329 12.38 26.09 13.91
C ASP A 329 12.94 24.76 13.41
N LEU A 330 13.24 23.88 14.36
CA LEU A 330 13.81 22.57 14.09
C LEU A 330 12.78 21.45 14.10
N ARG A 331 11.54 21.77 14.49
CA ARG A 331 10.51 20.75 14.63
C ARG A 331 10.28 19.99 13.33
N GLU A 332 10.46 18.67 13.41
CA GLU A 332 10.32 17.77 12.27
C GLU A 332 11.03 18.28 11.03
N SER A 333 12.24 18.80 11.23
CA SER A 333 13.04 19.25 10.12
C SER A 333 13.62 18.04 9.44
N PRO A 334 13.41 17.90 8.13
CA PRO A 334 13.97 16.77 7.40
C PRO A 334 15.50 16.80 7.37
N LEU A 335 16.09 17.98 7.56
CA LEU A 335 17.54 18.12 7.60
C LEU A 335 18.08 17.55 8.91
N VAL A 336 17.35 17.73 10.00
CA VAL A 336 17.70 17.10 11.27
C VAL A 336 17.62 15.57 11.10
N GLU A 337 16.53 15.09 10.49
CA GLU A 337 16.38 13.66 10.24
C GLU A 337 17.57 13.15 9.44
N LEU A 338 17.92 13.87 8.38
CA LEU A 338 19.06 13.48 7.55
C LEU A 338 20.35 13.46 8.36
N ALA A 339 20.58 14.51 9.13
CA ALA A 339 21.74 14.59 10.01
C ALA A 339 21.84 13.36 10.91
N GLU A 340 20.72 12.99 11.52
CA GLU A 340 20.69 11.84 12.43
C GLU A 340 20.98 10.53 11.70
N MET A 341 20.51 10.41 10.46
CA MET A 341 20.82 9.23 9.67
C MET A 341 22.33 9.16 9.44
N LEU A 342 22.91 10.29 9.06
CA LEU A 342 24.35 10.36 8.80
C LEU A 342 25.16 10.02 10.06
N ILE A 343 24.76 10.60 11.20
CA ILE A 343 25.43 10.31 12.47
C ILE A 343 25.32 8.82 12.83
N GLY A 344 24.14 8.25 12.58
CA GLY A 344 23.91 6.84 12.86
C GLY A 344 24.78 5.91 12.03
N LYS A 345 25.20 6.40 10.87
CA LYS A 345 26.02 5.60 9.96
C LYS A 345 27.51 5.92 10.08
N GLY A 346 27.86 6.74 11.07
CA GLY A 346 29.24 7.03 11.37
C GLY A 346 29.90 8.14 10.58
N TYR A 347 29.10 8.98 9.91
CA TYR A 347 29.69 10.08 9.14
C TYR A 347 30.26 11.18 10.01
N GLU A 348 31.26 11.86 9.48
CA GLU A 348 31.90 12.99 10.14
C GLU A 348 31.15 14.23 9.64
N LEU A 349 30.16 14.64 10.43
CA LEU A 349 29.27 15.71 10.01
C LEU A 349 29.58 17.07 10.64
N ARG A 350 29.57 18.11 9.80
CA ARG A 350 29.68 19.50 10.24
C ARG A 350 28.43 20.20 9.71
N ILE A 351 27.84 21.06 10.52
CA ILE A 351 26.58 21.68 10.13
C ILE A 351 26.62 23.20 10.23
N PHE A 352 26.08 23.86 9.22
CA PHE A 352 25.95 25.31 9.25
C PHE A 352 24.49 25.72 9.21
N ASP A 353 24.08 26.54 10.17
CA ASP A 353 22.77 27.16 10.13
C ASP A 353 22.81 28.43 10.96
N ARG A 354 22.77 29.60 10.31
CA ARG A 354 22.94 30.86 11.05
C ARG A 354 21.75 31.18 11.95
N ASN A 355 20.59 30.68 11.58
CA ASN A 355 19.38 30.90 12.37
C ASN A 355 19.40 30.09 13.66
N VAL A 356 19.76 28.81 13.55
CA VAL A 356 19.86 27.96 14.72
C VAL A 356 21.01 28.41 15.63
N GLU A 357 22.12 28.81 15.03
CA GLU A 357 23.27 29.29 15.80
C GLU A 357 22.86 30.52 16.63
N TYR A 358 22.09 31.42 16.01
CA TYR A 358 21.59 32.62 16.67
C TYR A 358 20.68 32.24 17.83
N ALA A 359 19.79 31.29 17.58
CA ALA A 359 18.84 30.79 18.59
C ALA A 359 19.51 30.19 19.82
N ARG A 360 20.73 29.68 19.69
CA ARG A 360 21.45 29.17 20.85
C ARG A 360 21.77 30.28 21.84
N VAL A 361 21.84 31.50 21.34
CA VAL A 361 22.18 32.66 22.17
C VAL A 361 20.96 33.49 22.54
N HIS A 362 20.08 33.74 21.56
CA HIS A 362 18.89 34.58 21.77
C HIS A 362 17.64 33.76 21.48
N GLY A 363 16.69 33.74 22.41
CA GLY A 363 15.44 33.03 22.14
C GLY A 363 15.02 32.04 23.21
N ALA A 364 13.84 31.44 23.01
CA ALA A 364 13.23 30.55 23.99
C ALA A 364 13.40 29.06 23.69
N ASN A 365 14.28 28.72 22.75
CA ASN A 365 14.47 27.34 22.35
C ASN A 365 15.83 26.74 22.75
N LYS A 366 16.54 27.42 23.64
CA LYS A 366 17.88 26.98 24.03
C LYS A 366 17.91 25.57 24.61
N GLU A 367 16.95 25.26 25.47
CA GLU A 367 16.88 23.95 26.11
C GLU A 367 16.73 22.82 25.07
N TYR A 368 15.86 23.01 24.08
CA TYR A 368 15.73 22.01 23.02
C TYR A 368 17.07 21.75 22.34
N ILE A 369 17.67 22.81 21.82
CA ILE A 369 18.94 22.72 21.12
C ILE A 369 20.10 22.09 21.91
N GLU A 370 20.23 22.42 23.19
CA GLU A 370 21.40 21.97 23.96
C GLU A 370 21.18 20.68 24.74
N SER A 371 19.92 20.34 25.02
CA SER A 371 19.60 19.18 25.84
C SER A 371 18.83 18.08 25.12
N LYS A 372 17.98 18.46 24.17
CA LYS A 372 17.19 17.49 23.42
C LYS A 372 17.93 16.92 22.20
N ILE A 373 18.54 17.81 21.40
CA ILE A 373 19.35 17.38 20.25
C ILE A 373 20.84 17.76 20.31
N PRO A 374 21.48 17.67 21.49
CA PRO A 374 22.93 17.91 21.64
C PRO A 374 23.82 17.16 20.68
N HIS A 375 23.48 15.91 20.35
CA HIS A 375 24.30 15.16 19.42
C HIS A 375 24.39 15.91 18.08
N VAL A 376 23.29 16.54 17.69
CA VAL A 376 23.25 17.32 16.45
C VAL A 376 23.77 18.77 16.63
N SER A 377 23.32 19.46 17.68
CA SER A 377 23.70 20.86 17.87
C SER A 377 25.19 21.03 18.14
N SER A 378 25.81 20.02 18.76
CA SER A 378 27.24 20.04 19.02
C SER A 378 28.05 20.01 17.71
N LEU A 379 27.38 19.70 16.60
CA LEU A 379 28.06 19.67 15.30
C LEU A 379 27.90 20.98 14.52
N LEU A 380 27.18 21.93 15.10
CA LEU A 380 27.07 23.25 14.48
C LEU A 380 28.45 23.93 14.42
N VAL A 381 28.74 24.52 13.27
CA VAL A 381 29.97 25.28 13.08
C VAL A 381 29.54 26.67 12.63
N SER A 382 30.03 27.70 13.34
CA SER A 382 29.54 29.06 13.13
C SER A 382 30.04 29.72 11.84
N ASP A 383 31.12 29.18 11.28
CA ASP A 383 31.74 29.75 10.09
C ASP A 383 31.48 28.88 8.86
N LEU A 384 30.71 29.41 7.92
CA LEU A 384 30.39 28.71 6.68
C LEU A 384 31.66 28.30 5.92
N ASP A 385 32.64 29.19 5.84
CA ASP A 385 33.89 28.90 5.14
C ASP A 385 34.56 27.65 5.75
N GLU A 386 34.47 27.49 7.07
CA GLU A 386 35.09 26.35 7.75
C GLU A 386 34.37 25.04 7.43
N VAL A 387 33.04 25.08 7.40
CA VAL A 387 32.26 23.89 7.02
C VAL A 387 32.67 23.45 5.62
N VAL A 388 32.76 24.42 4.71
CA VAL A 388 33.14 24.14 3.31
C VAL A 388 34.55 23.58 3.22
N ALA A 389 35.50 24.24 3.89
CA ALA A 389 36.90 23.83 3.83
C ALA A 389 37.14 22.40 4.34
N SER A 390 36.50 22.04 5.45
CA SER A 390 36.78 20.76 6.11
C SER A 390 35.89 19.60 5.67
N SER A 391 34.90 19.88 4.83
CA SER A 391 34.01 18.83 4.31
C SER A 391 34.37 18.47 2.86
N ASP A 392 34.02 17.24 2.44
CA ASP A 392 34.24 16.79 1.07
C ASP A 392 32.92 16.85 0.28
N VAL A 393 31.82 16.53 0.94
CA VAL A 393 30.50 16.54 0.34
C VAL A 393 29.69 17.61 1.03
N LEU A 394 29.17 18.56 0.25
CA LEU A 394 28.40 19.64 0.81
C LEU A 394 26.95 19.52 0.37
N VAL A 395 26.06 19.53 1.36
CA VAL A 395 24.64 19.31 1.11
C VAL A 395 23.89 20.63 1.23
N LEU A 396 23.28 21.08 0.14
CA LEU A 396 22.50 22.31 0.12
C LEU A 396 21.11 21.91 0.60
N GLY A 397 20.81 22.20 1.86
CA GLY A 397 19.60 21.68 2.51
C GLY A 397 18.39 22.59 2.53
N ASN A 398 18.60 23.89 2.63
CA ASN A 398 17.48 24.84 2.59
C ASN A 398 17.89 26.13 1.86
N GLY A 399 16.92 27.03 1.66
CA GLY A 399 17.10 28.15 0.74
C GLY A 399 17.83 29.41 1.19
N ASP A 400 18.93 29.27 1.91
CA ASP A 400 19.67 30.44 2.38
C ASP A 400 20.47 31.04 1.25
N GLU A 401 20.27 32.33 0.99
CA GLU A 401 21.00 33.00 -0.09
C GLU A 401 22.52 32.98 0.10
N LEU A 402 23.00 32.75 1.32
CA LEU A 402 24.44 32.63 1.58
C LEU A 402 25.07 31.45 0.86
N PHE A 403 24.27 30.48 0.44
CA PHE A 403 24.82 29.29 -0.22
C PHE A 403 25.02 29.49 -1.72
N VAL A 404 24.51 30.60 -2.26
CA VAL A 404 24.62 30.86 -3.70
C VAL A 404 26.06 30.93 -4.17
N ASP A 405 26.90 31.69 -3.46
CA ASP A 405 28.31 31.88 -3.82
C ASP A 405 29.03 30.54 -3.93
N LEU A 406 28.80 29.66 -2.96
CA LEU A 406 29.42 28.35 -2.96
C LEU A 406 29.10 27.58 -4.24
N VAL A 407 27.88 27.75 -4.72
CA VAL A 407 27.45 27.04 -5.91
C VAL A 407 28.01 27.69 -7.18
N ASN A 408 28.09 29.02 -7.19
CA ASN A 408 28.62 29.75 -8.34
C ASN A 408 30.10 29.48 -8.55
N LYS A 409 30.86 29.45 -7.45
CA LYS A 409 32.29 29.16 -7.52
C LYS A 409 32.68 28.18 -6.42
N THR A 410 32.57 26.90 -6.75
CA THR A 410 32.87 25.82 -5.82
C THR A 410 34.37 25.56 -5.75
N PRO A 411 34.93 25.51 -4.54
CA PRO A 411 36.35 25.18 -4.40
C PRO A 411 36.60 23.79 -5.00
N SER A 412 37.84 23.52 -5.38
CA SER A 412 38.17 22.23 -5.97
C SER A 412 38.10 21.14 -4.91
N GLY A 413 37.89 19.90 -5.35
CA GLY A 413 37.87 18.77 -4.44
C GLY A 413 36.60 18.64 -3.62
N LYS A 414 35.53 19.26 -4.08
CA LYS A 414 34.26 19.18 -3.37
C LYS A 414 33.14 18.66 -4.27
N LYS A 415 32.23 17.90 -3.66
CA LYS A 415 31.06 17.38 -4.35
C LYS A 415 29.85 18.04 -3.72
N LEU A 416 28.94 18.57 -4.53
CA LEU A 416 27.73 19.17 -4.00
C LEU A 416 26.56 18.24 -4.19
N VAL A 417 25.67 18.23 -3.19
CA VAL A 417 24.38 17.52 -3.28
C VAL A 417 23.33 18.60 -3.03
N ASP A 418 22.62 18.94 -4.09
CA ASP A 418 21.67 20.02 -4.12
C ASP A 418 20.24 19.50 -3.90
N LEU A 419 19.67 19.80 -2.75
CA LEU A 419 18.32 19.36 -2.42
C LEU A 419 17.26 20.43 -2.66
N VAL A 420 17.69 21.62 -3.09
CA VAL A 420 16.82 22.80 -3.17
C VAL A 420 16.66 23.41 -4.56
N GLY A 421 17.73 23.39 -5.36
CA GLY A 421 17.70 23.92 -6.70
C GLY A 421 18.63 25.08 -6.95
N PHE A 422 19.73 25.16 -6.20
CA PHE A 422 20.72 26.21 -6.41
C PHE A 422 21.45 26.04 -7.76
N MET A 423 21.64 24.81 -8.20
CA MET A 423 22.37 24.52 -9.43
C MET A 423 21.74 25.19 -10.66
N PRO A 424 22.53 25.88 -11.47
CA PRO A 424 22.00 26.48 -12.70
C PRO A 424 21.57 25.46 -13.74
N HIS A 425 22.20 24.28 -13.74
CA HIS A 425 21.87 23.26 -14.71
C HIS A 425 21.76 21.86 -14.06
N THR A 426 21.87 20.81 -14.86
CA THR A 426 21.70 19.45 -14.37
C THR A 426 22.96 18.88 -13.76
N THR A 427 22.82 17.68 -13.20
CA THR A 427 23.90 16.96 -12.55
C THR A 427 25.15 16.87 -13.42
N THR A 428 26.28 17.11 -12.76
CA THR A 428 27.60 16.99 -13.36
C THR A 428 28.44 16.14 -12.42
N ALA A 429 29.68 15.90 -12.80
CA ALA A 429 30.59 15.09 -12.00
C ALA A 429 30.85 15.68 -10.61
N GLN A 430 30.71 17.00 -10.48
CA GLN A 430 30.99 17.69 -9.22
C GLN A 430 29.77 18.11 -8.41
N ALA A 431 28.61 18.15 -9.03
CA ALA A 431 27.39 18.59 -8.37
C ALA A 431 26.21 17.80 -8.88
N GLU A 432 25.44 17.24 -7.96
CA GLU A 432 24.26 16.46 -8.34
C GLU A 432 23.01 16.96 -7.62
N GLY A 433 21.90 16.99 -8.36
CA GLY A 433 20.62 17.41 -7.80
C GLY A 433 19.75 16.23 -7.43
N ILE A 434 18.84 16.45 -6.51
CA ILE A 434 17.96 15.37 -6.11
C ILE A 434 16.92 15.08 -7.18
N CYS A 435 16.58 16.08 -8.00
CA CYS A 435 15.59 15.93 -9.06
C CYS A 435 16.07 16.51 -10.40
N TRP A 436 17.38 16.60 -10.58
CA TRP A 436 17.96 17.15 -11.79
C TRP A 436 19.40 16.72 -11.94
N MET B 1 -8.93 47.20 20.30
CA MET B 1 -9.59 46.27 21.26
C MET B 1 -8.58 45.77 22.28
N ARG B 2 -9.09 45.31 23.41
CA ARG B 2 -8.28 44.60 24.39
C ARG B 2 -8.28 43.10 24.08
N ILE B 3 -7.12 42.60 23.69
CA ILE B 3 -6.97 41.21 23.26
C ILE B 3 -5.95 40.45 24.10
N SER B 4 -6.32 39.24 24.52
CA SER B 4 -5.39 38.34 25.18
C SER B 4 -5.07 37.21 24.19
N ILE B 5 -3.82 36.79 24.17
CA ILE B 5 -3.39 35.72 23.27
C ILE B 5 -2.78 34.61 24.10
N PHE B 6 -3.38 33.42 24.03
CA PHE B 6 -2.88 32.26 24.74
C PHE B 6 -1.94 31.47 23.87
N GLY B 7 -0.66 31.51 24.23
CA GLY B 7 0.38 30.82 23.49
C GLY B 7 1.19 31.82 22.68
N LEU B 8 2.44 32.03 23.07
CA LEU B 8 3.32 32.99 22.41
C LEU B 8 4.43 32.26 21.69
N GLY B 9 4.06 31.26 20.89
CA GLY B 9 5.00 30.52 20.09
C GLY B 9 5.13 31.12 18.70
N TYR B 10 5.45 30.28 17.70
CA TYR B 10 5.63 30.73 16.32
C TYR B 10 4.41 31.50 15.77
N VAL B 11 3.21 31.03 16.09
CA VAL B 11 2.02 31.73 15.64
C VAL B 11 1.66 32.88 16.58
N GLY B 12 1.51 32.58 17.87
CA GLY B 12 1.05 33.54 18.85
C GLY B 12 1.90 34.78 19.04
N ALA B 13 3.22 34.61 19.03
CA ALA B 13 4.13 35.74 19.16
C ALA B 13 3.96 36.69 17.98
N VAL B 14 3.72 36.14 16.79
CA VAL B 14 3.51 36.94 15.59
C VAL B 14 2.19 37.71 15.69
N CYS B 15 1.12 37.03 16.09
CA CYS B 15 -0.18 37.67 16.23
C CYS B 15 -0.10 38.80 17.26
N ALA B 16 0.61 38.56 18.36
CA ALA B 16 0.81 39.57 19.37
C ALA B 16 1.50 40.81 18.79
N GLY B 17 2.58 40.59 18.04
CA GLY B 17 3.28 41.69 17.39
C GLY B 17 2.43 42.46 16.40
N CYS B 18 1.72 41.73 15.53
CA CYS B 18 0.91 42.36 14.49
C CYS B 18 -0.34 43.08 15.03
N LEU B 19 -0.97 42.51 16.04
CA LEU B 19 -2.16 43.14 16.63
C LEU B 19 -1.78 44.39 17.41
N SER B 20 -0.73 44.32 18.21
CA SER B 20 -0.28 45.49 18.96
C SER B 20 0.17 46.61 18.00
N ALA B 21 0.81 46.24 16.89
CA ALA B 21 1.26 47.23 15.90
C ALA B 21 0.08 47.94 15.24
N ARG B 22 -1.11 47.34 15.31
CA ARG B 22 -2.29 47.92 14.70
C ARG B 22 -3.12 48.73 15.69
N GLY B 23 -2.61 48.85 16.92
CA GLY B 23 -3.25 49.69 17.92
C GLY B 23 -4.02 48.98 19.00
N HIS B 24 -4.08 47.65 18.95
CA HIS B 24 -4.80 46.90 19.98
C HIS B 24 -3.97 46.76 21.24
N GLU B 25 -4.64 46.65 22.39
CA GLU B 25 -3.97 46.37 23.64
C GLU B 25 -3.87 44.86 23.70
N VAL B 26 -2.63 44.34 23.78
CA VAL B 26 -2.41 42.90 23.77
C VAL B 26 -1.74 42.37 25.04
N ILE B 27 -2.41 41.40 25.68
CA ILE B 27 -1.85 40.70 26.83
C ILE B 27 -1.51 39.28 26.38
N GLY B 28 -0.22 38.97 26.28
CA GLY B 28 0.22 37.65 25.90
C GLY B 28 0.32 36.72 27.10
N VAL B 29 -0.29 35.56 26.99
CA VAL B 29 -0.27 34.58 28.06
C VAL B 29 0.46 33.32 27.62
N ASP B 30 1.38 32.85 28.45
CA ASP B 30 2.07 31.60 28.20
C ASP B 30 2.42 30.99 29.55
N VAL B 31 2.61 29.68 29.57
CA VAL B 31 3.01 28.99 30.78
C VAL B 31 4.53 29.06 30.92
N SER B 32 5.20 29.40 29.82
CA SER B 32 6.64 29.53 29.78
C SER B 32 7.12 30.88 30.29
N SER B 33 7.73 30.89 31.47
CA SER B 33 8.32 32.10 32.01
C SER B 33 9.37 32.66 31.05
N THR B 34 10.07 31.77 30.35
CA THR B 34 11.10 32.18 29.40
C THR B 34 10.52 33.09 28.31
N LYS B 35 9.41 32.68 27.72
CA LYS B 35 8.79 33.45 26.64
C LYS B 35 8.20 34.77 27.14
N ILE B 36 7.55 34.72 28.29
CA ILE B 36 6.97 35.92 28.89
C ILE B 36 8.04 36.95 29.17
N ASP B 37 9.16 36.51 29.74
CA ASP B 37 10.27 37.42 30.07
C ASP B 37 10.80 38.10 28.81
N LEU B 38 10.97 37.32 27.75
CA LEU B 38 11.42 37.85 26.47
C LEU B 38 10.45 38.88 25.90
N ILE B 39 9.14 38.58 25.92
CA ILE B 39 8.13 39.52 25.42
C ILE B 39 8.18 40.82 26.21
N ASN B 40 8.26 40.71 27.52
CA ASN B 40 8.31 41.89 28.38
C ASN B 40 9.58 42.73 28.13
N GLN B 41 10.62 42.12 27.57
CA GLN B 41 11.83 42.86 27.21
C GLN B 41 11.79 43.39 25.78
N GLY B 42 10.71 43.09 25.06
CA GLY B 42 10.62 43.47 23.67
C GLY B 42 11.51 42.61 22.78
N LYS B 43 11.76 41.37 23.21
CA LYS B 43 12.62 40.45 22.46
C LYS B 43 11.83 39.28 21.89
N SER B 44 12.19 38.88 20.67
CA SER B 44 11.57 37.74 20.03
C SER B 44 12.06 36.41 20.60
N PRO B 45 11.12 35.52 20.87
CA PRO B 45 11.44 34.16 21.31
C PRO B 45 11.93 33.29 20.16
N ILE B 46 11.72 33.76 18.92
CA ILE B 46 12.01 33.00 17.71
C ILE B 46 12.72 33.83 16.66
N VAL B 47 13.37 33.17 15.71
CA VAL B 47 13.91 33.88 14.56
C VAL B 47 12.78 33.99 13.54
N GLU B 48 12.32 35.21 13.31
CA GLU B 48 11.20 35.52 12.42
C GLU B 48 11.43 36.97 11.99
N PRO B 49 11.72 37.19 10.71
CA PRO B 49 12.08 38.54 10.24
C PRO B 49 11.07 39.62 10.61
N GLY B 50 11.55 40.68 11.26
CA GLY B 50 10.73 41.81 11.60
C GLY B 50 9.96 41.72 12.90
N LEU B 51 9.89 40.55 13.52
CA LEU B 51 9.09 40.35 14.73
C LEU B 51 9.62 41.14 15.94
N GLU B 52 10.93 41.06 16.18
CA GLU B 52 11.50 41.74 17.33
C GLU B 52 11.15 43.23 17.33
N ALA B 53 11.20 43.86 16.16
CA ALA B 53 10.86 45.28 16.07
C ALA B 53 9.42 45.52 16.49
N LEU B 54 8.52 44.63 16.08
CA LEU B 54 7.11 44.80 16.43
C LEU B 54 6.92 44.66 17.92
N LEU B 55 7.62 43.70 18.52
CA LEU B 55 7.51 43.49 19.95
C LEU B 55 8.11 44.67 20.73
N GLN B 56 9.22 45.21 20.24
CA GLN B 56 9.83 46.40 20.86
C GLN B 56 8.84 47.55 20.84
N GLN B 57 8.26 47.78 19.66
CA GLN B 57 7.26 48.82 19.45
C GLN B 57 6.08 48.69 20.40
N GLY B 58 5.62 47.46 20.60
CA GLY B 58 4.49 47.20 21.48
C GLY B 58 4.78 47.50 22.94
N ARG B 59 5.99 47.17 23.38
CA ARG B 59 6.40 47.49 24.76
C ARG B 59 6.56 48.99 24.92
N GLN B 60 7.26 49.61 23.98
CA GLN B 60 7.50 51.06 24.00
C GLN B 60 6.19 51.84 24.12
N THR B 61 5.20 51.44 23.33
CA THR B 61 3.91 52.13 23.31
C THR B 61 3.00 51.74 24.47
N GLY B 62 3.42 50.75 25.25
CA GLY B 62 2.62 50.29 26.38
C GLY B 62 1.42 49.44 25.99
N ARG B 63 1.37 49.03 24.72
CA ARG B 63 0.26 48.22 24.24
C ARG B 63 0.45 46.71 24.38
N LEU B 64 1.68 46.27 24.62
CA LEU B 64 2.00 44.84 24.70
C LEU B 64 2.62 44.47 26.04
N SER B 65 2.21 43.34 26.58
CA SER B 65 2.76 42.80 27.82
C SER B 65 2.57 41.28 27.86
N GLY B 66 3.35 40.60 28.68
CA GLY B 66 3.27 39.16 28.83
C GLY B 66 3.05 38.76 30.28
N THR B 67 2.31 37.68 30.49
CA THR B 67 2.02 37.19 31.84
C THR B 67 1.66 35.70 31.87
N THR B 68 1.86 35.09 33.03
CA THR B 68 1.41 33.71 33.24
C THR B 68 0.04 33.75 33.94
N ASP B 69 -0.41 34.94 34.35
CA ASP B 69 -1.67 35.10 35.09
C ASP B 69 -2.88 35.07 34.17
N PHE B 70 -3.36 33.87 33.85
CA PHE B 70 -4.45 33.73 32.88
C PHE B 70 -5.76 34.39 33.35
N LYS B 71 -6.01 34.36 34.64
CA LYS B 71 -7.22 34.97 35.20
C LYS B 71 -7.24 36.46 34.96
N LYS B 72 -6.14 37.12 35.29
CA LYS B 72 -6.01 38.56 35.13
C LYS B 72 -6.07 38.91 33.63
N ALA B 73 -5.41 38.11 32.79
CA ALA B 73 -5.41 38.36 31.35
C ALA B 73 -6.84 38.40 30.80
N VAL B 74 -7.65 37.45 31.23
CA VAL B 74 -9.04 37.37 30.79
C VAL B 74 -9.86 38.54 31.32
N LEU B 75 -9.67 38.87 32.60
CA LEU B 75 -10.39 39.99 33.21
C LEU B 75 -10.08 41.30 32.50
N ASP B 76 -8.83 41.46 32.05
CA ASP B 76 -8.39 42.70 31.42
C ASP B 76 -8.44 42.71 29.89
N SER B 77 -9.20 41.79 29.30
CA SER B 77 -9.39 41.79 27.84
C SER B 77 -10.83 41.42 27.48
N ASP B 78 -11.22 41.67 26.24
CA ASP B 78 -12.58 41.34 25.80
C ASP B 78 -12.62 40.12 24.88
N VAL B 79 -11.48 39.78 24.29
CA VAL B 79 -11.38 38.60 23.45
C VAL B 79 -10.07 37.87 23.72
N SER B 80 -10.13 36.54 23.76
CA SER B 80 -8.96 35.69 23.91
C SER B 80 -8.79 34.82 22.68
N PHE B 81 -7.61 34.89 22.06
CA PHE B 81 -7.28 33.98 20.96
C PHE B 81 -6.51 32.80 21.55
N ILE B 82 -6.89 31.59 21.16
CA ILE B 82 -6.16 30.39 21.56
C ILE B 82 -5.18 30.01 20.42
N CYS B 83 -3.90 30.01 20.76
CA CYS B 83 -2.82 29.73 19.82
C CYS B 83 -1.84 28.73 20.41
N VAL B 84 -2.34 27.82 21.25
CA VAL B 84 -1.49 26.80 21.86
C VAL B 84 -1.20 25.66 20.88
N GLY B 85 -0.20 24.86 21.20
CA GLY B 85 0.20 23.76 20.34
C GLY B 85 -0.88 22.71 20.14
N THR B 86 -0.89 22.11 18.95
CA THR B 86 -1.71 20.93 18.68
C THR B 86 -0.86 19.88 17.97
N PRO B 87 0.18 19.40 18.67
CA PRO B 87 1.10 18.41 18.10
C PRO B 87 0.46 17.04 17.94
N SER B 88 1.17 16.13 17.28
CA SER B 88 0.69 14.76 17.14
C SER B 88 0.85 14.00 18.44
N LYS B 89 -0.09 13.10 18.72
CA LYS B 89 0.13 12.10 19.74
C LYS B 89 1.05 11.07 19.09
N LYS B 90 1.52 10.10 19.86
CA LYS B 90 2.40 9.06 19.32
C LYS B 90 1.76 8.29 18.14
N ASN B 91 0.43 8.16 18.15
CA ASN B 91 -0.28 7.44 17.09
C ASN B 91 -0.61 8.29 15.85
N GLY B 92 -0.20 9.55 15.86
CA GLY B 92 -0.47 10.43 14.73
C GLY B 92 -1.74 11.26 14.84
N ASP B 93 -2.58 10.93 15.82
CA ASP B 93 -3.80 11.69 16.05
C ASP B 93 -3.47 13.05 16.68
N LEU B 94 -4.44 13.95 16.64
CA LEU B 94 -4.33 15.28 17.24
C LEU B 94 -4.24 15.21 18.77
N ASP B 95 -3.22 15.83 19.35
CA ASP B 95 -3.08 15.91 20.80
C ASP B 95 -3.85 17.13 21.28
N LEU B 96 -4.96 16.89 21.99
CA LEU B 96 -5.82 17.96 22.52
C LEU B 96 -5.41 18.44 23.92
N GLY B 97 -4.29 17.94 24.43
CA GLY B 97 -3.87 18.25 25.78
C GLY B 97 -3.76 19.72 26.14
N TYR B 98 -3.08 20.48 25.30
CA TYR B 98 -2.91 21.90 25.58
C TYR B 98 -4.20 22.67 25.40
N ILE B 99 -4.99 22.35 24.38
CA ILE B 99 -6.23 23.07 24.20
C ILE B 99 -7.16 22.79 25.40
N GLU B 100 -7.18 21.54 25.87
CA GLU B 100 -8.02 21.19 27.03
C GLU B 100 -7.66 22.00 28.27
N THR B 101 -6.37 22.12 28.59
CA THR B 101 -6.07 22.90 29.80
C THR B 101 -6.42 24.36 29.62
N VAL B 102 -6.28 24.89 28.41
CA VAL B 102 -6.48 26.31 28.20
C VAL B 102 -7.95 26.61 28.31
N CYS B 103 -8.76 25.68 27.80
CA CYS B 103 -10.21 25.81 27.89
C CYS B 103 -10.68 25.80 29.35
N ARG B 104 -10.09 24.94 30.17
CA ARG B 104 -10.44 24.90 31.57
C ARG B 104 -10.03 26.20 32.26
N GLU B 105 -8.82 26.68 31.96
CA GLU B 105 -8.32 27.93 32.53
C GLU B 105 -9.23 29.09 32.15
N ILE B 106 -9.54 29.20 30.86
CA ILE B 106 -10.39 30.27 30.39
C ILE B 106 -11.77 30.16 31.02
N GLY B 107 -12.28 28.93 31.12
CA GLY B 107 -13.57 28.68 31.73
C GLY B 107 -13.62 29.16 33.18
N PHE B 108 -12.58 28.87 33.95
CA PHE B 108 -12.55 29.32 35.34
C PHE B 108 -12.42 30.85 35.44
N ALA B 109 -11.69 31.45 34.52
CA ALA B 109 -11.51 32.91 34.52
C ALA B 109 -12.80 33.66 34.17
N ILE B 110 -13.60 33.11 33.24
CA ILE B 110 -14.84 33.78 32.84
C ILE B 110 -15.92 33.61 33.90
N ARG B 111 -15.78 32.61 34.76
CA ARG B 111 -16.70 32.45 35.87
C ARG B 111 -16.56 33.66 36.79
N GLU B 112 -15.35 34.24 36.83
CA GLU B 112 -15.04 35.37 37.71
C GLU B 112 -15.30 36.74 37.06
N LYS B 113 -15.97 36.75 35.90
CA LYS B 113 -16.23 37.96 35.14
C LYS B 113 -17.70 38.05 34.72
N SER B 114 -18.35 39.18 35.02
CA SER B 114 -19.77 39.36 34.67
C SER B 114 -19.95 39.74 33.21
N GLU B 115 -19.07 40.61 32.71
CA GLU B 115 -19.13 41.08 31.33
C GLU B 115 -18.85 39.94 30.34
N ARG B 116 -19.48 40.02 29.17
CA ARG B 116 -19.36 39.00 28.14
C ARG B 116 -17.95 38.92 27.54
N HIS B 117 -17.37 37.73 27.62
CA HIS B 117 -16.05 37.47 27.07
C HIS B 117 -16.22 36.74 25.75
N THR B 118 -15.16 36.74 24.94
CA THR B 118 -15.17 36.07 23.63
C THR B 118 -13.92 35.21 23.46
N VAL B 119 -14.13 33.97 23.02
CA VAL B 119 -13.05 33.00 22.85
C VAL B 119 -12.96 32.59 21.39
N VAL B 120 -11.78 32.71 20.82
CA VAL B 120 -11.58 32.41 19.41
C VAL B 120 -10.42 31.44 19.29
N VAL B 121 -10.67 30.29 18.67
CA VAL B 121 -9.62 29.30 18.48
C VAL B 121 -8.88 29.52 17.17
N ARG B 122 -7.60 29.87 17.26
CA ARG B 122 -6.76 30.01 16.07
C ARG B 122 -5.94 28.74 15.83
N SER B 123 -5.66 27.99 16.89
CA SER B 123 -4.96 26.72 16.77
C SER B 123 -5.72 25.82 15.81
N THR B 124 -4.98 25.05 15.04
CA THR B 124 -5.56 24.11 14.11
C THR B 124 -6.12 22.91 14.89
N VAL B 125 -7.43 22.71 14.78
CA VAL B 125 -8.10 21.59 15.45
C VAL B 125 -9.06 20.89 14.47
N LEU B 126 -9.23 19.59 14.63
CA LEU B 126 -10.09 18.81 13.73
C LEU B 126 -11.56 19.22 13.81
N PRO B 127 -12.28 19.00 12.71
CA PRO B 127 -13.72 19.23 12.66
C PRO B 127 -14.33 18.47 13.81
N GLY B 128 -15.10 19.19 14.60
CA GLY B 128 -15.79 18.63 15.74
C GLY B 128 -15.18 19.05 17.07
N THR B 129 -13.95 19.55 17.07
CA THR B 129 -13.26 19.87 18.32
C THR B 129 -13.93 20.97 19.10
N VAL B 130 -14.33 22.04 18.42
CA VAL B 130 -14.98 23.12 19.12
C VAL B 130 -16.29 22.67 19.78
N ASN B 131 -17.14 21.97 19.03
CA ASN B 131 -18.42 21.50 19.57
C ASN B 131 -18.28 20.43 20.65
N ASN B 132 -17.33 19.51 20.48
CA ASN B 132 -17.21 18.38 21.37
C ASN B 132 -16.19 18.49 22.50
N VAL B 133 -15.28 19.46 22.41
CA VAL B 133 -14.26 19.59 23.43
C VAL B 133 -14.21 20.98 24.03
N VAL B 134 -14.00 21.97 23.16
CA VAL B 134 -13.87 23.35 23.59
C VAL B 134 -15.10 23.88 24.33
N ILE B 135 -16.26 23.77 23.70
CA ILE B 135 -17.50 24.27 24.28
C ILE B 135 -17.85 23.57 25.60
N PRO B 136 -17.91 22.24 25.60
CA PRO B 136 -18.18 21.52 26.86
C PRO B 136 -17.23 21.88 28.00
N LEU B 137 -15.93 21.97 27.75
CA LEU B 137 -14.98 22.32 28.80
C LEU B 137 -15.14 23.75 29.31
N ILE B 138 -15.31 24.71 28.40
CA ILE B 138 -15.50 26.07 28.85
C ILE B 138 -16.80 26.19 29.63
N GLU B 139 -17.86 25.56 29.13
CA GLU B 139 -19.18 25.59 29.79
C GLU B 139 -19.10 24.93 31.16
N ASP B 140 -18.50 23.76 31.23
CA ASP B 140 -18.36 23.02 32.48
C ASP B 140 -17.62 23.84 33.55
N CYS B 141 -16.51 24.47 33.18
CA CYS B 141 -15.69 25.20 34.14
C CYS B 141 -16.22 26.59 34.47
N SER B 142 -16.97 27.20 33.56
CA SER B 142 -17.53 28.52 33.78
C SER B 142 -18.93 28.46 34.36
N GLY B 143 -19.65 27.37 34.09
CA GLY B 143 -21.04 27.26 34.46
C GLY B 143 -21.90 28.20 33.62
N LYS B 144 -21.36 28.66 32.50
CA LYS B 144 -22.09 29.55 31.59
C LYS B 144 -22.29 28.89 30.21
N LYS B 145 -23.11 29.48 29.34
CA LYS B 145 -23.45 28.86 28.06
C LYS B 145 -22.76 29.49 26.84
N ALA B 146 -22.25 28.63 25.97
CA ALA B 146 -21.59 29.07 24.74
C ALA B 146 -22.53 29.87 23.84
N GLY B 147 -22.01 30.97 23.28
CA GLY B 147 -22.74 31.85 22.37
C GLY B 147 -23.57 32.87 23.12
N VAL B 148 -24.40 32.39 24.03
CA VAL B 148 -25.23 33.26 24.85
C VAL B 148 -24.39 34.06 25.85
N ASP B 149 -23.72 33.36 26.78
CA ASP B 149 -22.94 34.01 27.84
C ASP B 149 -21.51 34.39 27.45
N PHE B 150 -20.92 33.63 26.54
CA PHE B 150 -19.60 33.97 26.03
C PHE B 150 -19.58 33.71 24.53
N GLY B 151 -18.83 34.52 23.82
CA GLY B 151 -18.72 34.37 22.38
C GLY B 151 -17.77 33.21 22.08
N VAL B 152 -18.04 32.49 20.99
CA VAL B 152 -17.17 31.43 20.55
C VAL B 152 -17.06 31.40 19.03
N GLY B 153 -15.82 31.29 18.55
CA GLY B 153 -15.60 31.15 17.12
C GLY B 153 -14.24 30.56 16.84
N THR B 154 -13.97 30.26 15.57
CA THR B 154 -12.64 29.85 15.15
C THR B 154 -12.14 30.82 14.09
N ASN B 155 -10.82 30.84 13.95
CA ASN B 155 -10.16 31.75 13.05
C ASN B 155 -8.80 31.17 12.74
N PRO B 156 -8.78 30.17 11.84
CA PRO B 156 -7.54 29.49 11.49
C PRO B 156 -6.54 30.50 10.95
N GLU B 157 -5.26 30.17 11.08
CA GLU B 157 -4.19 31.03 10.58
C GLU B 157 -3.53 30.35 9.40
N PHE B 158 -3.05 31.17 8.46
CA PHE B 158 -2.45 30.66 7.24
C PHE B 158 -1.01 31.13 7.08
N LEU B 159 -0.42 31.56 8.19
CA LEU B 159 0.93 32.09 8.22
C LEU B 159 1.97 31.03 7.97
N ARG B 160 3.00 31.40 7.20
CA ARG B 160 4.18 30.57 7.00
C ARG B 160 5.34 31.10 7.85
N GLU B 161 6.04 30.20 8.54
CA GLU B 161 7.23 30.59 9.30
C GLU B 161 8.31 31.12 8.35
N SER B 162 8.99 32.19 8.79
CA SER B 162 10.02 32.94 8.04
C SER B 162 9.42 34.11 7.22
N THR B 163 8.12 34.04 6.92
CA THR B 163 7.40 35.13 6.22
C THR B 163 6.10 35.45 6.93
N ALA B 164 6.06 35.18 8.23
CA ALA B 164 4.82 35.26 8.98
C ALA B 164 4.19 36.65 9.01
N ILE B 165 5.01 37.68 9.13
CA ILE B 165 4.47 39.05 9.21
C ILE B 165 3.91 39.48 7.86
N LYS B 166 4.64 39.20 6.78
CA LYS B 166 4.16 39.50 5.44
C LYS B 166 2.86 38.73 5.20
N ASP B 167 2.83 37.47 5.64
CA ASP B 167 1.62 36.65 5.47
C ASP B 167 0.46 37.20 6.30
N TYR B 168 0.73 37.72 7.48
CA TYR B 168 -0.33 38.30 8.29
C TYR B 168 -0.89 39.54 7.59
N ASP B 169 0.02 40.36 7.07
CA ASP B 169 -0.33 41.64 6.47
C ASP B 169 -1.04 41.51 5.13
N PHE B 170 -0.71 40.43 4.40
CA PHE B 170 -1.20 40.22 3.05
C PHE B 170 -1.61 38.76 2.87
N PRO B 171 -2.65 38.33 3.60
CA PRO B 171 -3.10 36.94 3.52
C PRO B 171 -3.91 36.69 2.26
N PRO B 172 -4.05 35.43 1.87
CA PRO B 172 -4.89 35.09 0.73
C PRO B 172 -6.35 35.36 1.07
N MET B 173 -6.68 35.17 2.34
CA MET B 173 -8.06 35.30 2.80
C MET B 173 -8.07 35.18 4.32
N THR B 174 -9.14 35.67 4.93
CA THR B 174 -9.39 35.54 6.35
C THR B 174 -10.55 34.55 6.46
N VAL B 175 -10.37 33.51 7.25
CA VAL B 175 -11.42 32.53 7.43
C VAL B 175 -11.92 32.56 8.86
N ILE B 176 -13.24 32.66 8.99
CA ILE B 176 -13.89 32.72 10.29
C ILE B 176 -14.90 31.59 10.42
N GLY B 177 -14.83 30.86 11.53
CA GLY B 177 -15.79 29.83 11.90
C GLY B 177 -16.70 30.47 12.92
N GLU B 178 -17.99 30.46 12.62
CA GLU B 178 -18.95 31.27 13.36
C GLU B 178 -20.08 30.51 14.05
N LEU B 179 -20.33 30.85 15.31
CA LEU B 179 -21.50 30.36 16.04
C LEU B 179 -22.33 31.62 16.29
N ASP B 180 -22.10 32.33 17.40
CA ASP B 180 -22.79 33.59 17.65
C ASP B 180 -22.32 34.69 16.68
N LYS B 181 -23.26 35.46 16.16
CA LYS B 181 -22.95 36.54 15.23
C LYS B 181 -21.98 37.60 15.79
N GLN B 182 -22.10 37.93 17.07
CA GLN B 182 -21.24 38.97 17.66
C GLN B 182 -19.75 38.69 17.51
N THR B 183 -19.37 37.43 17.71
CA THR B 183 -17.98 37.03 17.58
C THR B 183 -17.51 37.11 16.13
N GLY B 184 -18.35 36.69 15.20
CA GLY B 184 -18.07 36.79 13.78
C GLY B 184 -17.83 38.24 13.40
N ASP B 185 -18.71 39.11 13.87
CA ASP B 185 -18.62 40.55 13.61
C ASP B 185 -17.35 41.16 14.18
N LEU B 186 -16.98 40.71 15.37
CA LEU B 186 -15.78 41.15 16.05
C LEU B 186 -14.53 40.79 15.23
N LEU B 187 -14.48 39.53 14.78
CA LEU B 187 -13.36 39.09 13.96
C LEU B 187 -13.30 39.86 12.65
N GLU B 188 -14.46 40.08 12.03
CA GLU B 188 -14.51 40.84 10.77
C GLU B 188 -13.91 42.24 10.98
N GLU B 189 -14.24 42.87 12.10
CA GLU B 189 -13.73 44.20 12.41
C GLU B 189 -12.20 44.18 12.60
N ILE B 190 -11.66 43.12 13.15
CA ILE B 190 -10.22 43.02 13.35
C ILE B 190 -9.49 42.97 12.02
N TYR B 191 -10.06 42.24 11.07
CA TYR B 191 -9.39 41.97 9.80
C TYR B 191 -9.89 42.82 8.60
N ARG B 192 -10.82 43.73 8.84
CA ARG B 192 -11.41 44.53 7.76
C ARG B 192 -10.41 45.26 6.87
N GLU B 193 -9.38 45.84 7.46
CA GLU B 193 -8.41 46.65 6.74
C GLU B 193 -7.51 45.85 5.78
N LEU B 194 -7.45 44.53 5.96
CA LEU B 194 -6.61 43.68 5.10
C LEU B 194 -7.19 43.58 3.67
N ASP B 195 -6.31 43.45 2.68
CA ASP B 195 -6.71 43.38 1.26
C ASP B 195 -6.93 41.94 0.81
N ALA B 196 -7.98 41.34 1.37
CA ALA B 196 -8.29 39.97 1.05
C ALA B 196 -9.74 39.72 1.46
N PRO B 197 -10.34 38.68 0.89
CA PRO B 197 -11.72 38.36 1.24
C PRO B 197 -11.84 37.88 2.67
N ILE B 198 -12.98 38.16 3.28
CA ILE B 198 -13.31 37.64 4.60
C ILE B 198 -14.38 36.58 4.33
N ILE B 199 -14.12 35.37 4.82
CA ILE B 199 -15.00 34.24 4.59
C ILE B 199 -15.50 33.71 5.92
N ARG B 200 -16.82 33.82 6.11
CA ARG B 200 -17.46 33.39 7.34
C ARG B 200 -18.29 32.15 7.07
N LYS B 201 -17.93 31.05 7.74
CA LYS B 201 -18.57 29.75 7.56
C LYS B 201 -18.89 29.15 8.92
N THR B 202 -19.50 27.96 8.95
CA THR B 202 -19.69 27.28 10.23
C THR B 202 -18.31 26.90 10.76
N VAL B 203 -18.27 26.63 12.06
CA VAL B 203 -17.04 26.19 12.69
C VAL B 203 -16.45 24.96 12.00
N GLU B 204 -17.28 23.96 11.72
CA GLU B 204 -16.78 22.72 11.11
C GLU B 204 -16.18 22.94 9.73
N VAL B 205 -16.83 23.79 8.93
CA VAL B 205 -16.35 24.08 7.60
C VAL B 205 -15.01 24.82 7.71
N ALA B 206 -14.93 25.75 8.65
CA ALA B 206 -13.68 26.50 8.86
C ALA B 206 -12.52 25.55 9.23
N GLU B 207 -12.80 24.62 10.15
CA GLU B 207 -11.82 23.63 10.63
C GLU B 207 -11.36 22.76 9.41
N MET B 208 -12.32 22.28 8.64
CA MET B 208 -12.05 21.46 7.45
C MET B 208 -11.20 22.23 6.41
N ILE B 209 -11.52 23.49 6.20
CA ILE B 209 -10.77 24.32 5.26
C ILE B 209 -9.28 24.40 5.61
N LYS B 210 -8.98 24.64 6.89
CA LYS B 210 -7.60 24.72 7.35
C LYS B 210 -6.81 23.44 7.06
N TYR B 211 -7.36 22.30 7.48
CA TYR B 211 -6.71 21.02 7.20
C TYR B 211 -6.50 20.80 5.72
N THR B 212 -7.53 21.10 4.94
CA THR B 212 -7.48 20.88 3.50
C THR B 212 -6.38 21.71 2.86
N CYS B 213 -6.22 22.96 3.29
CA CYS B 213 -5.13 23.81 2.82
C CYS B 213 -3.78 23.17 3.09
N ASN B 214 -3.53 22.73 4.32
CA ASN B 214 -2.22 22.17 4.66
C ASN B 214 -1.95 20.86 3.94
N VAL B 215 -2.95 19.99 3.85
CA VAL B 215 -2.76 18.72 3.17
C VAL B 215 -2.59 18.94 1.66
N TRP B 216 -3.27 19.94 1.11
CA TRP B 216 -3.05 20.33 -0.29
C TRP B 216 -1.58 20.73 -0.51
N HIS B 217 -1.05 21.58 0.39
CA HIS B 217 0.34 22.04 0.29
C HIS B 217 1.28 20.84 0.30
N ALA B 218 1.02 19.92 1.22
CA ALA B 218 1.79 18.68 1.31
C ALA B 218 1.68 17.86 0.01
N ALA B 219 0.49 17.80 -0.56
CA ALA B 219 0.27 17.05 -1.80
C ALA B 219 1.03 17.69 -2.97
N LYS B 220 1.05 19.02 -3.02
CA LYS B 220 1.75 19.74 -4.08
C LYS B 220 3.25 19.41 -4.05
N VAL B 221 3.85 19.48 -2.87
CA VAL B 221 5.27 19.17 -2.72
C VAL B 221 5.54 17.75 -3.12
N THR B 222 4.72 16.83 -2.63
CA THR B 222 4.91 15.42 -2.93
C THR B 222 4.83 15.14 -4.43
N PHE B 223 3.87 15.78 -5.11
CA PHE B 223 3.72 15.59 -6.54
C PHE B 223 4.99 16.07 -7.26
N ALA B 224 5.43 17.29 -6.92
CA ALA B 224 6.64 17.88 -7.52
C ALA B 224 7.86 17.00 -7.32
N ASN B 225 8.00 16.45 -6.12
CA ASN B 225 9.14 15.57 -5.82
C ASN B 225 9.11 14.28 -6.62
N GLU B 226 7.94 13.63 -6.68
CA GLU B 226 7.84 12.37 -7.41
C GLU B 226 8.09 12.56 -8.91
N ILE B 227 7.50 13.62 -9.47
CA ILE B 227 7.73 13.95 -10.87
C ILE B 227 9.21 14.28 -11.07
N GLY B 228 9.78 15.05 -10.16
CA GLY B 228 11.19 15.39 -10.20
C GLY B 228 12.07 14.15 -10.24
N ASN B 229 11.76 13.18 -9.38
CA ASN B 229 12.52 11.94 -9.31
C ASN B 229 12.47 11.19 -10.64
N ILE B 230 11.29 11.13 -11.23
CA ILE B 230 11.12 10.46 -12.51
C ILE B 230 11.91 11.22 -13.58
N ALA B 231 11.78 12.54 -13.57
CA ALA B 231 12.48 13.40 -14.52
C ALA B 231 14.00 13.15 -14.48
N LYS B 232 14.58 13.16 -13.28
CA LYS B 232 16.01 12.90 -13.14
C LYS B 232 16.37 11.53 -13.73
N ALA B 233 15.54 10.53 -13.46
CA ALA B 233 15.77 9.18 -13.94
C ALA B 233 15.71 9.07 -15.48
N VAL B 234 14.93 9.92 -16.14
CA VAL B 234 14.89 9.91 -17.61
C VAL B 234 15.89 10.90 -18.24
N GLY B 235 16.75 11.49 -17.40
CA GLY B 235 17.83 12.36 -17.87
C GLY B 235 17.45 13.80 -18.14
N VAL B 236 16.45 14.28 -17.40
CA VAL B 236 15.89 15.61 -17.60
C VAL B 236 15.83 16.41 -16.27
N ASP B 237 15.81 17.73 -16.38
CA ASP B 237 15.73 18.60 -15.20
C ASP B 237 14.29 18.72 -14.74
N GLY B 238 13.95 18.11 -13.60
CA GLY B 238 12.59 18.16 -13.09
C GLY B 238 12.06 19.56 -12.86
N ARG B 239 12.95 20.50 -12.53
CA ARG B 239 12.56 21.89 -12.28
C ARG B 239 12.07 22.53 -13.57
N GLU B 240 12.72 22.19 -14.68
CA GLU B 240 12.35 22.71 -15.98
C GLU B 240 10.94 22.22 -16.34
N VAL B 241 10.67 20.96 -16.04
CA VAL B 241 9.36 20.38 -16.29
C VAL B 241 8.29 21.11 -15.48
N MET B 242 8.49 21.19 -14.17
CA MET B 242 7.49 21.82 -13.31
C MET B 242 7.32 23.32 -13.62
N ASP B 243 8.41 23.99 -13.99
CA ASP B 243 8.32 25.41 -14.35
C ASP B 243 7.29 25.58 -15.48
N VAL B 244 7.32 24.68 -16.46
CA VAL B 244 6.38 24.77 -17.57
C VAL B 244 4.97 24.44 -17.11
N ILE B 245 4.81 23.42 -16.27
CA ILE B 245 3.51 23.10 -15.71
C ILE B 245 2.87 24.35 -15.06
N CYS B 246 3.70 25.14 -14.36
CA CYS B 246 3.23 26.32 -13.64
C CYS B 246 2.96 27.54 -14.55
N GLN B 247 3.16 27.40 -15.85
CA GLN B 247 2.83 28.47 -16.80
C GLN B 247 1.38 28.35 -17.29
N ASP B 248 0.75 27.24 -16.93
CA ASP B 248 -0.62 26.95 -17.36
C ASP B 248 -1.59 27.31 -16.25
N HIS B 249 -2.23 28.47 -16.41
CA HIS B 249 -3.22 28.97 -15.46
C HIS B 249 -4.65 28.65 -15.87
N LYS B 250 -4.80 27.85 -16.92
CA LYS B 250 -6.13 27.42 -17.38
C LYS B 250 -6.52 26.07 -16.78
N LEU B 251 -5.62 25.09 -16.85
CA LEU B 251 -5.91 23.75 -16.33
C LEU B 251 -5.06 23.40 -15.09
N ASN B 252 -3.76 23.62 -15.15
CA ASN B 252 -2.87 23.23 -14.05
C ASN B 252 -3.05 24.04 -12.77
N LEU B 253 -2.91 25.36 -12.88
CA LEU B 253 -3.05 26.23 -11.69
C LEU B 253 -4.40 26.96 -11.61
N SER B 254 -5.47 26.30 -12.02
CA SER B 254 -6.79 26.87 -11.92
C SER B 254 -7.61 25.98 -11.02
N ARG B 255 -8.88 26.30 -10.87
CA ARG B 255 -9.80 25.49 -10.08
C ARG B 255 -10.31 24.26 -10.84
N TYR B 256 -10.02 24.14 -12.15
CA TYR B 256 -10.48 22.97 -12.92
C TYR B 256 -9.83 21.74 -12.29
N TYR B 257 -10.59 20.66 -12.25
CA TYR B 257 -10.24 19.37 -11.61
C TYR B 257 -10.37 19.35 -10.08
N MET B 258 -10.69 20.49 -9.47
CA MET B 258 -10.71 20.60 -8.00
C MET B 258 -12.08 20.47 -7.34
N ARG B 259 -13.07 19.98 -8.09
CA ARG B 259 -14.40 19.76 -7.54
C ARG B 259 -14.52 18.31 -7.07
N PRO B 260 -14.94 18.10 -5.83
CA PRO B 260 -15.16 16.74 -5.35
C PRO B 260 -16.31 16.13 -6.14
N GLY B 261 -16.17 14.86 -6.51
CA GLY B 261 -17.19 14.20 -7.29
C GLY B 261 -16.81 12.77 -7.59
N PHE B 262 -16.86 12.41 -8.87
CA PHE B 262 -16.66 11.02 -9.25
C PHE B 262 -15.25 10.73 -9.78
N ALA B 263 -14.97 9.45 -10.00
CA ALA B 263 -13.72 9.00 -10.56
C ALA B 263 -13.43 9.70 -11.88
N PHE B 264 -12.16 9.91 -12.18
CA PHE B 264 -11.77 10.38 -13.51
C PHE B 264 -11.76 9.18 -14.45
N GLY B 265 -11.86 9.46 -15.74
CA GLY B 265 -11.89 8.43 -16.74
C GLY B 265 -11.56 9.01 -18.08
N GLY B 266 -12.03 8.36 -19.13
CA GLY B 266 -11.73 8.81 -20.46
C GLY B 266 -10.50 8.12 -21.03
N SER B 267 -10.18 8.51 -22.25
CA SER B 267 -9.16 7.87 -23.07
C SER B 267 -7.73 8.25 -22.81
N CYS B 268 -7.50 9.19 -21.89
CA CYS B 268 -6.15 9.70 -21.68
C CYS B 268 -5.63 9.74 -20.24
N LEU B 269 -6.39 10.27 -19.28
CA LEU B 269 -5.88 10.31 -17.92
C LEU B 269 -5.47 8.92 -17.37
N PRO B 270 -6.37 7.95 -17.40
CA PRO B 270 -6.01 6.63 -16.87
C PRO B 270 -4.81 6.01 -17.57
N LYS B 271 -4.78 6.03 -18.90
CA LYS B 271 -3.67 5.35 -19.59
C LYS B 271 -2.35 6.08 -19.34
N ASP B 272 -2.38 7.40 -19.25
CA ASP B 272 -1.15 8.16 -19.05
C ASP B 272 -0.61 8.00 -17.62
N VAL B 273 -1.51 7.96 -16.64
CA VAL B 273 -1.12 7.66 -15.28
C VAL B 273 -0.46 6.25 -15.28
N ARG B 274 -1.12 5.28 -15.90
CA ARG B 274 -0.59 3.91 -15.92
C ARG B 274 0.78 3.88 -16.60
N ALA B 275 0.94 4.55 -17.74
CA ALA B 275 2.20 4.51 -18.46
C ALA B 275 3.35 5.15 -17.69
N LEU B 276 3.11 6.32 -17.10
CA LEU B 276 4.17 7.01 -16.39
C LEU B 276 4.62 6.23 -15.15
N THR B 277 3.67 5.70 -14.39
CA THR B 277 3.99 4.91 -13.20
C THR B 277 4.66 3.60 -13.59
N TYR B 278 4.23 3.02 -14.70
CA TYR B 278 4.90 1.82 -15.23
C TYR B 278 6.38 2.11 -15.52
N ARG B 279 6.63 3.21 -16.23
CA ARG B 279 8.01 3.60 -16.56
C ARG B 279 8.83 3.90 -15.30
N ALA B 280 8.20 4.59 -14.35
CA ALA B 280 8.86 4.90 -13.08
C ALA B 280 9.30 3.60 -12.41
N SER B 281 8.41 2.61 -12.41
CA SER B 281 8.72 1.32 -11.80
C SER B 281 9.90 0.64 -12.51
N GLN B 282 9.92 0.69 -13.84
CA GLN B 282 11.02 0.11 -14.60
C GLN B 282 12.35 0.78 -14.24
N LEU B 283 12.31 2.07 -13.92
CA LEU B 283 13.49 2.84 -13.58
C LEU B 283 13.85 2.84 -12.10
N ASP B 284 13.18 1.96 -11.33
CA ASP B 284 13.40 1.83 -9.88
C ASP B 284 13.18 3.13 -9.11
N VAL B 285 12.22 3.92 -9.56
CA VAL B 285 11.84 5.15 -8.89
C VAL B 285 10.55 4.90 -8.13
N GLU B 286 10.64 4.81 -6.81
CA GLU B 286 9.43 4.62 -6.00
C GLU B 286 8.56 5.88 -6.12
N HIS B 287 7.25 5.70 -6.09
CA HIS B 287 6.30 6.79 -6.33
C HIS B 287 4.97 6.50 -5.63
N PRO B 288 4.98 6.46 -4.31
CA PRO B 288 3.76 6.11 -3.55
C PRO B 288 2.55 6.95 -3.91
N MET B 289 2.70 8.25 -4.06
CA MET B 289 1.55 9.09 -4.36
C MET B 289 1.02 8.85 -5.76
N LEU B 290 1.88 8.91 -6.77
CA LEU B 290 1.43 8.67 -8.13
C LEU B 290 0.89 7.25 -8.27
N GLY B 291 1.50 6.31 -7.54
CA GLY B 291 1.09 4.92 -7.59
C GLY B 291 -0.22 4.62 -6.85
N SER B 292 -0.78 5.61 -6.18
CA SER B 292 -2.03 5.47 -5.42
C SER B 292 -3.26 5.97 -6.17
N LEU B 293 -3.06 6.72 -7.24
CA LEU B 293 -4.17 7.38 -7.93
C LEU B 293 -5.21 6.43 -8.48
N MET B 294 -4.78 5.38 -9.16
CA MET B 294 -5.74 4.49 -9.80
C MET B 294 -6.59 3.74 -8.77
N ARG B 295 -5.97 3.37 -7.64
CA ARG B 295 -6.68 2.70 -6.56
C ARG B 295 -7.72 3.64 -5.93
N SER B 296 -7.34 4.88 -5.64
CA SER B 296 -8.29 5.84 -5.10
C SER B 296 -9.47 6.01 -6.06
N ASN B 297 -9.13 6.09 -7.34
CA ASN B 297 -10.09 6.28 -8.39
C ASN B 297 -11.10 5.14 -8.44
N SER B 298 -10.62 3.90 -8.40
CA SER B 298 -11.49 2.74 -8.39
C SER B 298 -12.32 2.70 -7.09
N ASN B 299 -11.72 3.13 -5.98
CA ASN B 299 -12.46 3.26 -4.73
C ASN B 299 -13.66 4.19 -4.87
N GLN B 300 -13.51 5.25 -5.67
CA GLN B 300 -14.60 6.22 -5.83
C GLN B 300 -15.76 5.60 -6.62
N VAL B 301 -15.42 4.75 -7.59
CA VAL B 301 -16.44 4.01 -8.32
C VAL B 301 -17.20 3.08 -7.34
N GLN B 302 -16.48 2.34 -6.51
CA GLN B 302 -17.11 1.49 -5.49
C GLN B 302 -18.01 2.31 -4.53
N LYS B 303 -17.56 3.49 -4.15
CA LYS B 303 -18.33 4.36 -3.27
C LYS B 303 -19.69 4.71 -3.87
N ALA B 304 -19.69 5.04 -5.16
CA ALA B 304 -20.95 5.32 -5.85
C ALA B 304 -21.86 4.09 -5.88
N PHE B 305 -21.29 2.94 -6.23
CA PHE B 305 -22.05 1.70 -6.24
C PHE B 305 -22.70 1.47 -4.89
N ASP B 306 -21.94 1.69 -3.82
CA ASP B 306 -22.42 1.49 -2.46
C ASP B 306 -23.61 2.38 -2.14
N LEU B 307 -23.55 3.64 -2.55
CA LEU B 307 -24.66 4.56 -2.33
C LEU B 307 -25.90 4.12 -3.10
N ILE B 308 -25.68 3.69 -4.33
CA ILE B 308 -26.79 3.30 -5.19
C ILE B 308 -27.51 2.09 -4.64
N THR B 309 -26.75 1.07 -4.23
CA THR B 309 -27.33 -0.19 -3.78
C THR B 309 -27.80 -0.19 -2.32
N SER B 310 -27.74 0.95 -1.66
CA SER B 310 -28.15 1.06 -0.26
C SER B 310 -29.65 1.29 -0.07
N HIS B 311 -30.41 1.28 -1.17
CA HIS B 311 -31.82 1.67 -1.15
C HIS B 311 -32.94 0.64 -1.22
N ASP B 312 -32.59 -0.64 -1.29
CA ASP B 312 -33.62 -1.67 -1.25
C ASP B 312 -34.57 -1.59 -2.45
N THR B 313 -33.99 -1.40 -3.62
CA THR B 313 -34.76 -1.40 -4.86
C THR B 313 -33.79 -1.71 -5.97
N ARG B 314 -34.30 -2.29 -7.05
CA ARG B 314 -33.46 -2.68 -8.17
C ARG B 314 -33.59 -1.75 -9.37
N LYS B 315 -34.53 -0.82 -9.30
CA LYS B 315 -34.82 0.08 -10.41
C LYS B 315 -33.91 1.29 -10.40
N VAL B 316 -32.85 1.23 -11.18
CA VAL B 316 -31.88 2.31 -11.25
C VAL B 316 -31.86 2.99 -12.62
N GLY B 317 -31.86 4.32 -12.59
CA GLY B 317 -31.74 5.10 -13.81
C GLY B 317 -30.40 5.82 -13.80
N LEU B 318 -29.59 5.58 -14.82
CA LEU B 318 -28.28 6.21 -14.91
C LEU B 318 -28.31 7.37 -15.91
N LEU B 319 -28.03 8.57 -15.43
CA LEU B 319 -28.05 9.76 -16.26
C LEU B 319 -26.63 10.13 -16.62
N GLY B 320 -26.26 9.81 -17.86
CA GLY B 320 -24.91 9.98 -18.36
C GLY B 320 -24.22 8.63 -18.48
N LEU B 321 -23.55 8.42 -19.60
CA LEU B 321 -22.87 7.15 -19.84
C LEU B 321 -21.43 7.38 -20.35
N SER B 322 -21.26 8.28 -21.32
CA SER B 322 -19.92 8.62 -21.78
C SER B 322 -19.20 9.35 -20.64
N PHE B 323 -17.88 9.50 -20.75
CA PHE B 323 -17.11 9.97 -19.61
C PHE B 323 -17.35 11.43 -19.26
N LYS B 324 -17.82 12.21 -20.22
CA LYS B 324 -18.15 13.62 -19.98
C LYS B 324 -19.39 14.04 -20.77
N ALA B 325 -20.14 15.00 -20.24
CA ALA B 325 -21.22 15.61 -21.00
C ALA B 325 -20.61 16.21 -22.26
N GLY B 326 -21.38 16.25 -23.35
CA GLY B 326 -20.93 16.87 -24.59
C GLY B 326 -20.04 16.04 -25.50
N THR B 327 -19.69 14.83 -25.10
CA THR B 327 -18.93 13.93 -25.96
C THR B 327 -19.57 12.54 -25.89
N ASP B 328 -19.28 11.72 -26.90
CA ASP B 328 -19.78 10.36 -26.96
C ASP B 328 -18.75 9.31 -26.55
N ASP B 329 -17.53 9.75 -26.23
CA ASP B 329 -16.42 8.86 -25.92
C ASP B 329 -16.68 8.02 -24.66
N LEU B 330 -16.71 6.70 -24.88
CA LEU B 330 -17.00 5.73 -23.83
C LEU B 330 -15.75 5.09 -23.25
N ARG B 331 -14.59 5.45 -23.79
CA ARG B 331 -13.34 4.81 -23.37
C ARG B 331 -13.06 5.03 -21.90
N GLU B 332 -12.95 3.92 -21.16
CA GLU B 332 -12.73 3.95 -19.73
C GLU B 332 -13.64 4.94 -19.02
N SER B 333 -14.91 4.94 -19.42
CA SER B 333 -15.87 5.77 -18.73
C SER B 333 -16.22 5.10 -17.39
N PRO B 334 -16.08 5.83 -16.29
CA PRO B 334 -16.45 5.30 -14.97
C PRO B 334 -17.93 4.97 -14.88
N LEU B 335 -18.75 5.61 -15.71
CA LEU B 335 -20.19 5.38 -15.73
C LEU B 335 -20.49 4.04 -16.40
N VAL B 336 -19.71 3.67 -17.41
CA VAL B 336 -19.89 2.37 -18.01
C VAL B 336 -19.48 1.29 -16.99
N GLU B 337 -18.37 1.51 -16.28
CA GLU B 337 -17.93 0.59 -15.23
C GLU B 337 -19.02 0.43 -14.17
N LEU B 338 -19.60 1.55 -13.72
CA LEU B 338 -20.66 1.51 -12.73
C LEU B 338 -21.86 0.71 -13.26
N ALA B 339 -22.23 0.96 -14.51
CA ALA B 339 -23.34 0.26 -15.15
C ALA B 339 -23.10 -1.26 -15.12
N GLU B 340 -21.93 -1.69 -15.54
CA GLU B 340 -21.58 -3.10 -15.55
C GLU B 340 -21.63 -3.70 -14.14
N MET B 341 -21.18 -2.97 -13.14
CA MET B 341 -21.27 -3.47 -11.76
C MET B 341 -22.74 -3.70 -11.39
N LEU B 342 -23.59 -2.76 -11.76
CA LEU B 342 -25.02 -2.85 -11.50
C LEU B 342 -25.65 -4.01 -12.27
N ILE B 343 -25.32 -4.15 -13.54
CA ILE B 343 -25.86 -5.25 -14.33
C ILE B 343 -25.45 -6.58 -13.68
N GLY B 344 -24.18 -6.67 -13.30
CA GLY B 344 -23.64 -7.89 -12.72
C GLY B 344 -24.31 -8.30 -11.43
N LYS B 345 -24.85 -7.32 -10.71
CA LYS B 345 -25.52 -7.58 -9.43
C LYS B 345 -27.04 -7.69 -9.58
N GLY B 346 -27.53 -7.74 -10.82
CA GLY B 346 -28.93 -7.99 -11.11
C GLY B 346 -29.87 -6.80 -11.13
N TYR B 347 -29.35 -5.58 -11.17
CA TYR B 347 -30.20 -4.40 -11.13
C TYR B 347 -30.97 -4.17 -12.43
N GLU B 348 -32.13 -3.54 -12.29
CA GLU B 348 -32.97 -3.20 -13.43
C GLU B 348 -32.52 -1.81 -13.84
N LEU B 349 -31.59 -1.75 -14.78
CA LEU B 349 -30.97 -0.49 -15.18
C LEU B 349 -31.50 0.09 -16.49
N ARG B 350 -31.80 1.39 -16.46
CA ARG B 350 -32.20 2.18 -17.64
C ARG B 350 -31.17 3.31 -17.75
N ILE B 351 -30.70 3.60 -18.96
CA ILE B 351 -29.65 4.61 -19.15
C ILE B 351 -30.03 5.70 -20.13
N PHE B 352 -29.73 6.95 -19.77
CA PHE B 352 -29.94 8.10 -20.67
C PHE B 352 -28.60 8.77 -20.96
N ASP B 353 -28.31 8.94 -22.24
CA ASP B 353 -27.16 9.73 -22.69
C ASP B 353 -27.41 10.12 -24.14
N ARG B 354 -27.72 11.40 -24.37
CA ARG B 354 -28.04 11.89 -25.71
C ARG B 354 -26.89 11.76 -26.71
N ASN B 355 -25.65 11.84 -26.22
CA ASN B 355 -24.48 11.74 -27.09
C ASN B 355 -24.23 10.32 -27.58
N VAL B 356 -24.29 9.35 -26.67
CA VAL B 356 -24.10 7.95 -27.05
C VAL B 356 -25.31 7.51 -27.91
N GLU B 357 -26.50 7.97 -27.56
CA GLU B 357 -27.69 7.65 -28.35
C GLU B 357 -27.49 8.11 -29.81
N TYR B 358 -26.97 9.31 -29.99
CA TYR B 358 -26.68 9.84 -31.32
C TYR B 358 -25.57 9.02 -32.00
N ALA B 359 -24.47 8.80 -31.30
CA ALA B 359 -23.32 8.08 -31.84
C ALA B 359 -23.64 6.64 -32.25
N ARG B 360 -24.61 6.04 -31.57
CA ARG B 360 -24.98 4.67 -31.84
C ARG B 360 -25.44 4.48 -33.29
N VAL B 361 -26.00 5.53 -33.88
CA VAL B 361 -26.55 5.45 -35.23
C VAL B 361 -25.86 6.38 -36.26
N HIS B 362 -25.10 7.37 -35.79
CA HIS B 362 -24.32 8.24 -36.67
C HIS B 362 -22.87 8.26 -36.18
N GLY B 363 -21.91 8.34 -37.08
CA GLY B 363 -20.50 8.38 -36.66
C GLY B 363 -19.71 7.08 -36.80
N ALA B 364 -18.51 7.09 -36.23
CA ALA B 364 -17.54 5.99 -36.38
C ALA B 364 -17.39 5.01 -35.21
N ASN B 365 -18.25 5.07 -34.21
CA ASN B 365 -18.14 4.12 -33.09
C ASN B 365 -19.28 3.09 -32.97
N LYS B 366 -20.25 3.18 -33.89
CA LYS B 366 -21.36 2.23 -33.95
C LYS B 366 -21.05 0.76 -33.59
N GLU B 367 -20.03 0.18 -34.22
CA GLU B 367 -19.71 -1.24 -33.98
C GLU B 367 -19.33 -1.51 -32.52
N TYR B 368 -18.64 -0.56 -31.89
CA TYR B 368 -18.28 -0.73 -30.49
C TYR B 368 -19.53 -0.69 -29.63
N ILE B 369 -20.37 0.31 -29.89
CA ILE B 369 -21.60 0.49 -29.14
C ILE B 369 -22.55 -0.70 -29.34
N GLU B 370 -22.66 -1.18 -30.58
CA GLU B 370 -23.61 -2.24 -30.91
C GLU B 370 -23.11 -3.67 -30.66
N SER B 371 -21.82 -3.91 -30.80
CA SER B 371 -21.30 -5.28 -30.74
C SER B 371 -20.39 -5.61 -29.56
N LYS B 372 -19.70 -4.61 -29.03
CA LYS B 372 -18.80 -4.81 -27.90
C LYS B 372 -19.53 -4.70 -26.56
N ILE B 373 -20.32 -3.64 -26.37
CA ILE B 373 -21.05 -3.44 -25.12
C ILE B 373 -22.58 -3.36 -25.27
N PRO B 374 -23.19 -4.25 -26.05
CA PRO B 374 -24.66 -4.22 -26.19
C PRO B 374 -25.39 -4.47 -24.88
N HIS B 375 -24.73 -5.17 -23.95
CA HIS B 375 -25.31 -5.42 -22.63
C HIS B 375 -25.53 -4.11 -21.88
N VAL B 376 -24.82 -3.06 -22.29
CA VAL B 376 -24.98 -1.72 -21.71
C VAL B 376 -25.82 -0.83 -22.62
N SER B 377 -25.43 -0.75 -23.89
CA SER B 377 -26.10 0.15 -24.84
C SER B 377 -27.57 -0.20 -25.10
N SER B 378 -27.93 -1.48 -25.00
CA SER B 378 -29.31 -1.94 -25.18
C SER B 378 -30.21 -1.37 -24.09
N LEU B 379 -29.61 -0.84 -23.02
CA LEU B 379 -30.37 -0.25 -21.92
C LEU B 379 -30.63 1.24 -22.14
N LEU B 380 -30.14 1.80 -23.24
CA LEU B 380 -30.38 3.22 -23.55
C LEU B 380 -31.87 3.54 -23.82
N VAL B 381 -32.34 4.63 -23.22
CA VAL B 381 -33.71 5.09 -23.38
C VAL B 381 -33.66 6.53 -23.90
N SER B 382 -34.41 6.82 -24.95
CA SER B 382 -34.36 8.13 -25.63
C SER B 382 -34.94 9.26 -24.83
N ASP B 383 -35.99 8.97 -24.07
CA ASP B 383 -36.71 9.99 -23.32
C ASP B 383 -36.25 10.05 -21.87
N LEU B 384 -35.65 11.16 -21.48
CA LEU B 384 -35.22 11.36 -20.10
C LEU B 384 -36.42 11.17 -19.14
N ASP B 385 -37.58 11.70 -19.51
CA ASP B 385 -38.80 11.51 -18.71
C ASP B 385 -39.11 10.03 -18.43
N GLU B 386 -38.77 9.15 -19.37
CA GLU B 386 -39.03 7.72 -19.18
C GLU B 386 -38.05 7.07 -18.19
N VAL B 387 -36.77 7.42 -18.28
CA VAL B 387 -35.79 6.89 -17.34
C VAL B 387 -36.20 7.30 -15.93
N VAL B 388 -36.61 8.57 -15.79
CA VAL B 388 -37.03 9.12 -14.51
C VAL B 388 -38.27 8.44 -13.94
N ALA B 389 -39.35 8.39 -14.71
CA ALA B 389 -40.60 7.82 -14.22
C ALA B 389 -40.49 6.35 -13.82
N SER B 390 -39.73 5.57 -14.59
CA SER B 390 -39.60 4.13 -14.37
C SER B 390 -38.56 3.67 -13.36
N SER B 391 -37.69 4.57 -12.93
CA SER B 391 -36.63 4.22 -11.99
C SER B 391 -36.94 4.77 -10.59
N ASP B 392 -36.42 4.10 -9.56
CA ASP B 392 -36.57 4.57 -8.17
C ASP B 392 -35.34 5.36 -7.71
N VAL B 393 -34.17 4.96 -8.20
CA VAL B 393 -32.93 5.63 -7.87
C VAL B 393 -32.38 6.22 -9.16
N LEU B 394 -32.10 7.51 -9.15
CA LEU B 394 -31.59 8.18 -10.34
C LEU B 394 -30.18 8.68 -10.05
N VAL B 395 -29.24 8.31 -10.91
CA VAL B 395 -27.83 8.62 -10.71
C VAL B 395 -27.39 9.73 -11.66
N LEU B 396 -26.95 10.85 -11.09
CA LEU B 396 -26.47 11.99 -11.86
C LEU B 396 -24.98 11.74 -12.11
N GLY B 397 -24.67 11.22 -13.29
CA GLY B 397 -23.33 10.75 -13.62
C GLY B 397 -22.36 11.72 -14.27
N ASN B 398 -22.84 12.56 -15.18
CA ASN B 398 -21.98 13.57 -15.79
C ASN B 398 -22.74 14.91 -15.92
N GLY B 399 -22.04 15.93 -16.41
CA GLY B 399 -22.56 17.29 -16.34
C GLY B 399 -23.51 17.81 -17.40
N ASP B 400 -24.50 17.02 -17.80
CA ASP B 400 -25.45 17.48 -18.80
C ASP B 400 -26.45 18.48 -18.19
N GLU B 401 -26.59 19.64 -18.83
CA GLU B 401 -27.50 20.69 -18.34
C GLU B 401 -28.95 20.23 -18.27
N LEU B 402 -29.29 19.19 -19.01
CA LEU B 402 -30.65 18.66 -19.00
C LEU B 402 -31.03 18.10 -17.64
N PHE B 403 -30.04 17.72 -16.83
CA PHE B 403 -30.32 17.10 -15.54
C PHE B 403 -30.67 18.11 -14.46
N VAL B 404 -30.41 19.38 -14.73
CA VAL B 404 -30.67 20.45 -13.76
C VAL B 404 -32.15 20.52 -13.33
N ASP B 405 -33.06 20.42 -14.30
CA ASP B 405 -34.49 20.51 -14.01
C ASP B 405 -34.93 19.39 -13.08
N LEU B 406 -34.41 18.18 -13.31
CA LEU B 406 -34.79 17.04 -12.50
C LEU B 406 -34.40 17.28 -11.05
N VAL B 407 -33.26 17.94 -10.85
CA VAL B 407 -32.79 18.21 -9.50
C VAL B 407 -33.60 19.32 -8.82
N ASN B 408 -33.97 20.36 -9.54
CA ASN B 408 -34.72 21.47 -8.94
C ASN B 408 -36.20 21.13 -8.73
N LYS B 409 -36.73 20.25 -9.57
CA LYS B 409 -38.12 19.82 -9.45
C LYS B 409 -38.18 18.30 -9.58
N THR B 410 -37.84 17.61 -8.50
CA THR B 410 -37.78 16.15 -8.49
C THR B 410 -39.15 15.52 -8.22
N PRO B 411 -39.64 14.69 -9.13
CA PRO B 411 -40.91 14.00 -8.88
C PRO B 411 -40.83 13.21 -7.58
N SER B 412 -41.96 13.07 -6.89
CA SER B 412 -42.01 12.36 -5.62
C SER B 412 -41.64 10.89 -5.79
N GLY B 413 -41.17 10.27 -4.71
CA GLY B 413 -40.85 8.85 -4.72
C GLY B 413 -39.54 8.47 -5.40
N LYS B 414 -38.62 9.41 -5.52
CA LYS B 414 -37.32 9.12 -6.10
C LYS B 414 -36.21 9.35 -5.09
N LYS B 415 -35.09 8.65 -5.31
CA LYS B 415 -33.88 8.88 -4.52
C LYS B 415 -32.80 9.28 -5.54
N LEU B 416 -32.20 10.46 -5.37
CA LEU B 416 -31.15 10.90 -6.29
C LEU B 416 -29.80 10.56 -5.70
N VAL B 417 -28.87 10.11 -6.55
CA VAL B 417 -27.48 9.90 -6.15
C VAL B 417 -26.68 10.82 -7.05
N ASP B 418 -26.16 11.90 -6.47
CA ASP B 418 -25.48 12.94 -7.19
C ASP B 418 -23.97 12.75 -7.17
N LEU B 419 -23.41 12.40 -8.31
CA LEU B 419 -21.97 12.16 -8.45
C LEU B 419 -21.23 13.37 -9.00
N VAL B 420 -21.95 14.46 -9.28
CA VAL B 420 -21.40 15.61 -10.02
C VAL B 420 -21.43 16.93 -9.26
N GLY B 421 -22.53 17.18 -8.55
CA GLY B 421 -22.71 18.42 -7.82
C GLY B 421 -23.89 19.28 -8.24
N PHE B 422 -24.92 18.66 -8.83
CA PHE B 422 -26.13 19.37 -9.20
C PHE B 422 -26.91 19.86 -7.97
N MET B 423 -26.82 19.14 -6.85
CA MET B 423 -27.56 19.50 -5.64
C MET B 423 -27.18 20.89 -5.06
N PRO B 424 -28.16 21.79 -4.94
CA PRO B 424 -28.00 23.04 -4.19
C PRO B 424 -27.40 22.92 -2.80
N HIS B 425 -27.72 21.85 -2.07
CA HIS B 425 -27.32 21.71 -0.68
C HIS B 425 -26.77 20.32 -0.39
N THR B 426 -26.71 19.98 0.90
CA THR B 426 -26.16 18.70 1.34
C THR B 426 -27.20 17.60 1.31
N THR B 427 -26.74 16.40 1.61
CA THR B 427 -27.56 15.20 1.60
C THR B 427 -28.83 15.32 2.45
N THR B 428 -29.95 14.90 1.85
CA THR B 428 -31.23 14.81 2.54
C THR B 428 -31.76 13.39 2.38
N ALA B 429 -32.95 13.12 2.90
CA ALA B 429 -33.55 11.80 2.78
C ALA B 429 -33.83 11.42 1.34
N GLN B 430 -34.04 12.41 0.47
CA GLN B 430 -34.39 12.16 -0.92
C GLN B 430 -33.23 12.29 -1.93
N ALA B 431 -32.15 12.98 -1.55
CA ALA B 431 -31.02 13.18 -2.45
C ALA B 431 -29.69 13.11 -1.70
N GLU B 432 -28.75 12.33 -2.22
CA GLU B 432 -27.47 12.22 -1.55
C GLU B 432 -26.31 12.45 -2.49
N GLY B 433 -25.32 13.17 -1.99
CA GLY B 433 -24.13 13.47 -2.76
C GLY B 433 -23.00 12.54 -2.41
N ILE B 434 -22.10 12.30 -3.35
CA ILE B 434 -20.95 11.44 -3.10
C ILE B 434 -19.94 12.10 -2.13
N CYS B 435 -19.94 13.44 -2.08
CA CYS B 435 -19.03 14.20 -1.21
C CYS B 435 -19.73 15.37 -0.50
N TRP B 436 -21.05 15.25 -0.33
CA TRP B 436 -21.84 16.26 0.37
C TRP B 436 -23.14 15.65 0.86
N MET C 1 -25.79 -34.66 29.17
CA MET C 1 -26.52 -33.54 29.84
C MET C 1 -27.54 -32.94 28.87
N ARG C 2 -28.30 -31.96 29.36
CA ARG C 2 -29.25 -31.22 28.54
C ARG C 2 -28.63 -29.95 27.96
N ILE C 3 -28.68 -29.80 26.64
CA ILE C 3 -28.03 -28.69 25.96
C ILE C 3 -28.93 -27.97 24.97
N SER C 4 -28.97 -26.65 25.07
CA SER C 4 -29.66 -25.82 24.08
C SER C 4 -28.62 -25.17 23.18
N ILE C 5 -28.91 -25.12 21.88
CA ILE C 5 -28.02 -24.52 20.90
C ILE C 5 -28.75 -23.38 20.25
N PHE C 6 -28.22 -22.18 20.42
CA PHE C 6 -28.82 -21.00 19.85
C PHE C 6 -28.19 -20.71 18.49
N GLY C 7 -28.98 -20.96 17.44
CA GLY C 7 -28.57 -20.76 16.08
C GLY C 7 -28.28 -22.10 15.43
N LEU C 8 -29.15 -22.50 14.51
CA LEU C 8 -29.06 -23.78 13.82
C LEU C 8 -28.58 -23.62 12.38
N GLY C 9 -27.47 -22.91 12.20
CA GLY C 9 -26.88 -22.71 10.89
C GLY C 9 -25.79 -23.73 10.59
N TYR C 10 -24.83 -23.33 9.75
CA TYR C 10 -23.72 -24.22 9.37
C TYR C 10 -22.98 -24.81 10.57
N VAL C 11 -22.75 -24.00 11.60
CA VAL C 11 -22.11 -24.53 12.81
C VAL C 11 -23.12 -25.20 13.74
N GLY C 12 -24.17 -24.45 14.12
CA GLY C 12 -25.13 -24.92 15.10
C GLY C 12 -25.85 -26.22 14.78
N ALA C 13 -26.28 -26.40 13.53
CA ALA C 13 -26.98 -27.61 13.14
C ALA C 13 -26.06 -28.81 13.29
N VAL C 14 -24.78 -28.63 12.96
CA VAL C 14 -23.79 -29.71 13.09
C VAL C 14 -23.59 -30.03 14.58
N CYS C 15 -23.39 -29.01 15.39
CA CYS C 15 -23.24 -29.23 16.82
C CYS C 15 -24.45 -29.95 17.41
N ALA C 16 -25.65 -29.54 17.01
CA ALA C 16 -26.87 -30.19 17.46
C ALA C 16 -26.86 -31.68 17.12
N GLY C 17 -26.51 -31.98 15.89
CA GLY C 17 -26.45 -33.35 15.43
C GLY C 17 -25.40 -34.16 16.15
N CYS C 18 -24.21 -33.58 16.31
CA CYS C 18 -23.08 -34.26 16.94
C CYS C 18 -23.27 -34.49 18.43
N LEU C 19 -23.87 -33.52 19.12
CA LEU C 19 -24.11 -33.67 20.56
C LEU C 19 -25.23 -34.66 20.84
N SER C 20 -26.30 -34.61 20.07
CA SER C 20 -27.39 -35.56 20.28
C SER C 20 -26.91 -36.99 19.97
N ALA C 21 -25.99 -37.13 19.02
CA ALA C 21 -25.44 -38.45 18.67
C ALA C 21 -24.63 -39.02 19.82
N ARG C 22 -24.10 -38.14 20.68
CA ARG C 22 -23.31 -38.56 21.83
C ARG C 22 -24.15 -38.78 23.09
N GLY C 23 -25.48 -38.71 22.97
CA GLY C 23 -26.35 -39.03 24.09
C GLY C 23 -26.95 -37.88 24.85
N HIS C 24 -26.57 -36.64 24.51
CA HIS C 24 -27.13 -35.48 25.20
C HIS C 24 -28.55 -35.19 24.71
N GLU C 25 -29.37 -34.57 25.56
CA GLU C 25 -30.69 -34.12 25.11
C GLU C 25 -30.45 -32.72 24.58
N VAL C 26 -30.78 -32.50 23.31
CA VAL C 26 -30.49 -31.22 22.66
C VAL C 26 -31.73 -30.48 22.21
N ILE C 27 -31.80 -29.20 22.57
CA ILE C 27 -32.89 -28.34 22.14
C ILE C 27 -32.29 -27.27 21.25
N GLY C 28 -32.58 -27.35 19.95
CA GLY C 28 -32.10 -26.36 19.01
C GLY C 28 -33.04 -25.18 18.98
N VAL C 29 -32.47 -23.98 19.05
CA VAL C 29 -33.26 -22.74 19.04
C VAL C 29 -32.87 -21.87 17.84
N ASP C 30 -33.86 -21.37 17.12
CA ASP C 30 -33.59 -20.44 16.01
C ASP C 30 -34.79 -19.50 15.86
N VAL C 31 -34.53 -18.32 15.30
CA VAL C 31 -35.61 -17.36 15.02
C VAL C 31 -36.31 -17.78 13.73
N SER C 32 -35.66 -18.63 12.95
CA SER C 32 -36.21 -19.13 11.68
C SER C 32 -37.12 -20.32 11.87
N SER C 33 -38.42 -20.14 11.61
CA SER C 33 -39.35 -21.26 11.70
C SER C 33 -39.05 -22.32 10.65
N THR C 34 -38.50 -21.89 9.51
CA THR C 34 -38.12 -22.81 8.44
C THR C 34 -37.09 -23.82 8.94
N LYS C 35 -36.07 -23.33 9.62
CA LYS C 35 -35.01 -24.19 10.13
C LYS C 35 -35.53 -25.10 11.24
N ILE C 36 -36.36 -24.55 12.12
CA ILE C 36 -36.96 -25.34 13.19
C ILE C 36 -37.80 -26.47 12.63
N ASP C 37 -38.64 -26.18 11.65
CA ASP C 37 -39.51 -27.18 11.03
C ASP C 37 -38.65 -28.31 10.45
N LEU C 38 -37.60 -27.94 9.73
CA LEU C 38 -36.70 -28.92 9.15
C LEU C 38 -36.10 -29.84 10.23
N ILE C 39 -35.53 -29.26 11.28
CA ILE C 39 -34.94 -30.06 12.36
C ILE C 39 -35.99 -30.99 12.99
N ASN C 40 -37.20 -30.50 13.20
CA ASN C 40 -38.26 -31.34 13.75
C ASN C 40 -38.72 -32.47 12.81
N GLN C 41 -38.46 -32.32 11.52
CA GLN C 41 -38.75 -33.37 10.53
C GLN C 41 -37.53 -34.29 10.32
N GLY C 42 -36.46 -34.03 11.05
CA GLY C 42 -35.24 -34.82 10.89
C GLY C 42 -34.52 -34.52 9.58
N LYS C 43 -34.65 -33.29 9.10
CA LYS C 43 -34.04 -32.87 7.85
C LYS C 43 -32.99 -31.80 8.08
N SER C 44 -31.94 -31.82 7.25
CA SER C 44 -30.87 -30.85 7.36
C SER C 44 -31.20 -29.57 6.58
N PRO C 45 -30.97 -28.42 7.20
CA PRO C 45 -31.21 -27.13 6.54
C PRO C 45 -30.11 -26.78 5.53
N ILE C 46 -29.05 -27.59 5.50
CA ILE C 46 -27.87 -27.30 4.69
C ILE C 46 -27.37 -28.56 4.01
N VAL C 47 -26.52 -28.40 2.99
CA VAL C 47 -25.83 -29.56 2.41
C VAL C 47 -24.53 -29.71 3.19
N GLU C 48 -24.44 -30.78 3.96
CA GLU C 48 -23.30 -31.09 4.82
C GLU C 48 -23.33 -32.60 4.99
N PRO C 49 -22.35 -33.29 4.44
CA PRO C 49 -22.37 -34.76 4.44
C PRO C 49 -22.57 -35.37 5.81
N GLY C 50 -23.53 -36.30 5.89
CA GLY C 50 -23.79 -37.04 7.12
C GLY C 50 -24.70 -36.38 8.13
N LEU C 51 -24.99 -35.09 7.94
CA LEU C 51 -25.78 -34.36 8.92
C LEU C 51 -27.23 -34.82 9.02
N GLU C 52 -27.91 -34.94 7.89
CA GLU C 52 -29.31 -35.38 7.91
C GLU C 52 -29.48 -36.65 8.73
N ALA C 53 -28.59 -37.62 8.52
CA ALA C 53 -28.64 -38.86 9.29
C ALA C 53 -28.56 -38.58 10.78
N LEU C 54 -27.65 -37.70 11.21
CA LEU C 54 -27.55 -37.35 12.62
C LEU C 54 -28.85 -36.72 13.11
N LEU C 55 -29.44 -35.83 12.32
CA LEU C 55 -30.67 -35.17 12.72
C LEU C 55 -31.83 -36.18 12.77
N GLN C 56 -31.89 -37.07 11.79
CA GLN C 56 -32.92 -38.12 11.74
C GLN C 56 -32.83 -39.00 13.00
N GLN C 57 -31.61 -39.39 13.37
CA GLN C 57 -31.37 -40.21 14.56
C GLN C 57 -31.77 -39.46 15.84
N GLY C 58 -31.45 -38.17 15.90
CA GLY C 58 -31.82 -37.37 17.05
C GLY C 58 -33.30 -37.34 17.32
N ARG C 59 -34.10 -37.20 16.25
CA ARG C 59 -35.54 -37.19 16.37
C ARG C 59 -36.08 -38.57 16.70
N GLN C 60 -35.48 -39.59 16.09
CA GLN C 60 -35.86 -40.99 16.30
C GLN C 60 -35.70 -41.37 17.77
N THR C 61 -34.59 -40.97 18.37
CA THR C 61 -34.31 -41.31 19.78
C THR C 61 -34.95 -40.37 20.78
N GLY C 62 -35.61 -39.32 20.30
CA GLY C 62 -36.24 -38.34 21.18
C GLY C 62 -35.27 -37.42 21.89
N ARG C 63 -34.00 -37.41 21.47
CA ARG C 63 -32.99 -36.56 22.10
C ARG C 63 -32.96 -35.15 21.52
N LEU C 64 -33.34 -35.00 20.26
CA LEU C 64 -33.28 -33.73 19.57
C LEU C 64 -34.65 -33.12 19.27
N SER C 65 -34.74 -31.81 19.45
CA SER C 65 -35.92 -31.04 19.08
C SER C 65 -35.50 -29.63 18.71
N GLY C 66 -36.40 -28.93 18.01
CA GLY C 66 -36.17 -27.54 17.62
C GLY C 66 -37.34 -26.68 18.09
N THR C 67 -37.05 -25.44 18.46
CA THR C 67 -38.08 -24.52 18.93
C THR C 67 -37.64 -23.08 18.75
N THR C 68 -38.61 -22.15 18.72
CA THR C 68 -38.33 -20.72 18.74
C THR C 68 -38.49 -20.20 20.18
N ASP C 69 -38.94 -21.08 21.07
CA ASP C 69 -39.24 -20.77 22.46
C ASP C 69 -37.97 -20.77 23.29
N PHE C 70 -37.26 -19.65 23.28
CA PHE C 70 -35.98 -19.55 23.98
C PHE C 70 -36.12 -19.70 25.49
N LYS C 71 -37.27 -19.31 26.05
CA LYS C 71 -37.47 -19.43 27.49
C LYS C 71 -37.52 -20.90 27.90
N LYS C 72 -38.29 -21.69 27.15
CA LYS C 72 -38.40 -23.12 27.39
C LYS C 72 -37.06 -23.83 27.18
N ALA C 73 -36.32 -23.44 26.14
CA ALA C 73 -35.05 -24.08 25.84
C ALA C 73 -34.11 -23.93 27.03
N VAL C 74 -34.08 -22.73 27.60
CA VAL C 74 -33.22 -22.43 28.74
C VAL C 74 -33.70 -23.18 29.97
N LEU C 75 -35.01 -23.16 30.19
CA LEU C 75 -35.60 -23.86 31.31
C LEU C 75 -35.26 -25.34 31.27
N ASP C 76 -35.27 -25.92 30.06
CA ASP C 76 -35.08 -27.34 29.87
C ASP C 76 -33.63 -27.76 29.54
N SER C 77 -32.66 -26.89 29.78
CA SER C 77 -31.28 -27.26 29.50
C SER C 77 -30.33 -26.81 30.59
N ASP C 78 -29.20 -27.49 30.68
CA ASP C 78 -28.14 -27.14 31.63
C ASP C 78 -27.17 -26.12 31.07
N VAL C 79 -26.93 -26.21 29.77
CA VAL C 79 -25.96 -25.34 29.11
C VAL C 79 -26.54 -24.83 27.79
N SER C 80 -26.34 -23.55 27.50
CA SER C 80 -26.70 -22.98 26.21
C SER C 80 -25.44 -22.59 25.44
N PHE C 81 -25.29 -23.08 24.22
CA PHE C 81 -24.21 -22.67 23.32
C PHE C 81 -24.79 -21.57 22.41
N ILE C 82 -24.08 -20.45 22.30
CA ILE C 82 -24.43 -19.42 21.33
C ILE C 82 -23.62 -19.63 20.05
N CYS C 83 -24.36 -19.84 18.96
CA CYS C 83 -23.81 -20.13 17.65
C CYS C 83 -24.47 -19.25 16.59
N VAL C 84 -24.83 -18.03 16.97
CA VAL C 84 -25.45 -17.10 16.04
C VAL C 84 -24.41 -16.44 15.14
N GLY C 85 -24.87 -15.80 14.07
CA GLY C 85 -23.96 -15.16 13.13
C GLY C 85 -23.20 -13.98 13.71
N THR C 86 -21.98 -13.79 13.22
CA THR C 86 -21.18 -12.59 13.53
C THR C 86 -20.61 -12.07 12.22
N PRO C 87 -21.47 -11.62 11.32
CA PRO C 87 -21.04 -11.11 10.02
C PRO C 87 -20.32 -9.78 10.13
N SER C 88 -19.76 -9.31 9.03
CA SER C 88 -19.13 -8.01 8.96
C SER C 88 -20.20 -6.93 8.88
N LYS C 89 -19.92 -5.79 9.50
CA LYS C 89 -20.68 -4.59 9.23
C LYS C 89 -20.20 -4.08 7.87
N LYS C 90 -20.85 -3.05 7.33
CA LYS C 90 -20.43 -2.50 6.04
C LYS C 90 -18.95 -2.06 6.04
N ASN C 91 -18.46 -1.61 7.19
CA ASN C 91 -17.08 -1.12 7.30
C ASN C 91 -16.04 -2.21 7.60
N GLY C 92 -16.49 -3.46 7.69
CA GLY C 92 -15.61 -4.58 7.95
C GLY C 92 -15.50 -5.01 9.40
N ASP C 93 -15.94 -4.16 10.32
CA ASP C 93 -15.93 -4.49 11.74
C ASP C 93 -16.92 -5.61 12.05
N LEU C 94 -16.76 -6.21 13.22
CA LEU C 94 -17.66 -7.23 13.72
C LEU C 94 -19.06 -6.68 14.00
N ASP C 95 -20.08 -7.31 13.42
CA ASP C 95 -21.46 -6.96 13.69
C ASP C 95 -21.96 -7.78 14.89
N LEU C 96 -22.20 -7.09 16.01
CA LEU C 96 -22.68 -7.71 17.26
C LEU C 96 -24.21 -7.86 17.36
N GLY C 97 -24.93 -7.48 16.30
CA GLY C 97 -26.38 -7.43 16.35
C GLY C 97 -27.08 -8.69 16.83
N TYR C 98 -26.67 -9.83 16.28
CA TYR C 98 -27.29 -11.10 16.66
C TYR C 98 -26.86 -11.52 18.07
N ILE C 99 -25.58 -11.33 18.39
CA ILE C 99 -25.08 -11.63 19.72
C ILE C 99 -25.90 -10.83 20.75
N GLU C 100 -26.11 -9.55 20.48
CA GLU C 100 -26.82 -8.69 21.43
C GLU C 100 -28.25 -9.16 21.66
N THR C 101 -28.98 -9.47 20.60
CA THR C 101 -30.36 -9.91 20.74
C THR C 101 -30.45 -11.21 21.49
N VAL C 102 -29.59 -12.16 21.14
CA VAL C 102 -29.67 -13.46 21.79
C VAL C 102 -29.25 -13.37 23.27
N CYS C 103 -28.29 -12.52 23.60
CA CYS C 103 -27.91 -12.32 25.00
C CYS C 103 -29.08 -11.73 25.81
N ARG C 104 -29.80 -10.76 25.26
CA ARG C 104 -30.97 -10.23 25.96
C ARG C 104 -32.00 -11.32 26.21
N GLU C 105 -32.30 -12.10 25.17
CA GLU C 105 -33.26 -13.18 25.25
C GLU C 105 -32.84 -14.20 26.32
N ILE C 106 -31.56 -14.58 26.31
CA ILE C 106 -31.05 -15.52 27.30
C ILE C 106 -31.15 -14.93 28.71
N GLY C 107 -30.85 -13.64 28.83
CA GLY C 107 -31.00 -12.93 30.09
C GLY C 107 -32.43 -13.02 30.62
N PHE C 108 -33.42 -12.70 29.77
CA PHE C 108 -34.81 -12.78 30.22
C PHE C 108 -35.20 -14.21 30.58
N ALA C 109 -34.67 -15.20 29.85
CA ALA C 109 -34.92 -16.61 30.16
C ALA C 109 -34.35 -17.00 31.52
N ILE C 110 -33.15 -16.50 31.80
CA ILE C 110 -32.46 -16.81 33.05
C ILE C 110 -33.15 -16.16 34.25
N ARG C 111 -33.80 -15.03 34.00
CA ARG C 111 -34.56 -14.32 35.03
C ARG C 111 -35.67 -15.22 35.60
N GLU C 112 -36.28 -16.03 34.73
CA GLU C 112 -37.41 -16.89 35.12
C GLU C 112 -36.98 -18.29 35.53
N LYS C 113 -35.69 -18.57 35.50
CA LYS C 113 -35.17 -19.88 35.87
C LYS C 113 -34.44 -19.80 37.19
N SER C 114 -34.83 -20.65 38.13
CA SER C 114 -34.23 -20.64 39.46
C SER C 114 -32.89 -21.38 39.50
N GLU C 115 -32.79 -22.51 38.80
CA GLU C 115 -31.56 -23.30 38.78
C GLU C 115 -30.44 -22.59 38.01
N ARG C 116 -29.19 -22.90 38.35
CA ARG C 116 -28.05 -22.29 37.69
C ARG C 116 -27.99 -22.62 36.21
N HIS C 117 -27.92 -21.58 35.38
CA HIS C 117 -27.75 -21.79 33.95
C HIS C 117 -26.32 -21.45 33.55
N THR C 118 -25.89 -21.97 32.40
CA THR C 118 -24.52 -21.84 31.92
C THR C 118 -24.57 -21.42 30.45
N VAL C 119 -23.86 -20.35 30.12
CA VAL C 119 -23.88 -19.80 28.77
C VAL C 119 -22.49 -19.85 28.17
N VAL C 120 -22.38 -20.46 27.00
CA VAL C 120 -21.09 -20.60 26.33
C VAL C 120 -21.15 -20.04 24.93
N VAL C 121 -20.28 -19.09 24.63
CA VAL C 121 -20.24 -18.50 23.31
C VAL C 121 -19.34 -19.30 22.38
N ARG C 122 -19.92 -19.91 21.35
CA ARG C 122 -19.13 -20.61 20.32
C ARG C 122 -18.90 -19.73 19.08
N SER C 123 -19.79 -18.77 18.85
CA SER C 123 -19.60 -17.79 17.80
C SER C 123 -18.26 -17.09 17.96
N THR C 124 -17.59 -16.81 16.84
CA THR C 124 -16.36 -16.05 16.86
C THR C 124 -16.64 -14.60 17.19
N VAL C 125 -16.05 -14.13 18.29
CA VAL C 125 -16.20 -12.74 18.73
C VAL C 125 -14.85 -12.20 19.16
N LEU C 126 -14.67 -10.89 19.06
CA LEU C 126 -13.38 -10.26 19.40
C LEU C 126 -13.12 -10.36 20.91
N PRO C 127 -11.85 -10.28 21.31
CA PRO C 127 -11.43 -10.48 22.72
C PRO C 127 -12.26 -9.87 23.89
N GLY C 128 -12.71 -8.61 23.78
CA GLY C 128 -13.48 -7.98 24.85
C GLY C 128 -14.99 -8.05 24.75
N THR C 129 -15.51 -8.78 23.76
CA THR C 129 -16.96 -8.90 23.56
C THR C 129 -17.71 -9.47 24.77
N VAL C 130 -17.16 -10.51 25.37
CA VAL C 130 -17.84 -11.13 26.52
C VAL C 130 -17.97 -10.15 27.67
N ASN C 131 -16.88 -9.48 28.01
CA ASN C 131 -16.90 -8.55 29.13
C ASN C 131 -17.70 -7.27 28.89
N ASN C 132 -17.64 -6.76 27.66
CA ASN C 132 -18.27 -5.48 27.33
C ASN C 132 -19.67 -5.58 26.73
N VAL C 133 -20.07 -6.76 26.29
CA VAL C 133 -21.36 -6.91 25.62
C VAL C 133 -22.19 -8.07 26.19
N VAL C 134 -21.61 -9.26 26.17
CA VAL C 134 -22.33 -10.45 26.60
C VAL C 134 -22.75 -10.38 28.06
N ILE C 135 -21.80 -10.18 28.96
CA ILE C 135 -22.10 -10.18 30.38
C ILE C 135 -23.04 -9.04 30.80
N PRO C 136 -22.77 -7.80 30.40
CA PRO C 136 -23.66 -6.68 30.70
C PRO C 136 -25.11 -6.92 30.25
N LEU C 137 -25.30 -7.45 29.04
CA LEU C 137 -26.66 -7.69 28.53
C LEU C 137 -27.36 -8.80 29.31
N ILE C 138 -26.66 -9.89 29.56
CA ILE C 138 -27.28 -10.99 30.29
C ILE C 138 -27.58 -10.57 31.74
N GLU C 139 -26.66 -9.84 32.37
CA GLU C 139 -26.88 -9.36 33.74
C GLU C 139 -28.06 -8.39 33.79
N ASP C 140 -28.11 -7.46 32.84
CA ASP C 140 -29.17 -6.45 32.84
C ASP C 140 -30.56 -7.06 32.62
N CYS C 141 -30.65 -8.03 31.72
CA CYS C 141 -31.94 -8.65 31.40
C CYS C 141 -32.37 -9.73 32.40
N SER C 142 -31.40 -10.34 33.09
CA SER C 142 -31.71 -11.40 34.05
C SER C 142 -31.94 -10.89 35.48
N GLY C 143 -31.26 -9.78 35.82
CA GLY C 143 -31.30 -9.26 37.17
C GLY C 143 -30.34 -10.05 38.04
N LYS C 144 -29.51 -10.88 37.41
CA LYS C 144 -28.56 -11.75 38.12
C LYS C 144 -27.09 -11.44 37.74
N LYS C 145 -26.15 -12.13 38.38
CA LYS C 145 -24.73 -11.86 38.21
C LYS C 145 -23.94 -13.01 37.60
N ALA C 146 -23.08 -12.69 36.64
CA ALA C 146 -22.21 -13.65 35.98
C ALA C 146 -21.27 -14.28 36.99
N GLY C 147 -21.06 -15.59 36.87
CA GLY C 147 -20.21 -16.32 37.80
C GLY C 147 -21.02 -16.85 38.96
N VAL C 148 -21.43 -15.94 39.86
CA VAL C 148 -22.19 -16.34 41.03
C VAL C 148 -23.52 -17.01 40.65
N ASP C 149 -24.31 -16.37 39.80
CA ASP C 149 -25.66 -16.86 39.48
C ASP C 149 -25.75 -17.72 38.22
N PHE C 150 -25.03 -17.32 37.19
CA PHE C 150 -24.99 -18.10 35.94
C PHE C 150 -23.55 -18.15 35.44
N GLY C 151 -23.21 -19.25 34.79
CA GLY C 151 -21.88 -19.43 34.26
C GLY C 151 -21.75 -18.81 32.89
N VAL C 152 -20.53 -18.38 32.58
CA VAL C 152 -20.21 -17.80 31.28
C VAL C 152 -18.83 -18.26 30.85
N GLY C 153 -18.69 -18.67 29.60
CA GLY C 153 -17.40 -19.01 29.02
C GLY C 153 -17.46 -18.92 27.50
N THR C 154 -16.35 -19.19 26.83
CA THR C 154 -16.32 -19.30 25.37
C THR C 154 -15.72 -20.64 24.98
N ASN C 155 -15.98 -21.02 23.73
CA ASN C 155 -15.56 -22.31 23.21
C ASN C 155 -15.63 -22.21 21.70
N PRO C 156 -14.61 -21.56 21.12
CA PRO C 156 -14.56 -21.42 19.67
C PRO C 156 -14.63 -22.75 18.96
N GLU C 157 -15.08 -22.71 17.72
CA GLU C 157 -15.18 -23.90 16.90
C GLU C 157 -14.19 -23.80 15.73
N PHE C 158 -13.67 -24.94 15.30
CA PHE C 158 -12.69 -25.04 14.23
C PHE C 158 -13.17 -25.90 13.06
N LEU C 159 -14.48 -26.08 12.97
CA LEU C 159 -15.10 -26.87 11.93
C LEU C 159 -15.02 -26.21 10.56
N ARG C 160 -14.84 -27.04 9.54
CA ARG C 160 -14.86 -26.61 8.14
C ARG C 160 -16.16 -27.12 7.50
N GLU C 161 -16.84 -26.26 6.76
CA GLU C 161 -18.02 -26.67 6.02
C GLU C 161 -17.64 -27.71 4.96
N SER C 162 -18.50 -28.71 4.81
CA SER C 162 -18.32 -29.90 3.94
C SER C 162 -17.63 -31.08 4.65
N THR C 163 -16.86 -30.81 5.72
CA THR C 163 -16.23 -31.86 6.52
C THR C 163 -16.49 -31.61 8.00
N ALA C 164 -17.62 -30.95 8.27
CA ALA C 164 -17.93 -30.47 9.60
C ALA C 164 -18.03 -31.57 10.65
N ILE C 165 -18.71 -32.67 10.32
CA ILE C 165 -18.86 -33.76 11.28
C ILE C 165 -17.51 -34.44 11.59
N LYS C 166 -16.74 -34.76 10.57
CA LYS C 166 -15.42 -35.35 10.78
C LYS C 166 -14.53 -34.39 11.61
N ASP C 167 -14.61 -33.09 11.33
CA ASP C 167 -13.85 -32.09 12.07
C ASP C 167 -14.28 -32.04 13.54
N TYR C 168 -15.58 -32.19 13.78
CA TYR C 168 -16.10 -32.20 15.14
C TYR C 168 -15.56 -33.44 15.87
N ASP C 169 -15.61 -34.57 15.19
CA ASP C 169 -15.20 -35.86 15.73
C ASP C 169 -13.71 -35.96 16.01
N PHE C 170 -12.90 -35.31 15.16
CA PHE C 170 -11.47 -35.38 15.23
C PHE C 170 -10.84 -34.01 15.09
N PRO C 171 -11.05 -33.16 16.08
CA PRO C 171 -10.49 -31.83 16.04
C PRO C 171 -9.01 -31.88 16.41
N PRO C 172 -8.26 -30.86 16.02
CA PRO C 172 -6.86 -30.76 16.44
C PRO C 172 -6.75 -30.46 17.92
N MET C 173 -7.77 -29.79 18.45
CA MET C 173 -7.79 -29.42 19.84
C MET C 173 -9.16 -28.84 20.17
N THR C 174 -9.44 -28.79 21.46
CA THR C 174 -10.61 -28.12 21.98
C THR C 174 -10.09 -26.91 22.74
N VAL C 175 -10.66 -25.75 22.46
CA VAL C 175 -10.25 -24.51 23.13
C VAL C 175 -11.40 -23.97 23.96
N ILE C 176 -11.10 -23.67 25.22
CA ILE C 176 -12.08 -23.16 26.18
C ILE C 176 -11.56 -21.82 26.72
N GLY C 177 -12.41 -20.80 26.64
CA GLY C 177 -12.16 -19.51 27.25
C GLY C 177 -12.90 -19.55 28.58
N GLU C 178 -12.13 -19.46 29.66
CA GLU C 178 -12.64 -19.70 31.00
C GLU C 178 -12.70 -18.49 31.91
N LEU C 179 -13.86 -18.33 32.54
CA LEU C 179 -14.09 -17.34 33.59
C LEU C 179 -14.34 -18.16 34.84
N ASP C 180 -15.61 -18.41 35.19
CA ASP C 180 -15.90 -19.27 36.34
C ASP C 180 -15.51 -20.72 36.01
N LYS C 181 -14.91 -21.39 36.99
CA LYS C 181 -14.44 -22.76 36.85
C LYS C 181 -15.54 -23.77 36.55
N GLN C 182 -16.71 -23.61 37.15
CA GLN C 182 -17.82 -24.54 36.91
C GLN C 182 -18.09 -24.69 35.41
N THR C 183 -18.12 -23.58 34.70
CA THR C 183 -18.40 -23.60 33.26
C THR C 183 -17.28 -24.32 32.47
N GLY C 184 -16.03 -24.00 32.78
CA GLY C 184 -14.90 -24.65 32.13
C GLY C 184 -14.95 -26.16 32.34
N ASP C 185 -15.30 -26.57 33.56
CA ASP C 185 -15.40 -27.99 33.89
C ASP C 185 -16.51 -28.68 33.10
N LEU C 186 -17.64 -28.00 32.94
CA LEU C 186 -18.75 -28.56 32.16
C LEU C 186 -18.29 -28.77 30.71
N LEU C 187 -17.54 -27.82 30.19
CA LEU C 187 -17.04 -27.94 28.83
C LEU C 187 -16.05 -29.09 28.71
N GLU C 188 -15.19 -29.27 29.72
CA GLU C 188 -14.26 -30.41 29.72
C GLU C 188 -15.04 -31.71 29.63
N GLU C 189 -16.16 -31.80 30.34
CA GLU C 189 -16.96 -33.01 30.35
C GLU C 189 -17.54 -33.30 28.98
N ILE C 190 -18.03 -32.26 28.32
CA ILE C 190 -18.60 -32.41 26.98
C ILE C 190 -17.59 -32.93 25.98
N TYR C 191 -16.35 -32.44 26.07
CA TYR C 191 -15.32 -32.77 25.08
C TYR C 191 -14.31 -33.84 25.51
N ARG C 192 -14.50 -34.38 26.71
CA ARG C 192 -13.57 -35.32 27.33
C ARG C 192 -13.19 -36.50 26.44
N GLU C 193 -14.17 -37.09 25.76
CA GLU C 193 -13.89 -38.28 24.98
C GLU C 193 -13.17 -38.05 23.66
N LEU C 194 -12.95 -36.78 23.28
CA LEU C 194 -12.28 -36.49 22.00
C LEU C 194 -10.77 -36.76 22.09
N ASP C 195 -10.21 -37.35 21.04
CA ASP C 195 -8.79 -37.64 21.01
C ASP C 195 -7.99 -36.41 20.61
N ALA C 196 -7.93 -35.47 21.52
CA ALA C 196 -7.26 -34.21 21.26
C ALA C 196 -7.07 -33.50 22.57
N PRO C 197 -6.10 -32.60 22.62
CA PRO C 197 -5.87 -31.82 23.83
C PRO C 197 -7.04 -30.88 24.07
N ILE C 198 -7.31 -30.63 25.34
CA ILE C 198 -8.26 -29.63 25.76
C ILE C 198 -7.41 -28.51 26.35
N ILE C 199 -7.57 -27.32 25.80
CA ILE C 199 -6.74 -26.19 26.16
C ILE C 199 -7.62 -25.14 26.78
N ARG C 200 -7.37 -24.84 28.04
CA ARG C 200 -8.15 -23.89 28.80
C ARG C 200 -7.34 -22.62 28.99
N LYS C 201 -7.89 -21.51 28.50
CA LYS C 201 -7.22 -20.21 28.54
C LYS C 201 -8.20 -19.12 28.99
N THR C 202 -7.72 -17.88 29.08
CA THR C 202 -8.64 -16.79 29.34
C THR C 202 -9.49 -16.60 28.10
N VAL C 203 -10.62 -15.94 28.28
CA VAL C 203 -11.52 -15.65 27.17
C VAL C 203 -10.78 -14.88 26.08
N GLU C 204 -10.03 -13.87 26.49
CA GLU C 204 -9.30 -13.05 25.56
C GLU C 204 -8.30 -13.86 24.73
N VAL C 205 -7.56 -14.75 25.39
CA VAL C 205 -6.62 -15.59 24.67
C VAL C 205 -7.36 -16.56 23.75
N ALA C 206 -8.47 -17.14 24.22
CA ALA C 206 -9.25 -18.08 23.41
C ALA C 206 -9.73 -17.44 22.12
N GLU C 207 -10.25 -16.23 22.20
CA GLU C 207 -10.77 -15.58 21.03
C GLU C 207 -9.64 -15.17 20.09
N MET C 208 -8.52 -14.69 20.65
CA MET C 208 -7.36 -14.37 19.85
C MET C 208 -6.87 -15.61 19.09
N ILE C 209 -6.89 -16.75 19.76
CA ILE C 209 -6.51 -18.00 19.10
C ILE C 209 -7.40 -18.27 17.88
N LYS C 210 -8.71 -18.14 18.07
CA LYS C 210 -9.65 -18.38 16.98
C LYS C 210 -9.39 -17.47 15.77
N TYR C 211 -9.32 -16.15 15.98
CA TYR C 211 -9.03 -15.24 14.88
C TYR C 211 -7.70 -15.57 14.22
N THR C 212 -6.67 -15.82 15.03
CA THR C 212 -5.35 -16.10 14.51
C THR C 212 -5.37 -17.33 13.62
N CYS C 213 -6.15 -18.36 14.00
CA CYS C 213 -6.26 -19.56 13.18
C CYS C 213 -6.85 -19.21 11.82
N ASN C 214 -7.96 -18.47 11.81
CA ASN C 214 -8.58 -18.13 10.52
C ASN C 214 -7.71 -17.22 9.65
N VAL C 215 -7.09 -16.22 10.26
CA VAL C 215 -6.24 -15.32 9.50
C VAL C 215 -4.99 -16.06 8.98
N TRP C 216 -4.50 -17.02 9.75
CA TRP C 216 -3.38 -17.86 9.32
C TRP C 216 -3.81 -18.67 8.08
N HIS C 217 -5.00 -19.27 8.13
CA HIS C 217 -5.52 -20.02 7.00
C HIS C 217 -5.55 -19.15 5.75
N ALA C 218 -6.06 -17.93 5.90
CA ALA C 218 -6.12 -16.97 4.83
C ALA C 218 -4.72 -16.65 4.31
N ALA C 219 -3.77 -16.45 5.22
CA ALA C 219 -2.39 -16.14 4.84
C ALA C 219 -1.75 -17.29 4.06
N LYS C 220 -1.99 -18.52 4.49
CA LYS C 220 -1.49 -19.70 3.78
C LYS C 220 -1.98 -19.71 2.33
N VAL C 221 -3.29 -19.56 2.14
CA VAL C 221 -3.87 -19.52 0.81
C VAL C 221 -3.25 -18.41 -0.05
N THR C 222 -3.18 -17.23 0.52
CA THR C 222 -2.66 -16.06 -0.20
C THR C 222 -1.21 -16.30 -0.61
N PHE C 223 -0.43 -16.89 0.28
CA PHE C 223 0.95 -17.21 -0.01
C PHE C 223 1.04 -18.18 -1.19
N ALA C 224 0.30 -19.27 -1.10
CA ALA C 224 0.28 -20.28 -2.14
C ALA C 224 -0.11 -19.68 -3.49
N ASN C 225 -1.12 -18.80 -3.49
CA ASN C 225 -1.57 -18.16 -4.72
C ASN C 225 -0.52 -17.22 -5.35
N GLU C 226 0.10 -16.37 -4.52
CA GLU C 226 1.08 -15.42 -5.04
C GLU C 226 2.30 -16.17 -5.59
N ILE C 227 2.77 -17.18 -4.86
CA ILE C 227 3.86 -18.02 -5.32
C ILE C 227 3.45 -18.72 -6.63
N GLY C 228 2.24 -19.27 -6.67
CA GLY C 228 1.72 -19.92 -7.86
C GLY C 228 1.70 -19.00 -9.07
N ASN C 229 1.24 -17.77 -8.86
CA ASN C 229 1.20 -16.76 -9.92
C ASN C 229 2.61 -16.51 -10.46
N ILE C 230 3.57 -16.36 -9.56
CA ILE C 230 4.95 -16.15 -9.97
C ILE C 230 5.47 -17.35 -10.74
N ALA C 231 5.24 -18.56 -10.21
CA ALA C 231 5.66 -19.79 -10.87
C ALA C 231 5.15 -19.86 -12.30
N LYS C 232 3.85 -19.64 -12.49
CA LYS C 232 3.28 -19.68 -13.82
C LYS C 232 3.99 -18.68 -14.74
N ALA C 233 4.26 -17.49 -14.21
CA ALA C 233 4.90 -16.44 -14.99
C ALA C 233 6.34 -16.79 -15.38
N VAL C 234 6.99 -17.66 -14.61
CA VAL C 234 8.38 -18.07 -14.87
C VAL C 234 8.43 -19.44 -15.58
N GLY C 235 7.25 -20.05 -15.72
CA GLY C 235 7.04 -21.13 -16.66
C GLY C 235 7.06 -22.49 -16.04
N VAL C 236 6.75 -22.53 -14.75
CA VAL C 236 6.72 -23.79 -14.06
C VAL C 236 5.37 -23.97 -13.37
N ASP C 237 5.14 -25.17 -12.90
CA ASP C 237 3.90 -25.54 -12.26
C ASP C 237 3.97 -25.16 -10.77
N GLY C 238 3.20 -24.14 -10.39
CA GLY C 238 3.13 -23.70 -9.01
C GLY C 238 2.81 -24.81 -8.02
N ARG C 239 2.01 -25.79 -8.45
CA ARG C 239 1.61 -26.90 -7.59
C ARG C 239 2.82 -27.78 -7.24
N GLU C 240 3.69 -28.01 -8.22
CA GLU C 240 4.89 -28.80 -7.99
C GLU C 240 5.76 -28.11 -6.96
N VAL C 241 5.91 -26.79 -7.11
CA VAL C 241 6.70 -26.00 -6.19
C VAL C 241 6.15 -26.14 -4.77
N MET C 242 4.88 -25.84 -4.58
CA MET C 242 4.29 -25.88 -3.24
C MET C 242 4.27 -27.30 -2.67
N ASP C 243 4.09 -28.31 -3.53
CA ASP C 243 4.10 -29.70 -3.09
C ASP C 243 5.43 -30.02 -2.40
N VAL C 244 6.54 -29.56 -3.00
CA VAL C 244 7.85 -29.77 -2.42
C VAL C 244 8.04 -28.98 -1.12
N ILE C 245 7.52 -27.75 -1.06
CA ILE C 245 7.59 -26.96 0.16
C ILE C 245 6.95 -27.73 1.33
N CYS C 246 5.93 -28.51 1.03
CA CYS C 246 5.12 -29.16 2.05
C CYS C 246 5.72 -30.49 2.49
N GLN C 247 6.82 -30.88 1.85
CA GLN C 247 7.54 -32.10 2.27
C GLN C 247 8.52 -31.79 3.41
N ASP C 248 8.69 -30.51 3.73
CA ASP C 248 9.62 -30.10 4.77
C ASP C 248 8.87 -29.81 6.07
N HIS C 249 8.93 -30.76 7.00
CA HIS C 249 8.32 -30.62 8.32
C HIS C 249 9.32 -30.18 9.39
N LYS C 250 10.52 -29.77 8.98
CA LYS C 250 11.51 -29.23 9.93
C LYS C 250 11.45 -27.70 9.97
N LEU C 251 11.38 -27.06 8.81
CA LEU C 251 11.33 -25.62 8.74
C LEU C 251 10.01 -25.07 8.20
N ASN C 252 9.52 -25.61 7.09
CA ASN C 252 8.31 -25.08 6.45
C ASN C 252 7.02 -25.36 7.24
N LEU C 253 6.74 -26.62 7.54
CA LEU C 253 5.52 -26.99 8.26
C LEU C 253 5.73 -27.30 9.75
N SER C 254 6.68 -26.60 10.36
CA SER C 254 6.95 -26.75 11.77
C SER C 254 6.65 -25.42 12.46
N ARG C 255 6.90 -25.40 13.76
CA ARG C 255 6.72 -24.20 14.55
C ARG C 255 7.89 -23.20 14.40
N TYR C 256 9.00 -23.61 13.76
CA TYR C 256 10.11 -22.68 13.58
C TYR C 256 9.62 -21.48 12.75
N TYR C 257 10.08 -20.28 13.12
CA TYR C 257 9.69 -19.00 12.52
C TYR C 257 8.36 -18.44 13.02
N MET C 258 7.65 -19.20 13.84
CA MET C 258 6.32 -18.81 14.28
C MET C 258 6.23 -18.15 15.66
N ARG C 259 7.37 -17.69 16.18
CA ARG C 259 7.43 -17.04 17.46
C ARG C 259 7.37 -15.52 17.27
N PRO C 260 6.42 -14.84 17.91
CA PRO C 260 6.37 -13.38 17.81
C PRO C 260 7.65 -12.82 18.42
N GLY C 261 8.25 -11.84 17.77
CA GLY C 261 9.46 -11.24 18.28
C GLY C 261 9.97 -10.14 17.38
N PHE C 262 11.24 -10.20 17.01
CA PHE C 262 11.84 -9.13 16.23
C PHE C 262 11.86 -9.37 14.73
N ALA C 263 12.28 -8.34 13.99
CA ALA C 263 12.39 -8.40 12.54
C ALA C 263 13.32 -9.54 12.12
N PHE C 264 13.10 -10.05 10.92
CA PHE C 264 14.04 -11.01 10.36
C PHE C 264 15.17 -10.23 9.69
N GLY C 265 16.31 -10.88 9.59
CA GLY C 265 17.48 -10.26 8.98
C GLY C 265 18.43 -11.33 8.54
N GLY C 266 19.71 -10.99 8.49
CA GLY C 266 20.70 -11.93 8.01
C GLY C 266 20.97 -11.79 6.53
N SER C 267 21.82 -12.69 6.05
CA SER C 267 22.38 -12.65 4.72
C SER C 267 21.51 -13.20 3.62
N CYS C 268 20.37 -13.79 3.97
CA CYS C 268 19.56 -14.48 2.96
C CYS C 268 18.08 -14.12 2.87
N LEU C 269 17.34 -14.11 3.98
CA LEU C 269 15.91 -13.81 3.88
C LEU C 269 15.62 -12.45 3.24
N PRO C 270 16.22 -11.36 3.73
CA PRO C 270 15.93 -10.05 3.12
C PRO C 270 16.27 -10.02 1.62
N LYS C 271 17.46 -10.45 1.21
CA LYS C 271 17.83 -10.34 -0.20
C LYS C 271 16.96 -11.25 -1.08
N ASP C 272 16.58 -12.42 -0.56
CA ASP C 272 15.78 -13.33 -1.36
C ASP C 272 14.34 -12.84 -1.52
N VAL C 273 13.80 -12.25 -0.46
CA VAL C 273 12.49 -11.60 -0.55
C VAL C 273 12.57 -10.48 -1.59
N ARG C 274 13.60 -9.64 -1.49
CA ARG C 274 13.77 -8.54 -2.45
C ARG C 274 13.88 -9.03 -3.90
N ALA C 275 14.65 -10.08 -4.13
CA ALA C 275 14.88 -10.56 -5.49
C ALA C 275 13.62 -11.19 -6.09
N LEU C 276 12.92 -12.02 -5.32
CA LEU C 276 11.72 -12.65 -5.84
C LEU C 276 10.62 -11.62 -6.16
N THR C 277 10.45 -10.62 -5.29
CA THR C 277 9.44 -9.56 -5.50
C THR C 277 9.85 -8.65 -6.68
N TYR C 278 11.14 -8.38 -6.80
CA TYR C 278 11.66 -7.62 -7.94
C TYR C 278 11.31 -8.35 -9.24
N ARG C 279 11.60 -9.64 -9.29
CA ARG C 279 11.32 -10.45 -10.47
C ARG C 279 9.82 -10.49 -10.79
N ALA C 280 9.00 -10.66 -9.75
CA ALA C 280 7.56 -10.69 -9.94
C ALA C 280 7.10 -9.38 -10.56
N SER C 281 7.63 -8.26 -10.05
CA SER C 281 7.28 -6.95 -10.60
C SER C 281 7.67 -6.84 -12.07
N GLN C 282 8.86 -7.33 -12.43
CA GLN C 282 9.32 -7.30 -13.83
C GLN C 282 8.40 -8.09 -14.76
N LEU C 283 7.81 -9.15 -14.21
CA LEU C 283 6.91 -10.03 -14.95
C LEU C 283 5.43 -9.61 -14.83
N ASP C 284 5.19 -8.41 -14.30
CA ASP C 284 3.83 -7.87 -14.14
C ASP C 284 2.90 -8.73 -13.28
N VAL C 285 3.46 -9.41 -12.30
CA VAL C 285 2.68 -10.24 -11.38
C VAL C 285 2.48 -9.47 -10.08
N GLU C 286 1.26 -8.98 -9.84
CA GLU C 286 0.98 -8.27 -8.58
C GLU C 286 1.13 -9.26 -7.43
N HIS C 287 1.62 -8.77 -6.31
CA HIS C 287 1.91 -9.61 -5.15
C HIS C 287 1.82 -8.80 -3.86
N PRO C 288 0.62 -8.34 -3.52
CA PRO C 288 0.46 -7.47 -2.33
C PRO C 288 1.02 -8.07 -1.05
N MET C 289 0.80 -9.35 -0.79
CA MET C 289 1.27 -9.94 0.44
C MET C 289 2.78 -10.06 0.45
N LEU C 290 3.35 -10.70 -0.56
CA LEU C 290 4.81 -10.83 -0.60
C LEU C 290 5.47 -9.45 -0.62
N GLY C 291 4.81 -8.48 -1.25
CA GLY C 291 5.35 -7.14 -1.37
C GLY C 291 5.27 -6.30 -0.10
N SER C 292 4.59 -6.82 0.93
CA SER C 292 4.39 -6.14 2.20
C SER C 292 5.40 -6.58 3.30
N LEU C 293 6.14 -7.66 3.04
CA LEU C 293 6.99 -8.25 4.07
C LEU C 293 8.06 -7.30 4.56
N MET C 294 8.77 -6.65 3.65
CA MET C 294 9.90 -5.83 4.06
C MET C 294 9.41 -4.61 4.84
N ARG C 295 8.27 -4.05 4.45
CA ARG C 295 7.70 -2.91 5.19
C ARG C 295 7.27 -3.33 6.61
N SER C 296 6.59 -4.45 6.73
CA SER C 296 6.22 -4.95 8.05
C SER C 296 7.48 -5.14 8.88
N ASN C 297 8.49 -5.74 8.27
CA ASN C 297 9.76 -6.01 8.92
C ASN C 297 10.43 -4.73 9.45
N SER C 298 10.55 -3.70 8.60
CA SER C 298 11.11 -2.43 9.05
C SER C 298 10.26 -1.82 10.16
N ASN C 299 8.93 -1.99 10.06
CA ASN C 299 8.03 -1.49 11.10
C ASN C 299 8.38 -2.11 12.43
N GLN C 300 8.75 -3.38 12.43
CA GLN C 300 9.11 -4.07 13.67
C GLN C 300 10.38 -3.51 14.31
N VAL C 301 11.32 -3.08 13.49
CA VAL C 301 12.51 -2.42 14.00
C VAL C 301 12.14 -1.11 14.67
N GLN C 302 11.28 -0.34 14.01
CA GLN C 302 10.81 0.93 14.54
C GLN C 302 10.08 0.71 15.87
N LYS C 303 9.28 -0.36 15.94
CA LYS C 303 8.54 -0.64 17.16
C LYS C 303 9.50 -0.88 18.33
N ALA C 304 10.59 -1.61 18.09
CA ALA C 304 11.58 -1.85 19.14
C ALA C 304 12.21 -0.53 19.55
N PHE C 305 12.55 0.29 18.55
CA PHE C 305 13.13 1.61 18.80
C PHE C 305 12.22 2.44 19.70
N ASP C 306 10.92 2.46 19.37
CA ASP C 306 9.96 3.24 20.14
C ASP C 306 9.89 2.76 21.59
N LEU C 307 9.99 1.45 21.81
CA LEU C 307 9.96 0.92 23.18
C LEU C 307 11.18 1.36 23.97
N ILE C 308 12.32 1.33 23.29
CA ILE C 308 13.59 1.63 23.95
C ILE C 308 13.66 3.09 24.34
N THR C 309 13.19 3.97 23.47
CA THR C 309 13.32 5.41 23.68
C THR C 309 12.18 6.03 24.49
N SER C 310 11.27 5.20 24.99
CA SER C 310 10.17 5.70 25.81
C SER C 310 10.50 5.80 27.32
N HIS C 311 11.76 5.62 27.70
CA HIS C 311 12.12 5.57 29.13
C HIS C 311 12.91 6.73 29.80
N ASP C 312 13.01 7.89 29.15
CA ASP C 312 13.69 9.05 29.74
C ASP C 312 15.09 8.73 30.27
N THR C 313 15.87 8.02 29.45
CA THR C 313 17.27 7.81 29.74
C THR C 313 18.00 7.58 28.43
N ARG C 314 19.26 7.99 28.39
CA ARG C 314 20.09 7.80 27.20
C ARG C 314 20.96 6.54 27.30
N LYS C 315 20.97 5.89 28.46
CA LYS C 315 21.89 4.79 28.71
C LYS C 315 21.30 3.44 28.33
N VAL C 316 21.69 2.95 27.15
CA VAL C 316 21.15 1.71 26.61
C VAL C 316 22.23 0.65 26.38
N GLY C 317 21.93 -0.56 26.82
CA GLY C 317 22.80 -1.70 26.62
C GLY C 317 22.13 -2.68 25.67
N LEU C 318 22.80 -2.99 24.57
CA LEU C 318 22.26 -3.91 23.56
C LEU C 318 22.90 -5.29 23.73
N LEU C 319 22.07 -6.29 24.02
CA LEU C 319 22.54 -7.66 24.20
C LEU C 319 22.28 -8.45 22.92
N GLY C 320 23.36 -8.65 22.17
CA GLY C 320 23.32 -9.29 20.85
C GLY C 320 23.46 -8.26 19.75
N LEU C 321 24.29 -8.56 18.75
CA LEU C 321 24.50 -7.65 17.63
C LEU C 321 24.44 -8.35 16.28
N SER C 322 25.07 -9.52 16.15
CA SER C 322 24.93 -10.29 14.91
C SER C 322 23.47 -10.76 14.83
N PHE C 323 23.04 -11.22 13.66
CA PHE C 323 21.61 -11.44 13.45
C PHE C 323 21.01 -12.60 14.24
N LYS C 324 21.86 -13.51 14.71
CA LYS C 324 21.42 -14.64 15.53
C LYS C 324 22.48 -14.97 16.57
N ALA C 325 22.05 -15.55 17.68
CA ALA C 325 22.97 -16.12 18.63
C ALA C 325 23.75 -17.21 17.91
N GLY C 326 25.00 -17.41 18.28
CA GLY C 326 25.79 -18.50 17.76
C GLY C 326 26.51 -18.27 16.44
N THR C 327 26.34 -17.10 15.84
CA THR C 327 27.04 -16.74 14.60
C THR C 327 27.56 -15.32 14.76
N ASP C 328 28.58 -14.97 13.98
CA ASP C 328 29.13 -13.62 14.01
C ASP C 328 28.59 -12.77 12.84
N ASP C 329 27.75 -13.36 12.01
CA ASP C 329 27.27 -12.70 10.79
C ASP C 329 26.44 -11.43 11.10
N LEU C 330 26.97 -10.32 10.60
CA LEU C 330 26.41 -8.99 10.81
C LEU C 330 25.58 -8.49 9.62
N ARG C 331 25.59 -9.22 8.51
CA ARG C 331 24.88 -8.81 7.29
C ARG C 331 23.39 -8.64 7.54
N GLU C 332 22.90 -7.42 7.27
CA GLU C 332 21.51 -7.06 7.49
C GLU C 332 20.98 -7.50 8.85
N SER C 333 21.79 -7.36 9.89
CA SER C 333 21.33 -7.66 11.23
C SER C 333 20.40 -6.52 11.68
N PRO C 334 19.18 -6.84 12.08
CA PRO C 334 18.25 -5.82 12.58
C PRO C 334 18.76 -5.15 13.84
N LEU C 335 19.66 -5.84 14.56
CA LEU C 335 20.25 -5.30 15.78
C LEU C 335 21.28 -4.22 15.42
N VAL C 336 22.00 -4.41 14.32
CA VAL C 336 22.87 -3.34 13.83
C VAL C 336 22.04 -2.13 13.41
N GLU C 337 20.94 -2.36 12.69
CA GLU C 337 20.06 -1.26 12.27
C GLU C 337 19.57 -0.50 13.51
N LEU C 338 19.10 -1.24 14.50
CA LEU C 338 18.65 -0.64 15.74
C LEU C 338 19.75 0.17 16.42
N ALA C 339 20.95 -0.41 16.51
CA ALA C 339 22.08 0.30 17.09
C ALA C 339 22.31 1.64 16.38
N GLU C 340 22.29 1.63 15.06
CA GLU C 340 22.55 2.86 14.27
C GLU C 340 21.47 3.92 14.51
N MET C 341 20.22 3.47 14.65
CA MET C 341 19.11 4.37 14.96
C MET C 341 19.35 5.06 16.29
N LEU C 342 19.79 4.28 17.28
CA LEU C 342 20.07 4.81 18.60
C LEU C 342 21.25 5.77 18.55
N ILE C 343 22.32 5.38 17.89
CA ILE C 343 23.49 6.26 17.75
C ILE C 343 23.10 7.59 17.10
N GLY C 344 22.30 7.50 16.03
CA GLY C 344 21.83 8.69 15.34
C GLY C 344 21.00 9.64 16.17
N LYS C 345 20.29 9.14 17.18
CA LYS C 345 19.47 9.99 18.03
C LYS C 345 20.20 10.34 19.36
N GLY C 346 21.49 10.02 19.44
CA GLY C 346 22.35 10.48 20.52
C GLY C 346 22.38 9.64 21.78
N TYR C 347 21.92 8.40 21.69
CA TYR C 347 21.93 7.52 22.85
C TYR C 347 23.34 7.09 23.26
N GLU C 348 23.51 6.83 24.54
CA GLU C 348 24.77 6.34 25.10
C GLU C 348 24.68 4.82 25.05
N LEU C 349 25.19 4.24 23.98
CA LEU C 349 25.04 2.81 23.72
C LEU C 349 26.27 1.95 24.05
N ARG C 350 26.04 0.85 24.77
CA ARG C 350 27.05 -0.17 25.05
C ARG C 350 26.50 -1.46 24.42
N ILE C 351 27.37 -2.28 23.84
CA ILE C 351 26.92 -3.50 23.16
C ILE C 351 27.68 -4.76 23.60
N PHE C 352 26.94 -5.84 23.82
CA PHE C 352 27.54 -7.14 24.14
C PHE C 352 27.21 -8.15 23.05
N ASP C 353 28.23 -8.78 22.49
CA ASP C 353 28.04 -9.90 21.56
C ASP C 353 29.34 -10.68 21.52
N ARG C 354 29.35 -11.85 22.15
CA ARG C 354 30.59 -12.62 22.28
C ARG C 354 31.11 -13.12 20.94
N ASN C 355 30.21 -13.36 20.00
CA ASN C 355 30.56 -13.85 18.69
C ASN C 355 31.23 -12.78 17.86
N VAL C 356 30.67 -11.58 17.89
CA VAL C 356 31.27 -10.48 17.17
C VAL C 356 32.58 -10.06 17.84
N GLU C 357 32.62 -10.10 19.17
CA GLU C 357 33.84 -9.78 19.93
C GLU C 357 34.99 -10.67 19.44
N TYR C 358 34.68 -11.96 19.27
CA TYR C 358 35.66 -12.93 18.80
C TYR C 358 36.05 -12.63 17.35
N ALA C 359 35.06 -12.50 16.48
CA ALA C 359 35.30 -12.26 15.05
C ALA C 359 36.11 -11.01 14.77
N ARG C 360 36.01 -10.03 15.65
CA ARG C 360 36.74 -8.79 15.47
C ARG C 360 38.25 -9.00 15.44
N VAL C 361 38.73 -10.02 16.14
CA VAL C 361 40.18 -10.26 16.21
C VAL C 361 40.61 -11.64 15.64
N HIS C 362 39.66 -12.53 15.38
CA HIS C 362 39.96 -13.80 14.73
C HIS C 362 38.96 -14.00 13.59
N GLY C 363 39.42 -14.42 12.42
CA GLY C 363 38.49 -14.66 11.33
C GLY C 363 38.67 -13.77 10.12
N ALA C 364 37.70 -13.84 9.22
CA ALA C 364 37.81 -13.17 7.93
C ALA C 364 36.94 -11.94 7.76
N ASN C 365 36.28 -11.51 8.83
CA ASN C 365 35.38 -10.36 8.78
C ASN C 365 35.94 -9.14 9.53
N LYS C 366 37.22 -9.21 9.90
CA LYS C 366 37.88 -8.13 10.65
C LYS C 366 37.73 -6.75 10.04
N GLU C 367 38.03 -6.62 8.75
CA GLU C 367 37.96 -5.33 8.08
C GLU C 367 36.55 -4.72 8.10
N TYR C 368 35.52 -5.53 7.89
CA TYR C 368 34.15 -5.01 7.95
C TYR C 368 33.91 -4.41 9.34
N ILE C 369 34.21 -5.20 10.36
CA ILE C 369 33.99 -4.79 11.74
C ILE C 369 34.81 -3.56 12.12
N GLU C 370 36.08 -3.54 11.74
CA GLU C 370 36.99 -2.44 12.12
C GLU C 370 36.90 -1.16 11.26
N SER C 371 36.68 -1.30 9.96
CA SER C 371 36.70 -0.14 9.07
C SER C 371 35.35 0.27 8.49
N LYS C 372 34.42 -0.66 8.34
CA LYS C 372 33.11 -0.32 7.78
C LYS C 372 32.08 0.14 8.82
N ILE C 373 32.07 -0.50 10.00
CA ILE C 373 31.10 -0.11 11.03
C ILE C 373 31.73 0.14 12.42
N PRO C 374 32.82 0.91 12.48
CA PRO C 374 33.49 1.19 13.77
C PRO C 374 32.65 2.01 14.71
N HIS C 375 31.76 2.83 14.16
CA HIS C 375 30.86 3.61 15.00
C HIS C 375 29.99 2.66 15.84
N VAL C 376 29.82 1.43 15.37
CA VAL C 376 29.03 0.43 16.10
C VAL C 376 29.96 -0.50 16.89
N SER C 377 30.93 -1.11 16.20
CA SER C 377 31.82 -2.07 16.84
C SER C 377 32.66 -1.49 17.97
N SER C 378 32.99 -0.20 17.89
CA SER C 378 33.74 0.47 18.95
C SER C 378 32.96 0.50 20.28
N LEU C 379 31.67 0.19 20.20
CA LEU C 379 30.82 0.20 21.39
C LEU C 379 30.73 -1.18 22.04
N LEU C 380 31.44 -2.16 21.50
CA LEU C 380 31.47 -3.50 22.09
C LEU C 380 32.18 -3.55 23.46
N VAL C 381 31.56 -4.23 24.42
CA VAL C 381 32.11 -4.38 25.77
C VAL C 381 32.23 -5.89 26.05
N SER C 382 33.40 -6.30 26.52
CA SER C 382 33.72 -7.72 26.78
C SER C 382 32.87 -8.40 27.83
N ASP C 383 32.67 -7.76 28.97
CA ASP C 383 31.89 -8.43 30.00
C ASP C 383 30.43 -7.96 30.09
N LEU C 384 29.53 -8.93 29.97
CA LEU C 384 28.11 -8.70 30.10
C LEU C 384 27.75 -7.90 31.35
N ASP C 385 28.42 -8.22 32.47
CA ASP C 385 28.20 -7.52 33.73
C ASP C 385 28.40 -6.00 33.61
N GLU C 386 29.35 -5.58 32.78
CA GLU C 386 29.63 -4.16 32.63
C GLU C 386 28.52 -3.48 31.82
N VAL C 387 28.07 -4.15 30.77
CA VAL C 387 27.00 -3.60 29.95
C VAL C 387 25.75 -3.44 30.81
N VAL C 388 25.48 -4.45 31.64
CA VAL C 388 24.32 -4.44 32.52
C VAL C 388 24.42 -3.34 33.57
N ALA C 389 25.54 -3.30 34.29
CA ALA C 389 25.75 -2.34 35.36
C ALA C 389 25.67 -0.87 34.92
N SER C 390 26.21 -0.56 33.74
CA SER C 390 26.31 0.83 33.26
C SER C 390 25.12 1.33 32.44
N SER C 391 24.23 0.43 32.07
CA SER C 391 23.07 0.78 31.26
C SER C 391 21.81 0.84 32.11
N ASP C 392 20.86 1.68 31.70
CA ASP C 392 19.56 1.79 32.36
C ASP C 392 18.52 0.89 31.68
N VAL C 393 18.55 0.85 30.35
CA VAL C 393 17.65 0.01 29.57
C VAL C 393 18.48 -1.07 28.87
N LEU C 394 18.08 -2.33 29.06
CA LEU C 394 18.79 -3.45 28.48
C LEU C 394 17.93 -4.14 27.45
N VAL C 395 18.46 -4.25 26.24
CA VAL C 395 17.72 -4.80 25.11
C VAL C 395 18.15 -6.23 24.81
N LEU C 396 17.21 -7.16 24.93
CA LEU C 396 17.46 -8.57 24.67
C LEU C 396 17.21 -8.78 23.18
N GLY C 397 18.29 -8.81 22.41
CA GLY C 397 18.24 -8.77 20.96
C GLY C 397 18.27 -10.08 20.18
N ASN C 398 19.00 -11.07 20.69
CA ASN C 398 19.03 -12.40 20.08
C ASN C 398 19.09 -13.48 21.15
N GLY C 399 19.08 -14.74 20.74
CA GLY C 399 18.87 -15.85 21.65
C GLY C 399 20.03 -16.46 22.39
N ASP C 400 20.94 -15.63 22.90
CA ASP C 400 22.08 -16.15 23.64
C ASP C 400 21.62 -16.63 25.02
N GLU C 401 21.92 -17.88 25.36
CA GLU C 401 21.59 -18.45 26.67
C GLU C 401 22.18 -17.65 27.84
N LEU C 402 23.24 -16.88 27.58
CA LEU C 402 23.87 -16.08 28.64
C LEU C 402 22.93 -14.99 29.17
N PHE C 403 21.89 -14.67 28.42
CA PHE C 403 20.97 -13.62 28.82
C PHE C 403 19.88 -14.10 29.77
N VAL C 404 19.75 -15.41 29.92
CA VAL C 404 18.72 -15.97 30.80
C VAL C 404 18.87 -15.53 32.26
N ASP C 405 20.05 -15.62 32.86
CA ASP C 405 20.21 -15.23 34.25
C ASP C 405 19.77 -13.78 34.49
N LEU C 406 20.17 -12.89 33.60
CA LEU C 406 19.80 -11.47 33.69
C LEU C 406 18.30 -11.30 33.85
N VAL C 407 17.55 -12.09 33.10
CA VAL C 407 16.10 -12.05 33.14
C VAL C 407 15.55 -12.68 34.44
N ASN C 408 16.10 -13.82 34.84
CA ASN C 408 15.71 -14.51 36.08
C ASN C 408 15.97 -13.67 37.33
N LYS C 409 17.10 -12.98 37.35
CA LYS C 409 17.53 -12.19 38.50
C LYS C 409 18.03 -10.81 38.06
N THR C 410 17.11 -9.93 37.74
CA THR C 410 17.46 -8.60 37.26
C THR C 410 17.83 -7.65 38.39
N PRO C 411 19.02 -7.07 38.32
CA PRO C 411 19.43 -6.05 39.27
C PRO C 411 18.40 -4.95 39.34
N SER C 412 18.19 -4.39 40.53
CA SER C 412 17.24 -3.31 40.70
C SER C 412 17.63 -2.12 39.82
N GLY C 413 16.65 -1.31 39.43
CA GLY C 413 16.90 -0.10 38.67
C GLY C 413 17.17 -0.26 37.18
N LYS C 414 16.79 -1.41 36.64
CA LYS C 414 16.96 -1.65 35.21
C LYS C 414 15.59 -1.78 34.55
N LYS C 415 15.53 -1.46 33.26
CA LYS C 415 14.33 -1.71 32.46
C LYS C 415 14.74 -2.65 31.35
N LEU C 416 14.01 -3.73 31.16
CA LEU C 416 14.34 -4.67 30.10
C LEU C 416 13.40 -4.47 28.93
N VAL C 417 13.94 -4.61 27.72
CA VAL C 417 13.15 -4.61 26.49
C VAL C 417 13.46 -5.95 25.82
N ASP C 418 12.49 -6.84 25.85
CA ASP C 418 12.65 -8.21 25.38
C ASP C 418 12.12 -8.36 23.96
N LEU C 419 13.03 -8.54 23.01
CA LEU C 419 12.69 -8.68 21.61
C LEU C 419 12.60 -10.14 21.15
N VAL C 420 12.88 -11.05 22.08
CA VAL C 420 13.08 -12.46 21.76
C VAL C 420 12.12 -13.44 22.45
N GLY C 421 11.79 -13.18 23.72
CA GLY C 421 10.94 -14.08 24.48
C GLY C 421 11.57 -14.71 25.71
N PHE C 422 12.57 -14.05 26.28
CA PHE C 422 13.20 -14.53 27.51
C PHE C 422 12.26 -14.41 28.71
N MET C 423 11.39 -13.39 28.71
CA MET C 423 10.51 -13.15 29.85
C MET C 423 9.54 -14.31 30.09
N PRO C 424 9.40 -14.70 31.36
CA PRO C 424 8.51 -15.80 31.75
C PRO C 424 7.05 -15.45 31.54
N HIS C 425 6.73 -14.18 31.71
CA HIS C 425 5.34 -13.72 31.62
C HIS C 425 5.22 -12.44 30.77
N THR C 426 4.12 -11.71 30.97
CA THR C 426 3.84 -10.49 30.20
C THR C 426 4.52 -9.26 30.78
N THR C 427 4.36 -8.15 30.07
CA THR C 427 4.97 -6.88 30.42
C THR C 427 4.63 -6.42 31.84
N THR C 428 5.65 -5.91 32.53
CA THR C 428 5.51 -5.32 33.87
C THR C 428 6.23 -3.98 33.85
N ALA C 429 6.27 -3.30 34.99
CA ALA C 429 6.96 -2.02 35.07
C ALA C 429 8.47 -2.15 34.89
N GLN C 430 9.01 -3.35 35.07
CA GLN C 430 10.45 -3.56 34.97
C GLN C 430 10.90 -4.19 33.65
N ALA C 431 9.99 -4.90 32.97
CA ALA C 431 10.32 -5.59 31.75
C ALA C 431 9.17 -5.55 30.75
N GLU C 432 9.48 -5.22 29.51
CA GLU C 432 8.45 -5.19 28.47
C GLU C 432 8.84 -6.01 27.27
N GLY C 433 7.87 -6.72 26.73
CA GLY C 433 8.05 -7.52 25.54
C GLY C 433 7.54 -6.81 24.30
N ILE C 434 8.12 -7.13 23.16
CA ILE C 434 7.68 -6.50 21.91
C ILE C 434 6.28 -7.01 21.49
N CYS C 435 5.93 -8.23 21.90
CA CYS C 435 4.64 -8.86 21.56
C CYS C 435 3.97 -9.51 22.79
N TRP C 436 4.31 -9.04 23.99
CA TRP C 436 3.73 -9.54 25.24
C TRP C 436 3.90 -8.55 26.36
N MET D 1 34.65 -38.90 -3.67
CA MET D 1 34.73 -38.13 -4.93
C MET D 1 35.72 -37.00 -4.79
N ARG D 2 36.29 -36.56 -5.91
CA ARG D 2 37.10 -35.34 -5.97
C ARG D 2 36.17 -34.14 -6.26
N ILE D 3 36.07 -33.25 -5.29
CA ILE D 3 35.14 -32.13 -5.36
C ILE D 3 35.80 -30.78 -5.18
N SER D 4 35.48 -29.82 -6.06
CA SER D 4 35.91 -28.46 -5.87
C SER D 4 34.71 -27.64 -5.42
N ILE D 5 34.94 -26.70 -4.51
CA ILE D 5 33.89 -25.81 -4.02
C ILE D 5 34.32 -24.37 -4.24
N PHE D 6 33.54 -23.65 -5.04
CA PHE D 6 33.78 -22.23 -5.31
C PHE D 6 32.99 -21.38 -4.32
N GLY D 7 33.74 -20.66 -3.49
CA GLY D 7 33.18 -19.81 -2.45
C GLY D 7 33.25 -20.51 -1.11
N LEU D 8 34.10 -19.98 -0.22
CA LEU D 8 34.31 -20.55 1.11
C LEU D 8 33.78 -19.61 2.19
N GLY D 9 32.54 -19.19 2.00
CA GLY D 9 31.84 -18.36 2.95
C GLY D 9 31.00 -19.15 3.92
N TYR D 10 29.92 -18.54 4.42
CA TYR D 10 29.06 -19.19 5.41
C TYR D 10 28.52 -20.55 4.92
N VAL D 11 28.16 -20.64 3.64
CA VAL D 11 27.70 -21.90 3.09
C VAL D 11 28.87 -22.78 2.63
N GLY D 12 29.74 -22.23 1.80
CA GLY D 12 30.82 -23.01 1.22
C GLY D 12 31.79 -23.65 2.20
N ALA D 13 32.19 -22.90 3.22
CA ALA D 13 33.14 -23.44 4.19
C ALA D 13 32.49 -24.61 4.91
N VAL D 14 31.18 -24.51 5.19
CA VAL D 14 30.47 -25.58 5.85
C VAL D 14 30.41 -26.80 4.93
N CYS D 15 30.00 -26.60 3.68
CA CYS D 15 29.98 -27.70 2.70
C CYS D 15 31.35 -28.39 2.59
N ALA D 16 32.42 -27.59 2.55
CA ALA D 16 33.77 -28.10 2.49
C ALA D 16 34.08 -29.01 3.68
N GLY D 17 33.80 -28.54 4.89
CA GLY D 17 34.03 -29.32 6.08
C GLY D 17 33.22 -30.60 6.10
N CYS D 18 31.93 -30.50 5.81
CA CYS D 18 31.03 -31.64 5.83
C CYS D 18 31.39 -32.70 4.79
N LEU D 19 31.72 -32.28 3.57
CA LEU D 19 32.08 -33.20 2.51
C LEU D 19 33.41 -33.91 2.79
N SER D 20 34.40 -33.15 3.28
CA SER D 20 35.69 -33.72 3.58
C SER D 20 35.57 -34.72 4.74
N ALA D 21 34.67 -34.44 5.69
CA ALA D 21 34.42 -35.34 6.81
C ALA D 21 33.83 -36.68 6.37
N ARG D 22 33.10 -36.66 5.25
CA ARG D 22 32.50 -37.89 4.71
C ARG D 22 33.43 -38.69 3.79
N GLY D 23 34.68 -38.24 3.65
CA GLY D 23 35.66 -39.00 2.89
C GLY D 23 36.04 -38.46 1.52
N HIS D 24 35.33 -37.43 1.07
CA HIS D 24 35.65 -36.83 -0.22
C HIS D 24 36.92 -35.99 -0.18
N GLU D 25 37.60 -35.93 -1.31
CA GLU D 25 38.74 -35.06 -1.46
C GLU D 25 38.18 -33.72 -1.89
N VAL D 26 38.35 -32.70 -1.04
CA VAL D 26 37.79 -31.38 -1.31
C VAL D 26 38.84 -30.28 -1.53
N ILE D 27 38.70 -29.59 -2.65
CA ILE D 27 39.54 -28.46 -2.95
C ILE D 27 38.67 -27.21 -2.88
N GLY D 28 38.87 -26.42 -1.84
CA GLY D 28 38.12 -25.18 -1.68
C GLY D 28 38.77 -24.06 -2.47
N VAL D 29 37.95 -23.31 -3.20
CA VAL D 29 38.43 -22.22 -4.04
C VAL D 29 37.76 -20.91 -3.65
N ASP D 30 38.57 -19.86 -3.49
CA ASP D 30 38.03 -18.55 -3.16
C ASP D 30 38.98 -17.50 -3.73
N VAL D 31 38.47 -16.29 -3.92
CA VAL D 31 39.32 -15.19 -4.37
C VAL D 31 40.01 -14.54 -3.18
N SER D 32 39.49 -14.76 -1.98
CA SER D 32 40.05 -14.17 -0.76
C SER D 32 41.21 -15.00 -0.19
N SER D 33 42.43 -14.49 -0.29
CA SER D 33 43.59 -15.16 0.28
C SER D 33 43.44 -15.36 1.78
N THR D 34 42.80 -14.40 2.44
CA THR D 34 42.55 -14.47 3.89
C THR D 34 41.78 -15.73 4.27
N LYS D 35 40.69 -15.99 3.55
CA LYS D 35 39.89 -17.16 3.83
C LYS D 35 40.68 -18.43 3.52
N ILE D 36 41.43 -18.43 2.42
CA ILE D 36 42.19 -19.62 2.02
C ILE D 36 43.23 -19.93 3.07
N ASP D 37 43.93 -18.89 3.51
CA ASP D 37 44.98 -19.04 4.51
C ASP D 37 44.40 -19.62 5.78
N LEU D 38 43.26 -19.11 6.24
CA LEU D 38 42.64 -19.62 7.45
C LEU D 38 42.31 -21.09 7.28
N ILE D 39 41.67 -21.41 6.16
CA ILE D 39 41.25 -22.77 5.93
C ILE D 39 42.46 -23.72 5.85
N ASN D 40 43.55 -23.30 5.20
CA ASN D 40 44.75 -24.12 5.15
C ASN D 40 45.39 -24.32 6.53
N GLN D 41 45.14 -23.39 7.45
CA GLN D 41 45.60 -23.52 8.84
C GLN D 41 44.61 -24.34 9.69
N GLY D 42 43.52 -24.79 9.07
CA GLY D 42 42.49 -25.54 9.79
C GLY D 42 41.70 -24.64 10.74
N LYS D 43 41.57 -23.37 10.39
CA LYS D 43 40.86 -22.39 11.20
C LYS D 43 39.61 -21.94 10.45
N SER D 44 38.54 -21.68 11.21
CA SER D 44 37.30 -21.25 10.62
C SER D 44 37.33 -19.76 10.39
N PRO D 45 36.91 -19.30 9.22
CA PRO D 45 36.81 -17.86 8.95
C PRO D 45 35.60 -17.24 9.63
N ILE D 46 34.71 -18.11 10.13
CA ILE D 46 33.44 -17.69 10.72
C ILE D 46 33.17 -18.35 12.06
N VAL D 47 32.27 -17.74 12.81
CA VAL D 47 31.79 -18.34 14.04
C VAL D 47 30.60 -19.20 13.64
N GLU D 48 30.78 -20.51 13.74
CA GLU D 48 29.81 -21.52 13.34
C GLU D 48 30.20 -22.78 14.11
N PRO D 49 29.36 -23.24 15.04
CA PRO D 49 29.72 -24.33 15.95
C PRO D 49 30.14 -25.58 15.24
N GLY D 50 31.29 -26.12 15.67
CA GLY D 50 31.82 -27.34 15.12
C GLY D 50 32.60 -27.23 13.82
N LEU D 51 32.61 -26.06 13.18
CA LEU D 51 33.26 -25.95 11.88
C LEU D 51 34.78 -26.04 11.95
N GLU D 52 35.39 -25.34 12.91
CA GLU D 52 36.84 -25.37 13.00
C GLU D 52 37.33 -26.81 13.13
N ALA D 53 36.65 -27.61 13.94
CA ALA D 53 37.00 -29.01 14.11
C ALA D 53 36.98 -29.76 12.78
N LEU D 54 35.96 -29.54 11.95
CA LEU D 54 35.88 -30.21 10.65
C LEU D 54 36.99 -29.77 9.73
N LEU D 55 37.26 -28.46 9.71
CA LEU D 55 38.36 -27.93 8.91
C LEU D 55 39.69 -28.53 9.38
N GLN D 56 39.91 -28.56 10.70
CA GLN D 56 41.13 -29.17 11.23
C GLN D 56 41.28 -30.61 10.74
N GLN D 57 40.21 -31.40 10.89
CA GLN D 57 40.22 -32.81 10.49
C GLN D 57 40.52 -33.00 9.00
N GLY D 58 39.94 -32.14 8.16
CA GLY D 58 40.18 -32.23 6.73
C GLY D 58 41.64 -32.02 6.40
N ARG D 59 42.27 -31.07 7.08
CA ARG D 59 43.67 -30.76 6.86
C ARG D 59 44.56 -31.90 7.35
N GLN D 60 44.24 -32.42 8.53
CA GLN D 60 44.99 -33.54 9.10
C GLN D 60 44.95 -34.80 8.21
N THR D 61 43.77 -35.14 7.69
CA THR D 61 43.60 -36.31 6.83
C THR D 61 44.11 -36.05 5.42
N GLY D 62 44.35 -34.79 5.10
CA GLY D 62 44.81 -34.39 3.78
C GLY D 62 43.70 -34.34 2.73
N ARG D 63 42.45 -34.42 3.16
CA ARG D 63 41.31 -34.43 2.25
C ARG D 63 40.76 -33.04 1.93
N LEU D 64 41.28 -32.02 2.61
CA LEU D 64 40.81 -30.66 2.41
C LEU D 64 41.98 -29.71 2.19
N SER D 65 41.85 -28.82 1.20
CA SER D 65 42.84 -27.80 0.92
C SER D 65 42.14 -26.58 0.31
N GLY D 66 42.76 -25.42 0.43
CA GLY D 66 42.22 -24.22 -0.16
C GLY D 66 43.21 -23.59 -1.13
N THR D 67 42.68 -22.97 -2.18
CA THR D 67 43.51 -22.33 -3.19
C THR D 67 42.75 -21.21 -3.92
N THR D 68 43.50 -20.34 -4.59
CA THR D 68 42.90 -19.34 -5.48
C THR D 68 43.05 -19.82 -6.93
N ASP D 69 43.76 -20.91 -7.12
CA ASP D 69 44.05 -21.47 -8.46
C ASP D 69 42.86 -22.28 -8.97
N PHE D 70 41.89 -21.59 -9.56
CA PHE D 70 40.66 -22.24 -10.03
C PHE D 70 40.93 -23.23 -11.15
N LYS D 71 41.91 -22.93 -12.00
CA LYS D 71 42.21 -23.82 -13.12
C LYS D 71 42.64 -25.18 -12.61
N LYS D 72 43.56 -25.18 -11.65
CA LYS D 72 44.06 -26.39 -11.04
C LYS D 72 42.98 -27.15 -10.25
N ALA D 73 42.14 -26.42 -9.51
CA ALA D 73 41.07 -27.05 -8.75
C ALA D 73 40.11 -27.79 -9.68
N VAL D 74 39.79 -27.19 -10.82
CA VAL D 74 38.92 -27.85 -11.80
C VAL D 74 39.61 -29.07 -12.42
N LEU D 75 40.90 -28.95 -12.72
CA LEU D 75 41.66 -30.05 -13.31
C LEU D 75 41.76 -31.25 -12.36
N ASP D 76 41.80 -30.97 -11.06
CA ASP D 76 41.99 -32.01 -10.04
C ASP D 76 40.71 -32.45 -9.35
N SER D 77 39.57 -32.08 -9.91
CA SER D 77 38.29 -32.49 -9.36
C SER D 77 37.36 -32.94 -10.48
N ASP D 78 36.31 -33.67 -10.11
CA ASP D 78 35.33 -34.13 -11.08
C ASP D 78 34.01 -33.37 -10.98
N VAL D 79 33.73 -32.78 -9.83
CA VAL D 79 32.53 -31.99 -9.66
C VAL D 79 32.86 -30.68 -8.93
N SER D 80 32.28 -29.58 -9.42
CA SER D 80 32.44 -28.28 -8.80
C SER D 80 31.10 -27.78 -8.30
N PHE D 81 31.03 -27.46 -7.01
CA PHE D 81 29.85 -26.83 -6.42
C PHE D 81 30.07 -25.31 -6.43
N ILE D 82 29.08 -24.55 -6.88
CA ILE D 82 29.16 -23.09 -6.86
C ILE D 82 28.37 -22.59 -5.64
N CYS D 83 29.11 -21.94 -4.73
CA CYS D 83 28.58 -21.43 -3.48
C CYS D 83 28.98 -19.97 -3.27
N VAL D 84 29.10 -19.23 -4.35
CA VAL D 84 29.48 -17.83 -4.26
C VAL D 84 28.27 -16.98 -3.89
N GLY D 85 28.53 -15.75 -3.46
CA GLY D 85 27.46 -14.87 -3.06
C GLY D 85 26.51 -14.45 -4.18
N THR D 86 25.25 -14.21 -3.80
CA THR D 86 24.24 -13.63 -4.67
C THR D 86 23.51 -12.49 -3.93
N PRO D 87 24.26 -11.43 -3.61
CA PRO D 87 23.70 -10.33 -2.85
C PRO D 87 22.76 -9.49 -3.71
N SER D 88 22.06 -8.57 -3.07
CA SER D 88 21.21 -7.63 -3.81
C SER D 88 22.06 -6.58 -4.47
N LYS D 89 21.61 -6.15 -5.65
CA LYS D 89 22.10 -4.92 -6.24
C LYS D 89 21.42 -3.80 -5.41
N LYS D 90 21.80 -2.54 -5.66
CA LYS D 90 21.18 -1.39 -4.97
C LYS D 90 19.66 -1.36 -5.10
N ASN D 91 19.14 -1.81 -6.22
CA ASN D 91 17.70 -1.77 -6.46
C ASN D 91 16.91 -2.99 -5.95
N GLY D 92 17.58 -3.92 -5.28
CA GLY D 92 16.92 -5.10 -4.72
C GLY D 92 16.95 -6.34 -5.60
N ASP D 93 17.31 -6.18 -6.86
CA ASP D 93 17.42 -7.28 -7.80
C ASP D 93 18.64 -8.14 -7.46
N LEU D 94 18.67 -9.33 -8.02
CA LEU D 94 19.74 -10.31 -7.82
C LEU D 94 21.01 -9.85 -8.53
N ASP D 95 22.12 -9.79 -7.81
CA ASP D 95 23.41 -9.46 -8.39
C ASP D 95 24.10 -10.76 -8.85
N LEU D 96 24.24 -10.92 -10.16
CA LEU D 96 24.84 -12.13 -10.75
C LEU D 96 26.34 -12.05 -10.97
N GLY D 97 26.97 -10.95 -10.56
CA GLY D 97 28.36 -10.70 -10.84
C GLY D 97 29.30 -11.85 -10.48
N TYR D 98 29.13 -12.38 -9.27
CA TYR D 98 29.97 -13.46 -8.79
C TYR D 98 29.71 -14.78 -9.52
N ILE D 99 28.44 -15.11 -9.74
CA ILE D 99 28.06 -16.27 -10.51
C ILE D 99 28.72 -16.24 -11.89
N GLU D 100 28.64 -15.09 -12.56
CA GLU D 100 29.14 -14.95 -13.92
C GLU D 100 30.64 -15.15 -13.96
N THR D 101 31.34 -14.59 -13.00
CA THR D 101 32.78 -14.73 -12.93
C THR D 101 33.18 -16.19 -12.78
N VAL D 102 32.52 -16.90 -11.86
CA VAL D 102 32.83 -18.30 -11.63
C VAL D 102 32.53 -19.14 -12.86
N CYS D 103 31.43 -18.85 -13.54
CA CYS D 103 31.10 -19.60 -14.75
C CYS D 103 32.16 -19.42 -15.83
N ARG D 104 32.65 -18.18 -16.00
CA ARG D 104 33.69 -17.90 -16.97
C ARG D 104 34.97 -18.67 -16.64
N GLU D 105 35.31 -18.67 -15.36
CA GLU D 105 36.48 -19.39 -14.86
C GLU D 105 36.38 -20.88 -15.14
N ILE D 106 35.26 -21.49 -14.76
CA ILE D 106 35.07 -22.92 -14.97
C ILE D 106 35.06 -23.29 -16.45
N GLY D 107 34.37 -22.50 -17.26
CA GLY D 107 34.33 -22.68 -18.70
C GLY D 107 35.74 -22.70 -19.27
N PHE D 108 36.56 -21.72 -18.90
CA PHE D 108 37.95 -21.66 -19.33
C PHE D 108 38.70 -22.94 -18.94
N ALA D 109 38.53 -23.35 -17.68
CA ALA D 109 39.27 -24.49 -17.13
C ALA D 109 38.87 -25.85 -17.71
N ILE D 110 37.60 -26.05 -18.09
CA ILE D 110 37.22 -27.35 -18.64
C ILE D 110 37.47 -27.47 -20.15
N ARG D 111 37.81 -26.35 -20.78
CA ARG D 111 38.02 -26.33 -22.24
C ARG D 111 38.94 -27.42 -22.79
N GLU D 112 40.12 -27.58 -22.21
CA GLU D 112 41.09 -28.55 -22.71
C GLU D 112 41.14 -29.81 -21.84
N LYS D 113 40.22 -29.88 -20.88
CA LYS D 113 40.10 -31.05 -20.02
C LYS D 113 39.20 -32.05 -20.75
N SER D 114 39.74 -33.20 -21.12
CA SER D 114 38.95 -34.16 -21.87
C SER D 114 37.91 -34.91 -21.03
N GLU D 115 38.26 -35.27 -19.80
CA GLU D 115 37.36 -35.99 -18.91
C GLU D 115 36.15 -35.14 -18.54
N ARG D 116 34.98 -35.75 -18.44
CA ARG D 116 33.75 -35.03 -18.13
C ARG D 116 33.83 -34.30 -16.80
N HIS D 117 33.46 -33.02 -16.80
CA HIS D 117 33.35 -32.26 -15.57
C HIS D 117 31.88 -32.03 -15.26
N THR D 118 31.57 -31.78 -13.99
CA THR D 118 30.19 -31.56 -13.55
C THR D 118 30.14 -30.29 -12.72
N VAL D 119 29.17 -29.44 -13.03
CA VAL D 119 29.00 -28.16 -12.36
C VAL D 119 27.64 -28.16 -11.67
N VAL D 120 27.63 -27.85 -10.37
CA VAL D 120 26.41 -27.85 -9.60
C VAL D 120 26.26 -26.55 -8.86
N VAL D 121 25.16 -25.85 -9.09
CA VAL D 121 24.93 -24.56 -8.48
C VAL D 121 24.16 -24.69 -7.17
N ARG D 122 24.79 -24.30 -6.07
CA ARG D 122 24.15 -24.29 -4.75
C ARG D 122 23.74 -22.89 -4.33
N SER D 123 24.39 -21.88 -4.90
CA SER D 123 24.02 -20.49 -4.68
C SER D 123 22.57 -20.27 -5.07
N THR D 124 21.87 -19.48 -4.30
CA THR D 124 20.50 -19.15 -4.61
C THR D 124 20.46 -18.17 -5.78
N VAL D 125 19.87 -18.62 -6.88
CA VAL D 125 19.70 -17.79 -8.09
C VAL D 125 18.27 -17.94 -8.61
N LEU D 126 17.73 -16.86 -9.17
CA LEU D 126 16.34 -16.84 -9.64
C LEU D 126 16.11 -17.85 -10.75
N PRO D 127 14.88 -18.33 -10.87
CA PRO D 127 14.52 -19.25 -11.95
C PRO D 127 14.93 -18.67 -13.30
N GLY D 128 15.56 -19.51 -14.10
CA GLY D 128 16.03 -19.10 -15.41
C GLY D 128 17.52 -18.80 -15.44
N THR D 129 18.14 -18.63 -14.26
CA THR D 129 19.54 -18.27 -14.22
C THR D 129 20.45 -19.36 -14.80
N VAL D 130 20.24 -20.60 -14.43
CA VAL D 130 21.11 -21.64 -14.97
C VAL D 130 20.95 -21.74 -16.49
N ASN D 131 19.70 -21.66 -16.96
CA ASN D 131 19.44 -21.84 -18.38
C ASN D 131 19.90 -20.65 -19.23
N ASN D 132 19.81 -19.45 -18.67
CA ASN D 132 20.05 -18.24 -19.42
C ASN D 132 21.37 -17.52 -19.14
N VAL D 133 22.07 -17.92 -18.09
CA VAL D 133 23.31 -17.26 -17.71
C VAL D 133 24.45 -18.28 -17.53
N VAL D 134 24.27 -19.22 -16.62
CA VAL D 134 25.29 -20.22 -16.34
C VAL D 134 25.66 -21.03 -17.56
N ILE D 135 24.67 -21.62 -18.20
CA ILE D 135 24.93 -22.50 -19.35
C ILE D 135 25.57 -21.74 -20.51
N PRO D 136 24.96 -20.66 -20.98
CA PRO D 136 25.62 -19.90 -22.06
C PRO D 136 27.07 -19.48 -21.74
N LEU D 137 27.39 -19.01 -20.53
CA LEU D 137 28.75 -18.59 -20.22
C LEU D 137 29.71 -19.77 -20.25
N ILE D 138 29.30 -20.90 -19.67
CA ILE D 138 30.21 -22.03 -19.63
C ILE D 138 30.42 -22.57 -21.04
N GLU D 139 29.36 -22.62 -21.82
CA GLU D 139 29.45 -23.09 -23.20
C GLU D 139 30.36 -22.20 -24.05
N ASP D 140 30.18 -20.89 -23.95
CA ASP D 140 30.97 -19.94 -24.74
C ASP D 140 32.46 -20.00 -24.41
N CYS D 141 32.79 -20.19 -23.13
CA CYS D 141 34.17 -20.26 -22.70
C CYS D 141 34.83 -21.61 -22.99
N SER D 142 34.02 -22.66 -23.04
CA SER D 142 34.54 -24.03 -23.16
C SER D 142 34.52 -24.68 -24.53
N GLY D 143 33.64 -24.24 -25.43
CA GLY D 143 33.47 -24.90 -26.71
C GLY D 143 32.84 -26.27 -26.53
N LYS D 144 32.09 -26.40 -25.43
CA LYS D 144 31.39 -27.64 -25.10
C LYS D 144 29.94 -27.34 -24.76
N LYS D 145 29.13 -28.39 -24.71
CA LYS D 145 27.69 -28.26 -24.49
C LYS D 145 27.24 -28.81 -23.14
N ALA D 146 26.33 -28.08 -22.51
CA ALA D 146 25.80 -28.47 -21.21
C ALA D 146 25.03 -29.78 -21.36
N GLY D 147 25.13 -30.62 -20.34
CA GLY D 147 24.44 -31.91 -20.33
C GLY D 147 25.20 -32.97 -21.11
N VAL D 148 25.45 -32.68 -22.37
CA VAL D 148 26.13 -33.62 -23.24
C VAL D 148 27.60 -33.80 -22.87
N ASP D 149 28.34 -32.68 -22.83
CA ASP D 149 29.78 -32.69 -22.59
C ASP D 149 30.20 -32.42 -21.15
N PHE D 150 29.47 -31.55 -20.47
CA PHE D 150 29.70 -31.32 -19.03
C PHE D 150 28.37 -31.36 -18.31
N GLY D 151 28.38 -31.92 -17.11
CA GLY D 151 27.17 -32.00 -16.33
C GLY D 151 26.79 -30.66 -15.74
N VAL D 152 25.48 -30.42 -15.62
CA VAL D 152 24.99 -29.21 -14.99
C VAL D 152 23.75 -29.56 -14.20
N GLY D 153 23.71 -29.07 -12.98
CA GLY D 153 22.57 -29.26 -12.11
C GLY D 153 22.50 -28.14 -11.10
N THR D 154 21.37 -28.11 -10.39
CA THR D 154 21.11 -27.17 -9.32
C THR D 154 20.91 -28.01 -8.07
N ASN D 155 21.39 -27.54 -6.92
CA ASN D 155 21.27 -28.27 -5.66
C ASN D 155 21.19 -27.25 -4.54
N PRO D 156 19.99 -26.72 -4.33
CA PRO D 156 19.78 -25.70 -3.30
C PRO D 156 20.27 -26.18 -1.95
N GLU D 157 20.67 -25.25 -1.11
CA GLU D 157 21.04 -25.55 0.27
C GLU D 157 20.00 -24.91 1.18
N PHE D 158 19.72 -25.57 2.29
CA PHE D 158 18.73 -25.12 3.26
C PHE D 158 19.32 -24.90 4.65
N LEU D 159 20.65 -24.76 4.70
CA LEU D 159 21.39 -24.54 5.93
C LEU D 159 21.09 -23.20 6.56
N ARG D 160 20.98 -23.22 7.89
CA ARG D 160 20.83 -22.02 8.70
C ARG D 160 22.16 -21.71 9.40
N GLU D 161 22.59 -20.47 9.34
CA GLU D 161 23.78 -20.04 10.06
C GLU D 161 23.56 -20.23 11.57
N SER D 162 24.62 -20.74 12.21
CA SER D 162 24.67 -21.11 13.64
C SER D 162 24.29 -22.58 13.91
N THR D 163 23.59 -23.23 12.97
CA THR D 163 23.27 -24.65 13.09
C THR D 163 23.58 -25.35 11.77
N ALA D 164 24.55 -24.83 11.05
CA ALA D 164 24.76 -25.25 9.67
C ALA D 164 25.19 -26.69 9.54
N ILE D 165 26.09 -27.12 10.41
CA ILE D 165 26.56 -28.50 10.34
C ILE D 165 25.42 -29.47 10.64
N LYS D 166 24.67 -29.21 11.71
CA LYS D 166 23.52 -30.06 12.03
C LYS D 166 22.52 -30.07 10.88
N ASP D 167 22.29 -28.91 10.24
CA ASP D 167 21.36 -28.81 9.12
C ASP D 167 21.87 -29.60 7.91
N TYR D 168 23.18 -29.63 7.72
CA TYR D 168 23.77 -30.39 6.63
C TYR D 168 23.56 -31.90 6.94
N ASP D 169 23.82 -32.28 8.18
CA ASP D 169 23.74 -33.69 8.58
C ASP D 169 22.30 -34.23 8.58
N PHE D 170 21.36 -33.36 8.92
CA PHE D 170 19.96 -33.72 9.12
C PHE D 170 19.04 -32.71 8.41
N PRO D 171 19.09 -32.70 7.09
CA PRO D 171 18.28 -31.75 6.32
C PRO D 171 16.85 -32.24 6.26
N PRO D 172 15.94 -31.35 5.92
CA PRO D 172 14.54 -31.75 5.76
C PRO D 172 14.34 -32.54 4.48
N MET D 173 15.21 -32.27 3.51
CA MET D 173 15.13 -32.88 2.19
C MET D 173 16.35 -32.46 1.38
N THR D 174 16.63 -33.24 0.35
CA THR D 174 17.66 -32.91 -0.62
C THR D 174 16.91 -32.63 -1.91
N VAL D 175 17.10 -31.44 -2.48
CA VAL D 175 16.47 -31.06 -3.74
C VAL D 175 17.51 -30.98 -4.84
N ILE D 176 17.24 -31.67 -5.94
CA ILE D 176 18.10 -31.70 -7.10
C ILE D 176 17.35 -31.16 -8.30
N GLY D 177 17.92 -30.16 -8.95
CA GLY D 177 17.41 -29.59 -10.18
C GLY D 177 18.23 -30.22 -11.29
N GLU D 178 17.58 -30.95 -12.17
CA GLU D 178 18.26 -31.79 -13.15
C GLU D 178 18.13 -31.35 -14.59
N LEU D 179 19.27 -31.31 -15.29
CA LEU D 179 19.34 -31.14 -16.74
C LEU D 179 19.67 -32.55 -17.23
N ASP D 180 20.93 -32.97 -17.15
CA ASP D 180 21.33 -34.33 -17.50
C ASP D 180 21.19 -35.27 -16.30
N LYS D 181 20.70 -36.47 -16.56
CA LYS D 181 20.52 -37.48 -15.54
C LYS D 181 21.83 -37.87 -14.84
N GLN D 182 22.94 -37.91 -15.58
CA GLN D 182 24.24 -38.27 -14.99
C GLN D 182 24.54 -37.44 -13.75
N THR D 183 24.34 -36.12 -13.87
CA THR D 183 24.61 -35.22 -12.76
C THR D 183 23.66 -35.47 -11.59
N GLY D 184 22.39 -35.68 -11.89
CA GLY D 184 21.42 -35.97 -10.85
C GLY D 184 21.81 -37.22 -10.10
N ASP D 185 22.26 -38.24 -10.85
CA ASP D 185 22.69 -39.50 -10.24
C ASP D 185 23.90 -39.30 -9.32
N LEU D 186 24.85 -38.46 -9.76
CA LEU D 186 26.04 -38.17 -8.98
C LEU D 186 25.64 -37.53 -7.65
N LEU D 187 24.74 -36.55 -7.72
CA LEU D 187 24.27 -35.88 -6.51
C LEU D 187 23.57 -36.84 -5.57
N GLU D 188 22.71 -37.70 -6.11
CA GLU D 188 22.03 -38.70 -5.28
C GLU D 188 23.04 -39.54 -4.53
N GLU D 189 24.13 -39.92 -5.19
CA GLU D 189 25.14 -40.72 -4.53
C GLU D 189 25.81 -39.95 -3.38
N ILE D 190 26.08 -38.66 -3.60
CA ILE D 190 26.69 -37.83 -2.55
C ILE D 190 25.80 -37.78 -1.31
N TYR D 191 24.50 -37.70 -1.51
CA TYR D 191 23.57 -37.47 -0.42
C TYR D 191 22.80 -38.70 0.07
N ARG D 192 23.13 -39.87 -0.48
CA ARG D 192 22.38 -41.09 -0.14
C ARG D 192 22.32 -41.43 1.35
N GLU D 193 23.40 -41.18 2.08
CA GLU D 193 23.47 -41.55 3.51
C GLU D 193 22.65 -40.67 4.44
N LEU D 194 22.12 -39.57 3.91
CA LEU D 194 21.31 -38.67 4.72
C LEU D 194 19.89 -39.21 4.94
N ASP D 195 19.37 -39.06 6.16
CA ASP D 195 18.03 -39.53 6.50
C ASP D 195 16.97 -38.50 6.09
N ALA D 196 16.71 -38.42 4.78
CA ALA D 196 15.76 -37.45 4.23
C ALA D 196 15.39 -37.81 2.80
N PRO D 197 14.27 -37.33 2.31
CA PRO D 197 13.87 -37.59 0.92
C PRO D 197 14.80 -36.91 -0.06
N ILE D 198 14.93 -37.49 -1.26
CA ILE D 198 15.66 -36.89 -2.36
C ILE D 198 14.59 -36.55 -3.39
N ILE D 199 14.54 -35.29 -3.77
CA ILE D 199 13.51 -34.79 -4.65
C ILE D 199 14.19 -34.26 -5.91
N ARG D 200 13.84 -34.86 -7.05
CA ARG D 200 14.43 -34.49 -8.33
C ARG D 200 13.38 -33.76 -9.19
N LYS D 201 13.76 -32.57 -9.65
CA LYS D 201 12.90 -31.72 -10.44
C LYS D 201 13.73 -31.08 -11.53
N THR D 202 13.09 -30.31 -12.41
CA THR D 202 13.84 -29.57 -13.39
C THR D 202 14.60 -28.46 -12.65
N VAL D 203 15.61 -27.95 -13.34
CA VAL D 203 16.43 -26.86 -12.83
C VAL D 203 15.57 -25.66 -12.39
N GLU D 204 14.68 -25.20 -13.26
CA GLU D 204 13.86 -24.02 -12.93
C GLU D 204 12.91 -24.26 -11.75
N VAL D 205 12.35 -25.45 -11.64
CA VAL D 205 11.49 -25.78 -10.49
C VAL D 205 12.35 -25.74 -9.21
N ALA D 206 13.55 -26.32 -9.26
CA ALA D 206 14.46 -26.31 -8.10
C ALA D 206 14.81 -24.88 -7.68
N GLU D 207 15.12 -24.04 -8.66
CA GLU D 207 15.40 -22.61 -8.42
C GLU D 207 14.21 -21.94 -7.71
N MET D 208 13.00 -22.16 -8.22
CA MET D 208 11.81 -21.59 -7.61
C MET D 208 11.54 -22.13 -6.20
N ILE D 209 11.76 -23.44 -6.00
CA ILE D 209 11.59 -24.05 -4.69
C ILE D 209 12.42 -23.35 -3.63
N LYS D 210 13.69 -23.07 -3.92
CA LYS D 210 14.56 -22.39 -2.95
C LYS D 210 14.01 -21.01 -2.55
N TYR D 211 13.66 -20.17 -3.53
CA TYR D 211 13.08 -18.86 -3.20
C TYR D 211 11.80 -18.99 -2.38
N THR D 212 10.97 -19.95 -2.75
CA THR D 212 9.69 -20.12 -2.08
C THR D 212 9.91 -20.50 -0.61
N CYS D 213 10.88 -21.38 -0.34
CA CYS D 213 11.21 -21.75 1.03
C CYS D 213 11.61 -20.52 1.82
N ASN D 214 12.54 -19.71 1.29
CA ASN D 214 13.00 -18.55 2.05
C ASN D 214 11.91 -17.47 2.24
N VAL D 215 11.12 -17.20 1.22
CA VAL D 215 10.06 -16.21 1.33
C VAL D 215 8.97 -16.73 2.29
N TRP D 216 8.73 -18.04 2.28
CA TRP D 216 7.80 -18.64 3.25
C TRP D 216 8.29 -18.40 4.68
N HIS D 217 9.59 -18.64 4.92
CA HIS D 217 10.16 -18.40 6.25
C HIS D 217 9.94 -16.96 6.67
N ALA D 218 10.17 -16.01 5.76
CA ALA D 218 9.94 -14.59 6.03
C ALA D 218 8.46 -14.29 6.30
N ALA D 219 7.58 -14.93 5.55
CA ALA D 219 6.13 -14.76 5.76
C ALA D 219 5.70 -15.28 7.14
N LYS D 220 6.28 -16.40 7.56
CA LYS D 220 5.97 -16.98 8.86
C LYS D 220 6.35 -16.01 9.98
N VAL D 221 7.57 -15.49 9.92
CA VAL D 221 8.05 -14.55 10.91
C VAL D 221 7.15 -13.32 10.95
N THR D 222 6.85 -12.78 9.77
CA THR D 222 6.04 -11.57 9.68
C THR D 222 4.63 -11.80 10.27
N PHE D 223 4.02 -12.94 9.97
CA PHE D 223 2.72 -13.29 10.50
C PHE D 223 2.75 -13.33 12.03
N ALA D 224 3.72 -14.06 12.56
CA ALA D 224 3.89 -14.18 14.00
C ALA D 224 4.06 -12.80 14.66
N ASN D 225 4.87 -11.93 14.07
CA ASN D 225 5.09 -10.58 14.61
C ASN D 225 3.84 -9.72 14.60
N GLU D 226 3.10 -9.74 13.49
CA GLU D 226 1.89 -8.91 13.36
C GLU D 226 0.82 -9.37 14.35
N ILE D 227 0.62 -10.69 14.45
CA ILE D 227 -0.30 -11.25 15.41
C ILE D 227 0.14 -10.89 16.83
N GLY D 228 1.43 -11.09 17.10
CA GLY D 228 2.05 -10.75 18.37
C GLY D 228 1.76 -9.31 18.75
N ASN D 229 1.91 -8.41 17.78
CA ASN D 229 1.67 -7.00 18.03
C ASN D 229 0.20 -6.76 18.42
N ILE D 230 -0.71 -7.40 17.70
CA ILE D 230 -2.13 -7.25 17.98
C ILE D 230 -2.42 -7.80 19.38
N ALA D 231 -1.85 -8.97 19.67
CA ALA D 231 -2.05 -9.62 20.94
C ALA D 231 -1.67 -8.71 22.08
N LYS D 232 -0.48 -8.12 22.01
CA LYS D 232 0.01 -7.23 23.04
C LYS D 232 -0.95 -6.04 23.22
N ALA D 233 -1.47 -5.50 22.12
CA ALA D 233 -2.35 -4.34 22.18
C ALA D 233 -3.70 -4.70 22.81
N VAL D 234 -4.10 -5.96 22.65
CA VAL D 234 -5.32 -6.48 23.25
C VAL D 234 -5.14 -6.80 24.74
N GLY D 235 -3.90 -6.93 25.19
CA GLY D 235 -3.60 -7.24 26.58
C GLY D 235 -3.26 -8.70 26.86
N VAL D 236 -2.81 -9.44 25.85
CA VAL D 236 -2.44 -10.85 26.06
C VAL D 236 -1.04 -11.15 25.53
N ASP D 237 -0.55 -12.35 25.83
CA ASP D 237 0.78 -12.78 25.44
C ASP D 237 0.73 -13.38 24.04
N GLY D 238 1.30 -12.66 23.08
CA GLY D 238 1.33 -13.14 21.70
C GLY D 238 1.95 -14.52 21.56
N ARG D 239 2.92 -14.82 22.42
CA ARG D 239 3.58 -16.13 22.40
C ARG D 239 2.65 -17.25 22.81
N GLU D 240 1.76 -16.95 23.75
CA GLU D 240 0.80 -17.94 24.24
C GLU D 240 -0.16 -18.28 23.09
N VAL D 241 -0.56 -17.26 22.35
CA VAL D 241 -1.44 -17.45 21.20
C VAL D 241 -0.77 -18.30 20.13
N MET D 242 0.44 -17.92 19.70
CA MET D 242 1.12 -18.65 18.66
C MET D 242 1.47 -20.08 19.09
N ASP D 243 1.78 -20.29 20.36
CA ASP D 243 2.08 -21.63 20.88
C ASP D 243 0.89 -22.54 20.63
N VAL D 244 -0.31 -22.05 20.90
CA VAL D 244 -1.51 -22.83 20.66
C VAL D 244 -1.72 -23.08 19.16
N ILE D 245 -1.52 -22.05 18.32
CA ILE D 245 -1.66 -22.22 16.88
C ILE D 245 -0.78 -23.36 16.40
N CYS D 246 0.40 -23.46 17.01
CA CYS D 246 1.40 -24.44 16.61
C CYS D 246 1.13 -25.86 17.14
N GLN D 247 0.11 -26.03 17.98
CA GLN D 247 -0.29 -27.36 18.44
C GLN D 247 -1.22 -28.05 17.42
N ASP D 248 -1.67 -27.30 16.42
CA ASP D 248 -2.58 -27.83 15.41
C ASP D 248 -1.83 -28.27 14.14
N HIS D 249 -1.61 -29.57 14.05
CA HIS D 249 -0.93 -30.17 12.91
C HIS D 249 -1.91 -30.67 11.86
N LYS D 250 -3.20 -30.39 12.04
CA LYS D 250 -4.22 -30.81 11.07
C LYS D 250 -4.43 -29.73 9.99
N LEU D 251 -4.59 -28.48 10.43
CA LEU D 251 -4.83 -27.35 9.55
C LEU D 251 -3.68 -26.33 9.56
N ASN D 252 -3.29 -25.87 10.73
CA ASN D 252 -2.27 -24.83 10.85
C ASN D 252 -0.91 -25.23 10.31
N LEU D 253 -0.37 -26.33 10.82
CA LEU D 253 0.95 -26.78 10.40
C LEU D 253 0.92 -27.98 9.45
N SER D 254 -0.12 -28.08 8.65
CA SER D 254 -0.20 -29.12 7.62
C SER D 254 -0.12 -28.47 6.23
N ARG D 255 -0.19 -29.31 5.22
CA ARG D 255 -0.24 -28.86 3.85
C ARG D 255 -1.61 -28.25 3.46
N TYR D 256 -2.65 -28.39 4.30
CA TYR D 256 -3.93 -27.80 3.94
C TYR D 256 -3.77 -26.27 3.79
N TYR D 257 -4.45 -25.70 2.79
CA TYR D 257 -4.41 -24.28 2.42
C TYR D 257 -3.20 -23.90 1.53
N MET D 258 -2.27 -24.84 1.31
CA MET D 258 -1.00 -24.51 0.64
C MET D 258 -0.94 -24.84 -0.84
N ARG D 259 -2.11 -25.07 -1.45
CA ARG D 259 -2.19 -25.35 -2.87
C ARG D 259 -2.50 -24.07 -3.63
N PRO D 260 -1.70 -23.74 -4.63
CA PRO D 260 -1.99 -22.55 -5.42
C PRO D 260 -3.30 -22.76 -6.15
N GLY D 261 -4.12 -21.72 -6.23
CA GLY D 261 -5.38 -21.82 -6.95
C GLY D 261 -6.14 -20.53 -6.89
N PHE D 262 -7.39 -20.62 -6.44
CA PHE D 262 -8.27 -19.47 -6.46
C PHE D 262 -8.37 -18.75 -5.11
N ALA D 263 -9.04 -17.62 -5.14
CA ALA D 263 -9.28 -16.81 -3.96
C ALA D 263 -9.97 -17.62 -2.86
N PHE D 264 -9.75 -17.24 -1.61
CA PHE D 264 -10.50 -17.83 -0.51
C PHE D 264 -11.83 -17.10 -0.38
N GLY D 265 -12.80 -17.77 0.23
CA GLY D 265 -14.12 -17.19 0.37
C GLY D 265 -14.87 -17.93 1.44
N GLY D 266 -16.19 -17.89 1.38
CA GLY D 266 -16.96 -18.53 2.40
C GLY D 266 -17.36 -17.54 3.48
N SER D 267 -18.09 -18.09 4.44
CA SER D 267 -18.73 -17.37 5.51
C SER D 267 -17.85 -16.91 6.68
N CYS D 268 -16.59 -17.31 6.70
CA CYS D 268 -15.74 -16.99 7.85
C CYS D 268 -14.38 -16.39 7.58
N LEU D 269 -13.60 -16.90 6.64
CA LEU D 269 -12.25 -16.34 6.47
C LEU D 269 -12.28 -14.84 6.13
N PRO D 270 -13.01 -14.42 5.10
CA PRO D 270 -13.07 -12.99 4.78
C PRO D 270 -13.55 -12.12 5.95
N LYS D 271 -14.66 -12.45 6.61
CA LYS D 271 -15.13 -11.59 7.69
C LYS D 271 -14.18 -11.58 8.88
N ASP D 272 -13.53 -12.71 9.18
CA ASP D 272 -12.62 -12.75 10.33
C ASP D 272 -11.32 -11.97 10.05
N VAL D 273 -10.82 -12.05 8.82
CA VAL D 273 -9.68 -11.23 8.39
C VAL D 273 -10.07 -9.74 8.52
N ARG D 274 -11.25 -9.39 8.01
CA ARG D 274 -11.73 -8.00 8.07
C ARG D 274 -11.85 -7.51 9.51
N ALA D 275 -12.42 -8.34 10.38
CA ALA D 275 -12.63 -7.94 11.79
C ALA D 275 -11.31 -7.76 12.54
N LEU D 276 -10.41 -8.71 12.37
CA LEU D 276 -9.16 -8.64 13.12
C LEU D 276 -8.33 -7.43 12.67
N THR D 277 -8.33 -7.16 11.36
CA THR D 277 -7.57 -6.04 10.83
C THR D 277 -8.24 -4.73 11.21
N TYR D 278 -9.58 -4.73 11.26
CA TYR D 278 -10.31 -3.55 11.72
C TYR D 278 -9.91 -3.22 13.17
N ARG D 279 -9.93 -4.23 14.04
CA ARG D 279 -9.53 -4.03 15.43
C ARG D 279 -8.09 -3.56 15.55
N ALA D 280 -7.19 -4.18 14.80
CA ALA D 280 -5.79 -3.79 14.82
C ALA D 280 -5.66 -2.30 14.51
N SER D 281 -6.37 -1.85 13.50
CA SER D 281 -6.37 -0.44 13.11
C SER D 281 -6.85 0.45 14.26
N GLN D 282 -7.96 0.08 14.89
CA GLN D 282 -8.49 0.82 16.04
C GLN D 282 -7.45 0.94 17.16
N LEU D 283 -6.62 -0.08 17.31
CA LEU D 283 -5.60 -0.14 18.35
C LEU D 283 -4.27 0.45 17.90
N ASP D 284 -4.23 1.12 16.74
CA ASP D 284 -3.01 1.74 16.20
C ASP D 284 -1.87 0.73 15.93
N VAL D 285 -2.23 -0.50 15.60
CA VAL D 285 -1.25 -1.51 15.28
C VAL D 285 -1.20 -1.65 13.77
N GLU D 286 -0.13 -1.13 13.18
CA GLU D 286 0.08 -1.26 11.74
C GLU D 286 0.27 -2.75 11.43
N HIS D 287 -0.21 -3.19 10.27
CA HIS D 287 -0.21 -4.61 9.94
C HIS D 287 -0.17 -4.78 8.42
N PRO D 288 0.93 -4.36 7.78
CA PRO D 288 1.04 -4.45 6.32
C PRO D 288 0.70 -5.81 5.71
N MET D 289 1.19 -6.90 6.28
CA MET D 289 0.93 -8.22 5.71
C MET D 289 -0.53 -8.62 5.88
N LEU D 290 -1.02 -8.59 7.11
CA LEU D 290 -2.42 -8.97 7.33
C LEU D 290 -3.36 -8.07 6.54
N GLY D 291 -2.98 -6.80 6.37
CA GLY D 291 -3.80 -5.84 5.67
C GLY D 291 -3.75 -5.94 4.16
N SER D 292 -2.92 -6.84 3.65
CA SER D 292 -2.77 -7.06 2.21
C SER D 292 -3.60 -8.25 1.70
N LEU D 293 -4.06 -9.09 2.61
CA LEU D 293 -4.70 -10.33 2.23
C LEU D 293 -5.93 -10.15 1.36
N MET D 294 -6.84 -9.26 1.75
CA MET D 294 -8.09 -9.13 0.99
C MET D 294 -7.84 -8.59 -0.42
N ARG D 295 -6.87 -7.66 -0.57
CA ARG D 295 -6.55 -7.12 -1.89
C ARG D 295 -5.94 -8.21 -2.78
N SER D 296 -5.01 -8.98 -2.22
CA SER D 296 -4.42 -10.09 -2.95
C SER D 296 -5.52 -11.03 -3.41
N ASN D 297 -6.45 -11.29 -2.51
CA ASN D 297 -7.55 -12.21 -2.75
C ASN D 297 -8.43 -11.74 -3.91
N SER D 298 -8.80 -10.47 -3.87
CA SER D 298 -9.57 -9.86 -4.95
C SER D 298 -8.80 -9.86 -6.26
N ASN D 299 -7.49 -9.66 -6.19
CA ASN D 299 -6.65 -9.73 -7.38
C ASN D 299 -6.74 -11.12 -8.03
N GLN D 300 -6.86 -12.16 -7.22
CA GLN D 300 -6.93 -13.52 -7.76
C GLN D 300 -8.23 -13.73 -8.52
N VAL D 301 -9.29 -13.06 -8.07
CA VAL D 301 -10.57 -13.15 -8.76
C VAL D 301 -10.42 -12.45 -10.11
N GLN D 302 -9.82 -11.26 -10.11
CA GLN D 302 -9.55 -10.55 -11.35
C GLN D 302 -8.69 -11.39 -12.31
N LYS D 303 -7.70 -12.09 -11.78
CA LYS D 303 -6.81 -12.91 -12.60
C LYS D 303 -7.62 -13.98 -13.34
N ALA D 304 -8.51 -14.66 -12.62
CA ALA D 304 -9.37 -15.67 -13.25
C ALA D 304 -10.24 -15.06 -14.33
N PHE D 305 -10.81 -13.90 -14.03
CA PHE D 305 -11.66 -13.20 -14.98
C PHE D 305 -10.90 -12.91 -16.28
N ASP D 306 -9.69 -12.39 -16.14
CA ASP D 306 -8.84 -12.05 -17.28
C ASP D 306 -8.54 -13.28 -18.13
N LEU D 307 -8.34 -14.43 -17.50
CA LEU D 307 -8.05 -15.64 -18.25
C LEU D 307 -9.26 -16.07 -19.05
N ILE D 308 -10.42 -16.01 -18.42
CA ILE D 308 -11.66 -16.39 -19.06
C ILE D 308 -12.01 -15.49 -20.24
N THR D 309 -11.90 -14.18 -20.05
CA THR D 309 -12.27 -13.22 -21.09
C THR D 309 -11.23 -13.07 -22.21
N SER D 310 -10.08 -13.74 -22.09
CA SER D 310 -8.99 -13.63 -23.06
C SER D 310 -9.26 -14.44 -24.31
N HIS D 311 -10.24 -15.32 -24.23
CA HIS D 311 -10.61 -16.08 -25.39
C HIS D 311 -11.68 -15.24 -26.06
N ASP D 312 -11.86 -15.44 -27.35
CA ASP D 312 -12.79 -14.63 -28.12
C ASP D 312 -14.18 -15.26 -28.21
N THR D 313 -14.78 -15.55 -27.06
CA THR D 313 -16.12 -16.14 -27.01
C THR D 313 -16.88 -15.68 -25.78
N ARG D 314 -18.20 -15.65 -25.88
CA ARG D 314 -19.05 -15.22 -24.78
C ARG D 314 -19.68 -16.39 -24.02
N LYS D 315 -19.52 -17.60 -24.53
CA LYS D 315 -20.20 -18.75 -23.93
C LYS D 315 -19.32 -19.42 -22.89
N VAL D 316 -19.62 -19.11 -21.64
CA VAL D 316 -18.86 -19.60 -20.51
C VAL D 316 -19.70 -20.51 -19.62
N GLY D 317 -19.13 -21.67 -19.29
CA GLY D 317 -19.73 -22.61 -18.37
C GLY D 317 -18.92 -22.65 -17.08
N LEU D 318 -19.55 -22.30 -15.96
CA LEU D 318 -18.92 -22.29 -14.65
C LEU D 318 -19.25 -23.56 -13.89
N LEU D 319 -18.22 -24.34 -13.56
CA LEU D 319 -18.41 -25.60 -12.85
C LEU D 319 -18.06 -25.33 -11.40
N GLY D 320 -19.11 -25.24 -10.59
CA GLY D 320 -19.01 -24.91 -9.17
C GLY D 320 -19.45 -23.48 -8.93
N LEU D 321 -20.30 -23.28 -7.91
CA LEU D 321 -20.79 -21.96 -7.56
C LEU D 321 -20.66 -21.67 -6.06
N SER D 322 -21.01 -22.63 -5.22
CA SER D 322 -20.80 -22.48 -3.79
C SER D 322 -19.30 -22.39 -3.51
N PHE D 323 -18.91 -21.95 -2.32
CA PHE D 323 -17.49 -21.68 -2.08
C PHE D 323 -16.59 -22.92 -2.03
N LYS D 324 -17.18 -24.08 -1.79
CA LYS D 324 -16.45 -25.35 -1.74
C LYS D 324 -17.29 -26.47 -2.28
N ALA D 325 -16.66 -27.46 -2.88
CA ALA D 325 -17.35 -28.68 -3.22
C ALA D 325 -17.94 -29.29 -1.94
N GLY D 326 -19.09 -29.93 -2.06
CA GLY D 326 -19.70 -30.62 -0.93
C GLY D 326 -20.50 -29.79 0.05
N THR D 327 -20.67 -28.52 -0.23
CA THR D 327 -21.53 -27.65 0.57
C THR D 327 -22.32 -26.78 -0.40
N ASP D 328 -23.45 -26.26 0.07
CA ASP D 328 -24.26 -25.35 -0.72
C ASP D 328 -24.05 -23.88 -0.34
N ASP D 329 -23.18 -23.63 0.63
CA ASP D 329 -22.98 -22.27 1.14
C ASP D 329 -22.43 -21.33 0.06
N LEU D 330 -23.20 -20.28 -0.23
CA LEU D 330 -22.85 -19.30 -1.26
C LEU D 330 -22.25 -18.02 -0.68
N ARG D 331 -22.18 -17.93 0.64
CA ARG D 331 -21.72 -16.71 1.29
C ARG D 331 -20.29 -16.36 0.91
N GLU D 332 -20.15 -15.15 0.35
CA GLU D 332 -18.89 -14.65 -0.16
C GLU D 332 -18.12 -15.68 -0.96
N SER D 333 -18.84 -16.42 -1.79
CA SER D 333 -18.20 -17.34 -2.70
C SER D 333 -17.51 -16.54 -3.81
N PRO D 334 -16.22 -16.78 -4.02
CA PRO D 334 -15.49 -16.11 -5.10
C PRO D 334 -16.04 -16.48 -6.49
N LEU D 335 -16.70 -17.65 -6.57
CA LEU D 335 -17.29 -18.11 -7.81
C LEU D 335 -18.55 -17.31 -8.14
N VAL D 336 -19.31 -16.93 -7.12
CA VAL D 336 -20.43 -16.03 -7.32
C VAL D 336 -19.88 -14.66 -7.79
N GLU D 337 -18.82 -14.16 -7.15
CA GLU D 337 -18.23 -12.87 -7.55
C GLU D 337 -17.81 -12.93 -9.01
N LEU D 338 -17.15 -14.02 -9.40
CA LEU D 338 -16.71 -14.19 -10.77
C LEU D 338 -17.90 -14.23 -11.73
N ALA D 339 -18.93 -14.97 -11.36
CA ALA D 339 -20.15 -15.03 -12.15
C ALA D 339 -20.71 -13.64 -12.41
N GLU D 340 -20.79 -12.84 -11.36
CA GLU D 340 -21.35 -11.49 -11.47
C GLU D 340 -20.48 -10.62 -12.38
N MET D 341 -19.18 -10.76 -12.29
CA MET D 341 -18.28 -10.02 -13.18
C MET D 341 -18.58 -10.38 -14.63
N LEU D 342 -18.77 -11.67 -14.88
CA LEU D 342 -19.07 -12.16 -16.22
C LEU D 342 -20.41 -11.64 -16.71
N ILE D 343 -21.44 -11.70 -15.87
CA ILE D 343 -22.75 -11.20 -16.23
C ILE D 343 -22.68 -9.70 -16.55
N GLY D 344 -21.95 -8.98 -15.72
CA GLY D 344 -21.78 -7.54 -15.87
C GLY D 344 -21.10 -7.17 -17.18
N LYS D 345 -20.31 -8.07 -17.74
CA LYS D 345 -19.66 -7.79 -19.02
C LYS D 345 -20.36 -8.37 -20.22
N GLY D 346 -21.55 -8.95 -20.02
CA GLY D 346 -22.36 -9.43 -21.12
C GLY D 346 -22.11 -10.87 -21.55
N TYR D 347 -21.41 -11.64 -20.72
CA TYR D 347 -21.14 -13.03 -21.08
C TYR D 347 -22.40 -13.90 -21.00
N GLU D 348 -22.42 -14.96 -21.81
CA GLU D 348 -23.52 -15.93 -21.83
C GLU D 348 -23.11 -17.06 -20.88
N LEU D 349 -23.56 -16.94 -19.64
CA LEU D 349 -23.12 -17.84 -18.59
C LEU D 349 -24.09 -18.97 -18.27
N ARG D 350 -23.55 -20.17 -18.14
CA ARG D 350 -24.30 -21.33 -17.66
C ARG D 350 -23.52 -21.85 -16.46
N ILE D 351 -24.22 -22.22 -15.40
CA ILE D 351 -23.58 -22.62 -14.16
C ILE D 351 -24.02 -23.99 -13.72
N PHE D 352 -23.08 -24.83 -13.27
CA PHE D 352 -23.42 -26.12 -12.71
C PHE D 352 -22.94 -26.19 -11.29
N ASP D 353 -23.86 -26.49 -10.38
CA ASP D 353 -23.51 -26.77 -8.99
C ASP D 353 -24.61 -27.68 -8.39
N ARG D 354 -24.29 -28.97 -8.22
CA ARG D 354 -25.30 -29.92 -7.72
C ARG D 354 -25.73 -29.65 -6.28
N ASN D 355 -24.85 -29.06 -5.48
CA ASN D 355 -25.19 -28.75 -4.09
C ASN D 355 -26.15 -27.57 -4.00
N VAL D 356 -25.87 -26.51 -4.74
CA VAL D 356 -26.79 -25.37 -4.76
C VAL D 356 -28.13 -25.79 -5.39
N GLU D 357 -28.07 -26.59 -6.44
CA GLU D 357 -29.29 -27.06 -7.11
C GLU D 357 -30.18 -27.84 -6.13
N TYR D 358 -29.55 -28.74 -5.38
CA TYR D 358 -30.25 -29.52 -4.36
C TYR D 358 -30.87 -28.58 -3.32
N ALA D 359 -30.10 -27.57 -2.90
CA ALA D 359 -30.55 -26.58 -1.93
C ALA D 359 -31.76 -25.74 -2.38
N ARG D 360 -31.99 -25.63 -3.68
CA ARG D 360 -33.16 -24.90 -4.16
C ARG D 360 -34.45 -25.62 -3.80
N VAL D 361 -34.37 -26.92 -3.58
CA VAL D 361 -35.57 -27.70 -3.24
C VAL D 361 -35.56 -28.24 -1.80
N HIS D 362 -34.39 -28.50 -1.22
CA HIS D 362 -34.30 -29.01 0.15
C HIS D 362 -33.43 -28.08 0.97
N GLY D 363 -33.91 -27.65 2.13
CA GLY D 363 -33.09 -26.78 2.97
C GLY D 363 -33.70 -25.43 3.25
N ALA D 364 -32.96 -24.59 3.98
CA ALA D 364 -33.50 -23.33 4.48
C ALA D 364 -32.91 -22.08 3.85
N ASN D 365 -32.22 -22.24 2.73
CA ASN D 365 -31.61 -21.10 2.06
C ASN D 365 -32.34 -20.76 0.76
N LYS D 366 -33.58 -21.21 0.58
CA LYS D 366 -34.27 -20.98 -0.68
C LYS D 366 -34.48 -19.51 -0.96
N GLU D 367 -34.83 -18.77 0.09
CA GLU D 367 -35.11 -17.35 -0.03
C GLU D 367 -33.93 -16.56 -0.53
N TYR D 368 -32.73 -17.02 -0.18
CA TYR D 368 -31.52 -16.35 -0.63
C TYR D 368 -31.29 -16.64 -2.12
N ILE D 369 -31.23 -17.92 -2.46
CA ILE D 369 -31.01 -18.37 -3.84
C ILE D 369 -32.02 -17.81 -4.86
N GLU D 370 -33.28 -17.63 -4.46
CA GLU D 370 -34.33 -17.20 -5.39
C GLU D 370 -34.64 -15.70 -5.41
N SER D 371 -34.19 -14.96 -4.41
CA SER D 371 -34.49 -13.52 -4.34
C SER D 371 -33.28 -12.62 -4.13
N LYS D 372 -32.27 -13.10 -3.41
CA LYS D 372 -31.03 -12.36 -3.18
C LYS D 372 -30.13 -12.35 -4.41
N ILE D 373 -29.94 -13.53 -5.03
CA ILE D 373 -29.11 -13.65 -6.23
C ILE D 373 -29.84 -14.32 -7.40
N PRO D 374 -31.04 -13.85 -7.74
CA PRO D 374 -31.81 -14.45 -8.85
C PRO D 374 -31.13 -14.36 -10.21
N HIS D 375 -30.34 -13.31 -10.40
CA HIS D 375 -29.62 -13.10 -11.66
C HIS D 375 -28.51 -14.15 -11.86
N VAL D 376 -28.08 -14.78 -10.77
CA VAL D 376 -27.07 -15.84 -10.85
C VAL D 376 -27.74 -17.22 -10.79
N SER D 377 -28.67 -17.40 -9.85
CA SER D 377 -29.32 -18.70 -9.67
C SER D 377 -30.14 -19.14 -10.89
N SER D 378 -30.72 -18.17 -11.60
CA SER D 378 -31.48 -18.46 -12.81
C SER D 378 -30.61 -19.02 -13.94
N LEU D 379 -29.29 -18.91 -13.78
CA LEU D 379 -28.35 -19.39 -14.79
C LEU D 379 -27.88 -20.81 -14.46
N LEU D 380 -28.38 -21.36 -13.36
CA LEU D 380 -28.05 -22.73 -12.98
C LEU D 380 -28.65 -23.71 -13.99
N VAL D 381 -27.87 -24.72 -14.35
CA VAL D 381 -28.29 -25.76 -15.28
C VAL D 381 -28.09 -27.09 -14.54
N SER D 382 -29.15 -27.90 -14.46
CA SER D 382 -29.16 -29.13 -13.66
C SER D 382 -28.28 -30.27 -14.19
N ASP D 383 -28.00 -30.24 -15.50
CA ASP D 383 -27.28 -31.30 -16.19
C ASP D 383 -25.88 -30.87 -16.60
N LEU D 384 -24.88 -31.49 -15.99
CA LEU D 384 -23.49 -31.17 -16.28
C LEU D 384 -23.15 -31.29 -17.76
N ASP D 385 -23.59 -32.37 -18.41
CA ASP D 385 -23.31 -32.59 -19.84
C ASP D 385 -23.83 -31.42 -20.68
N GLU D 386 -24.96 -30.85 -20.28
CA GLU D 386 -25.54 -29.73 -21.02
C GLU D 386 -24.69 -28.47 -20.90
N VAL D 387 -24.18 -28.20 -19.71
CA VAL D 387 -23.32 -27.04 -19.50
C VAL D 387 -22.09 -27.19 -20.37
N VAL D 388 -21.54 -28.40 -20.39
CA VAL D 388 -20.36 -28.68 -21.21
C VAL D 388 -20.65 -28.51 -22.70
N ALA D 389 -21.75 -29.09 -23.14
CA ALA D 389 -22.12 -29.08 -24.55
C ALA D 389 -22.31 -27.68 -25.08
N SER D 390 -23.02 -26.86 -24.30
CA SER D 390 -23.42 -25.54 -24.76
C SER D 390 -22.44 -24.40 -24.49
N SER D 391 -21.35 -24.67 -23.79
CA SER D 391 -20.34 -23.65 -23.47
C SER D 391 -19.05 -23.84 -24.29
N ASP D 392 -18.31 -22.76 -24.57
CA ASP D 392 -17.02 -22.85 -25.26
C ASP D 392 -15.85 -22.87 -24.28
N VAL D 393 -15.98 -22.11 -23.20
CA VAL D 393 -14.96 -22.04 -22.18
C VAL D 393 -15.54 -22.64 -20.90
N LEU D 394 -14.86 -23.62 -20.31
CA LEU D 394 -15.32 -24.25 -19.07
C LEU D 394 -14.38 -23.93 -17.92
N VAL D 395 -14.96 -23.40 -16.84
CA VAL D 395 -14.20 -22.94 -15.67
C VAL D 395 -14.37 -23.93 -14.53
N LEU D 396 -13.26 -24.55 -14.13
CA LEU D 396 -13.25 -25.52 -13.05
C LEU D 396 -13.07 -24.67 -11.80
N GLY D 397 -14.18 -24.41 -11.10
CA GLY D 397 -14.20 -23.49 -9.96
C GLY D 397 -13.99 -24.07 -8.58
N ASN D 398 -14.49 -25.28 -8.34
CA ASN D 398 -14.26 -25.92 -7.04
C ASN D 398 -14.03 -27.42 -7.21
N GLY D 399 -13.74 -28.10 -6.10
CA GLY D 399 -13.21 -29.46 -6.16
C GLY D 399 -14.16 -30.63 -6.25
N ASP D 400 -15.18 -30.53 -7.09
CA ASP D 400 -16.14 -31.61 -7.24
C ASP D 400 -15.52 -32.72 -8.07
N GLU D 401 -15.53 -33.95 -7.55
CA GLU D 401 -14.95 -35.09 -8.28
C GLU D 401 -15.67 -35.37 -9.62
N LEU D 402 -16.89 -34.84 -9.77
CA LEU D 402 -17.63 -34.98 -11.02
C LEU D 402 -16.95 -34.28 -12.21
N PHE D 403 -16.07 -33.32 -11.92
CA PHE D 403 -15.37 -32.57 -12.97
C PHE D 403 -14.11 -33.27 -13.51
N VAL D 404 -13.67 -34.33 -12.82
CA VAL D 404 -12.46 -35.06 -13.24
C VAL D 404 -12.57 -35.62 -14.67
N ASP D 405 -13.69 -36.28 -14.98
CA ASP D 405 -13.90 -36.90 -16.29
C ASP D 405 -13.77 -35.88 -17.42
N LEU D 406 -14.31 -34.68 -17.21
CA LEU D 406 -14.23 -33.63 -18.21
C LEU D 406 -12.77 -33.33 -18.52
N VAL D 407 -11.95 -33.24 -17.49
CA VAL D 407 -10.55 -32.89 -17.64
C VAL D 407 -9.74 -34.01 -18.30
N ASN D 408 -10.03 -35.26 -17.93
CA ASN D 408 -9.30 -36.39 -18.50
C ASN D 408 -9.73 -36.69 -19.93
N LYS D 409 -11.00 -36.41 -20.24
CA LYS D 409 -11.57 -36.66 -21.55
C LYS D 409 -12.38 -35.46 -22.01
N THR D 410 -11.69 -34.44 -22.46
CA THR D 410 -12.31 -33.18 -22.86
C THR D 410 -12.88 -33.21 -24.27
N PRO D 411 -14.18 -32.96 -24.44
CA PRO D 411 -14.75 -32.86 -25.79
C PRO D 411 -14.02 -31.80 -26.60
N SER D 412 -13.89 -32.04 -27.89
CA SER D 412 -13.21 -31.12 -28.78
C SER D 412 -13.88 -29.75 -28.81
N GLY D 413 -13.10 -28.73 -29.15
CA GLY D 413 -13.63 -27.38 -29.28
C GLY D 413 -13.90 -26.63 -27.98
N LYS D 414 -13.44 -27.16 -26.85
CA LYS D 414 -13.58 -26.45 -25.59
C LYS D 414 -12.23 -25.92 -25.10
N LYS D 415 -12.30 -24.88 -24.29
CA LYS D 415 -11.13 -24.33 -23.62
C LYS D 415 -11.40 -24.49 -22.12
N LEU D 416 -10.45 -25.05 -21.38
CA LEU D 416 -10.59 -25.20 -19.94
C LEU D 416 -9.85 -24.08 -19.24
N VAL D 417 -10.44 -23.57 -18.17
CA VAL D 417 -9.76 -22.64 -17.25
C VAL D 417 -9.83 -23.31 -15.89
N ASP D 418 -8.69 -23.82 -15.43
CA ASP D 418 -8.61 -24.60 -14.20
C ASP D 418 -8.15 -23.72 -13.04
N LEU D 419 -9.08 -23.44 -12.12
CA LEU D 419 -8.79 -22.62 -10.94
C LEU D 419 -8.43 -23.43 -9.71
N VAL D 420 -8.42 -24.76 -9.87
CA VAL D 420 -8.37 -25.66 -8.73
C VAL D 420 -7.18 -26.63 -8.73
N GLY D 421 -6.84 -27.15 -9.91
CA GLY D 421 -5.73 -28.08 -10.05
C GLY D 421 -6.11 -29.46 -10.56
N PHE D 422 -7.20 -29.56 -11.33
CA PHE D 422 -7.60 -30.82 -11.96
C PHE D 422 -6.60 -31.26 -13.04
N MET D 423 -5.97 -30.30 -13.73
CA MET D 423 -5.06 -30.60 -14.85
C MET D 423 -3.87 -31.47 -14.42
N PRO D 424 -3.55 -32.48 -15.24
CA PRO D 424 -2.44 -33.39 -14.92
C PRO D 424 -1.09 -32.71 -15.04
N HIS D 425 -1.02 -31.72 -15.92
CA HIS D 425 0.21 -31.02 -16.22
C HIS D 425 -0.02 -29.50 -16.34
N THR D 426 0.95 -28.81 -16.96
CA THR D 426 0.89 -27.37 -17.15
C THR D 426 0.00 -26.96 -18.32
N THR D 427 -0.17 -25.65 -18.48
CA THR D 427 -1.01 -25.06 -19.53
C THR D 427 -0.65 -25.49 -20.94
N THR D 428 -1.68 -25.81 -21.71
CA THR D 428 -1.56 -26.12 -23.13
C THR D 428 -2.54 -25.24 -23.87
N ALA D 429 -2.56 -25.32 -25.19
CA ALA D 429 -3.50 -24.52 -25.96
C ALA D 429 -4.96 -24.83 -25.59
N GLN D 430 -5.23 -26.02 -25.05
CA GLN D 430 -6.61 -26.43 -24.74
C GLN D 430 -7.06 -26.17 -23.31
N ALA D 431 -6.10 -26.04 -22.40
CA ALA D 431 -6.42 -25.90 -20.99
C ALA D 431 -5.37 -25.07 -20.28
N GLU D 432 -5.82 -24.11 -19.47
CA GLU D 432 -4.91 -23.22 -18.78
C GLU D 432 -5.21 -23.23 -17.29
N GLY D 433 -4.14 -23.25 -16.50
CA GLY D 433 -4.25 -23.19 -15.06
C GLY D 433 -4.01 -21.78 -14.57
N ILE D 434 -4.59 -21.44 -13.44
CA ILE D 434 -4.36 -20.11 -12.87
C ILE D 434 -2.94 -19.96 -12.32
N CYS D 435 -2.30 -21.06 -11.92
CA CYS D 435 -0.94 -21.02 -11.36
C CYS D 435 -0.03 -22.12 -11.95
N TRP D 436 -0.33 -22.55 -13.18
CA TRP D 436 0.45 -23.59 -13.85
C TRP D 436 0.13 -23.55 -15.34
#